data_3B8W
#
_entry.id   3B8W
#
_cell.length_a   148.208
_cell.length_b   148.208
_cell.length_c   163.642
_cell.angle_alpha   90.000
_cell.angle_beta   90.000
_cell.angle_gamma   120.000
#
_symmetry.space_group_name_H-M   'P 6'
#
loop_
_entity.id
_entity.type
_entity.pdbx_description
1 polymer 'Alanine racemase'
2 non-polymer 'SULFATE ION'
3 non-polymer "PYRIDOXAL-5'-PHOSPHATE"
4 water water
#
_entity_poly.entity_id   1
_entity_poly.type   'polypeptide(L)'
_entity_poly.pdbx_seq_one_letter_code
;MGSSHHHHHHSSGLVPRGSHMQAATVVINRRALRHNLQRLRELAPASKMVAVVKANAYGHGLLETARTLPDADAFGVARL
EEALRLRAGGITKPVLLLEGFFDARDLPTISAQHFHTAVHNEEQLAALEEASLDEPVTVWM(KCX)LDTGMHRLGVRPEQ
AEAFYHRLTQCKNVRQPVNIVSHFARADEPKCGATEKQLAIFNTFCEGKPGQRSIAASGGILLWPQSHFDWVRPGIILYG
VSPLPDRSTGADFGCQPVMSLTSSLIAVREHKAGEPVGYGGTWVSERDTRLGVVAMGYGDGYPRAAPSGTPVLVNGREVP
IVGRVAMDMICVDLGPQAQDKAGDPVILWGEGLPVERIAEMTKVSAYELITRLTSRVAMKYVD
;
_entity_poly.pdbx_strand_id   A,B,C,D
#
loop_
_chem_comp.id
_chem_comp.type
_chem_comp.name
_chem_comp.formula
PLP non-polymer PYRIDOXAL-5'-PHOSPHATE 'C8 H10 N O6 P'
SO4 non-polymer 'SULFATE ION' 'O4 S -2'
#
# COMPACT_ATOMS: atom_id res chain seq x y z
N MET A 21 37.88 -30.07 24.08
CA MET A 21 37.57 -28.63 24.33
C MET A 21 36.78 -27.98 23.17
N GLN A 22 36.24 -26.82 23.43
CA GLN A 22 35.55 -26.17 22.38
C GLN A 22 36.31 -24.96 21.94
N ALA A 23 36.30 -24.70 20.63
CA ALA A 23 37.09 -23.64 20.06
C ALA A 23 36.09 -22.71 19.41
N ALA A 24 36.51 -22.05 18.33
CA ALA A 24 35.66 -21.12 17.60
C ALA A 24 34.31 -21.72 17.25
N THR A 25 33.26 -21.16 17.82
CA THR A 25 31.91 -21.65 17.61
C THR A 25 30.89 -20.52 17.56
N VAL A 26 29.92 -20.66 16.67
CA VAL A 26 28.83 -19.71 16.56
C VAL A 26 27.59 -20.46 17.08
N VAL A 27 26.96 -19.94 18.13
CA VAL A 27 25.77 -20.57 18.68
C VAL A 27 24.59 -19.77 18.17
N ILE A 28 23.67 -20.45 17.51
CA ILE A 28 22.50 -19.80 16.93
C ILE A 28 21.24 -20.10 17.74
N ASN A 29 20.60 -19.06 18.27
CA ASN A 29 19.38 -19.22 19.04
C ASN A 29 18.19 -19.24 18.10
N ARG A 30 17.62 -20.41 17.88
CA ARG A 30 16.48 -20.57 16.98
C ARG A 30 15.23 -19.87 17.54
N ARG A 31 15.16 -19.79 18.86
CA ARG A 31 14.02 -19.21 19.53
C ARG A 31 13.96 -17.69 19.31
N ALA A 32 15.13 -17.07 19.34
CA ALA A 32 15.28 -15.63 19.13
C ALA A 32 14.97 -15.31 17.68
N LEU A 33 15.31 -16.23 16.79
CA LEU A 33 15.07 -16.07 15.36
C LEU A 33 13.56 -15.99 15.09
N ARG A 34 12.83 -16.96 15.62
CA ARG A 34 11.40 -16.97 15.59
C ARG A 34 10.72 -15.75 16.17
N HIS A 35 11.21 -15.31 17.30
CA HIS A 35 10.70 -14.15 18.01
C HIS A 35 10.82 -12.91 17.13
N ASN A 36 11.96 -12.76 16.47
CA ASN A 36 12.21 -11.62 15.61
C ASN A 36 11.34 -11.55 14.35
N LEU A 37 11.05 -12.69 13.75
CA LEU A 37 10.19 -12.72 12.56
C LEU A 37 8.81 -12.26 12.98
N GLN A 38 8.35 -12.76 14.13
CA GLN A 38 7.04 -12.40 14.65
C GLN A 38 7.02 -10.93 15.10
N ARG A 39 8.10 -10.49 15.73
CA ARG A 39 8.21 -9.10 16.19
C ARG A 39 8.19 -8.14 15.00
N LEU A 40 8.80 -8.55 13.89
CA LEU A 40 8.82 -7.72 12.69
C LEU A 40 7.44 -7.70 12.02
N ARG A 41 6.64 -8.75 12.22
CA ARG A 41 5.30 -8.77 11.66
C ARG A 41 4.46 -7.77 12.43
N GLU A 42 4.80 -7.51 13.68
CA GLU A 42 4.04 -6.60 14.52
C GLU A 42 4.32 -5.14 14.22
N LEU A 43 5.57 -4.88 13.98
CA LEU A 43 6.05 -3.64 13.45
C LEU A 43 5.70 -3.35 11.98
N ALA A 44 5.65 -4.37 11.14
CA ALA A 44 5.09 -4.17 9.80
C ALA A 44 3.85 -5.02 9.50
N PRO A 45 2.79 -4.74 10.23
CA PRO A 45 1.56 -5.55 10.21
C PRO A 45 0.79 -5.75 8.91
N ALA A 46 0.96 -4.86 7.93
CA ALA A 46 0.24 -5.03 6.68
C ALA A 46 1.15 -5.46 5.53
N SER A 47 2.33 -5.99 5.85
CA SER A 47 3.28 -6.39 4.82
C SER A 47 3.75 -7.83 4.97
N LYS A 48 3.93 -8.53 3.85
CA LYS A 48 4.45 -9.88 3.93
C LYS A 48 5.95 -9.83 4.15
N MET A 49 6.51 -10.96 4.55
CA MET A 49 7.90 -10.99 4.90
C MET A 49 8.84 -11.75 3.96
N VAL A 50 9.91 -11.08 3.51
CA VAL A 50 10.92 -11.73 2.68
C VAL A 50 12.15 -11.84 3.60
N ALA A 51 12.31 -12.98 4.24
CA ALA A 51 13.43 -13.21 5.13
C ALA A 51 14.70 -13.25 4.30
N VAL A 52 15.60 -12.31 4.44
CA VAL A 52 16.78 -12.26 3.60
C VAL A 52 17.92 -13.10 4.16
N VAL A 53 18.36 -14.10 3.43
CA VAL A 53 19.21 -15.15 3.96
C VAL A 53 20.43 -15.32 3.08
N LYS A 54 20.99 -14.22 2.62
CA LYS A 54 22.04 -14.23 1.67
C LYS A 54 23.30 -14.28 2.49
N ALA A 55 24.40 -14.71 1.90
CA ALA A 55 25.64 -14.86 2.59
C ALA A 55 25.68 -15.88 3.72
N ASN A 56 24.90 -16.94 3.62
CA ASN A 56 24.82 -17.91 4.68
C ASN A 56 24.02 -17.42 5.81
N ALA A 57 22.83 -16.94 5.50
CA ALA A 57 22.02 -16.23 6.45
C ALA A 57 22.80 -15.32 7.33
N TYR A 58 23.64 -14.48 6.74
CA TYR A 58 24.31 -13.47 7.48
C TYR A 58 25.31 -14.01 8.52
N GLY A 59 25.93 -15.13 8.22
CA GLY A 59 26.82 -15.85 9.09
C GLY A 59 26.15 -16.80 10.05
N HIS A 60 24.83 -16.90 9.97
CA HIS A 60 24.10 -17.77 10.88
C HIS A 60 23.79 -19.13 10.29
N GLY A 61 23.85 -19.20 8.98
CA GLY A 61 23.74 -20.43 8.23
C GLY A 61 22.46 -20.61 7.47
N LEU A 62 22.57 -20.88 6.19
CA LEU A 62 21.61 -20.46 5.21
C LEU A 62 20.43 -21.37 5.26
N LEU A 63 20.70 -22.66 5.26
CA LEU A 63 19.69 -23.66 5.42
C LEU A 63 19.09 -23.82 6.80
N GLU A 64 19.88 -23.78 7.87
CA GLU A 64 19.33 -23.79 9.21
C GLU A 64 18.46 -22.59 9.54
N THR A 65 18.84 -21.41 9.06
CA THR A 65 18.06 -20.22 9.30
C THR A 65 16.71 -20.32 8.57
N ALA A 66 16.72 -20.94 7.39
CA ALA A 66 15.48 -21.09 6.62
C ALA A 66 14.58 -22.08 7.33
N ARG A 67 15.15 -23.20 7.78
CA ARG A 67 14.38 -24.23 8.47
C ARG A 67 13.80 -23.80 9.80
N THR A 68 14.36 -22.73 10.36
CA THR A 68 13.91 -22.19 11.62
C THR A 68 12.73 -21.25 11.41
N LEU A 69 12.53 -20.81 10.18
CA LEU A 69 11.46 -19.89 9.86
C LEU A 69 10.50 -20.37 8.79
N PRO A 70 9.84 -21.51 9.02
CA PRO A 70 8.89 -22.03 8.03
C PRO A 70 7.69 -21.12 7.89
N ASP A 71 7.67 -20.07 8.68
CA ASP A 71 6.57 -19.11 8.67
C ASP A 71 6.82 -17.95 7.71
N ALA A 72 8.06 -17.83 7.23
CA ALA A 72 8.41 -16.76 6.32
C ALA A 72 7.63 -16.90 5.02
N ASP A 73 7.13 -15.76 4.54
CA ASP A 73 6.38 -15.73 3.29
C ASP A 73 7.29 -16.07 2.10
N ALA A 74 8.56 -15.68 2.21
CA ALA A 74 9.55 -15.95 1.18
C ALA A 74 10.95 -15.77 1.76
N PHE A 75 11.95 -16.19 0.98
CA PHE A 75 13.34 -16.04 1.38
C PHE A 75 14.10 -15.27 0.29
N GLY A 76 14.96 -14.36 0.70
CA GLY A 76 15.73 -13.60 -0.25
C GLY A 76 17.20 -14.01 -0.24
N VAL A 77 17.79 -14.15 -1.43
CA VAL A 77 19.19 -14.51 -1.57
C VAL A 77 19.84 -13.59 -2.61
N ALA A 78 21.16 -13.51 -2.60
CA ALA A 78 21.93 -12.68 -3.53
C ALA A 78 22.15 -13.37 -4.87
N ARG A 79 22.29 -14.66 -4.85
CA ARG A 79 22.81 -15.39 -5.98
C ARG A 79 21.97 -16.63 -6.15
N LEU A 80 21.98 -17.23 -7.33
CA LEU A 80 21.21 -18.42 -7.71
C LEU A 80 21.67 -19.67 -7.04
N GLU A 81 22.98 -19.80 -6.92
CA GLU A 81 23.63 -20.76 -6.08
C GLU A 81 23.02 -20.95 -4.69
N GLU A 82 22.69 -19.86 -4.01
CA GLU A 82 22.15 -19.87 -2.66
C GLU A 82 20.72 -20.40 -2.64
N ALA A 83 19.95 -20.03 -3.67
CA ALA A 83 18.57 -20.45 -3.78
C ALA A 83 18.51 -21.97 -4.04
N LEU A 84 19.38 -22.44 -4.93
CA LEU A 84 19.46 -23.86 -5.28
C LEU A 84 19.89 -24.68 -4.08
N ARG A 85 20.83 -24.16 -3.32
CA ARG A 85 21.22 -24.76 -2.05
C ARG A 85 20.09 -24.88 -1.03
N LEU A 86 19.13 -23.97 -1.09
CA LEU A 86 17.95 -24.01 -0.23
C LEU A 86 17.03 -25.16 -0.71
N ARG A 87 16.75 -25.21 -1.99
CA ARG A 87 15.96 -26.26 -2.61
C ARG A 87 16.57 -27.63 -2.35
N ALA A 88 17.89 -27.71 -2.31
CA ALA A 88 18.60 -28.96 -2.08
C ALA A 88 18.39 -29.44 -0.64
N GLY A 89 18.26 -28.48 0.28
CA GLY A 89 18.05 -28.81 1.68
C GLY A 89 16.61 -29.06 2.04
N GLY A 90 15.73 -28.94 1.05
CA GLY A 90 14.32 -29.19 1.30
C GLY A 90 13.45 -27.99 1.58
N ILE A 91 13.98 -26.82 1.45
CA ILE A 91 13.22 -25.61 1.49
C ILE A 91 12.32 -25.46 0.27
N THR A 92 11.07 -25.15 0.50
CA THR A 92 10.04 -25.35 -0.47
C THR A 92 9.36 -24.02 -0.84
N LYS A 93 9.49 -23.05 0.08
CA LYS A 93 8.93 -21.71 0.02
C LYS A 93 9.55 -20.85 -1.09
N PRO A 94 8.91 -19.76 -1.49
CA PRO A 94 9.32 -19.04 -2.69
C PRO A 94 10.66 -18.40 -2.31
N VAL A 95 11.60 -18.39 -3.24
CA VAL A 95 12.89 -17.78 -2.97
C VAL A 95 13.06 -16.66 -3.99
N LEU A 96 13.40 -15.48 -3.49
CA LEU A 96 13.59 -14.31 -4.33
C LEU A 96 15.04 -14.02 -4.69
N LEU A 97 15.35 -14.06 -5.97
CA LEU A 97 16.69 -13.77 -6.42
C LEU A 97 16.79 -12.24 -6.47
N LEU A 98 17.35 -11.65 -5.41
CA LEU A 98 17.47 -10.20 -5.29
C LEU A 98 18.26 -9.48 -6.38
N GLU A 99 19.19 -10.17 -7.02
CA GLU A 99 20.03 -9.57 -8.08
C GLU A 99 19.67 -10.16 -9.44
N GLY A 100 18.66 -11.01 -9.47
CA GLY A 100 18.25 -11.64 -10.71
C GLY A 100 19.17 -12.80 -11.07
N PHE A 101 19.15 -13.19 -12.34
CA PHE A 101 19.98 -14.29 -12.83
C PHE A 101 21.10 -13.74 -13.70
N PHE A 102 22.26 -14.38 -13.64
CA PHE A 102 23.42 -13.90 -14.37
C PHE A 102 23.62 -14.53 -15.74
N ASP A 103 22.86 -15.58 -16.03
CA ASP A 103 22.98 -16.24 -17.32
C ASP A 103 21.61 -16.63 -17.84
N ALA A 104 21.36 -16.35 -19.11
CA ALA A 104 20.08 -16.68 -19.73
C ALA A 104 19.78 -18.17 -19.69
N ARG A 105 20.81 -18.99 -19.68
CA ARG A 105 20.64 -20.44 -19.65
C ARG A 105 20.14 -20.93 -18.29
N ASP A 106 19.96 -20.00 -17.35
CA ASP A 106 19.46 -20.33 -16.01
C ASP A 106 17.95 -20.27 -15.91
N LEU A 107 17.30 -19.56 -16.83
CA LEU A 107 15.85 -19.43 -16.79
C LEU A 107 15.08 -20.73 -16.64
N PRO A 108 15.52 -21.79 -17.28
CA PRO A 108 14.77 -23.02 -17.17
C PRO A 108 14.77 -23.60 -15.80
N THR A 109 15.86 -23.41 -15.08
CA THR A 109 15.97 -23.86 -13.72
C THR A 109 15.15 -22.98 -12.81
N ILE A 110 15.31 -21.70 -12.95
CA ILE A 110 14.54 -20.73 -12.22
C ILE A 110 13.04 -21.00 -12.31
N SER A 111 12.58 -21.36 -13.52
CA SER A 111 11.15 -21.58 -13.80
C SER A 111 10.69 -22.86 -13.11
N ALA A 112 11.47 -23.92 -13.30
CA ALA A 112 11.21 -25.24 -12.72
C ALA A 112 11.30 -25.28 -11.18
N GLN A 113 12.23 -24.51 -10.62
CA GLN A 113 12.43 -24.43 -9.17
C GLN A 113 11.49 -23.46 -8.50
N HIS A 114 10.70 -22.76 -9.30
CA HIS A 114 9.75 -21.77 -8.80
C HIS A 114 10.45 -20.66 -8.00
N PHE A 115 11.52 -20.13 -8.58
CA PHE A 115 12.29 -19.04 -8.01
C PHE A 115 11.73 -17.76 -8.59
N HIS A 116 11.58 -16.74 -7.75
CA HIS A 116 11.08 -15.45 -8.21
C HIS A 116 12.31 -14.62 -8.47
N THR A 117 12.27 -13.79 -9.49
CA THR A 117 13.48 -13.05 -9.80
C THR A 117 13.30 -11.56 -10.02
N ALA A 118 14.39 -10.82 -9.81
CA ALA A 118 14.42 -9.40 -10.03
C ALA A 118 14.90 -9.30 -11.47
N VAL A 119 14.59 -8.21 -12.16
CA VAL A 119 15.04 -8.03 -13.54
C VAL A 119 15.52 -6.58 -13.61
N HIS A 120 16.83 -6.39 -13.81
CA HIS A 120 17.38 -5.05 -13.84
C HIS A 120 18.07 -4.62 -15.13
N ASN A 121 18.29 -5.57 -16.00
CA ASN A 121 18.95 -5.33 -17.25
C ASN A 121 18.29 -5.94 -18.49
N GLU A 122 18.86 -5.65 -19.64
CA GLU A 122 18.27 -5.95 -20.91
C GLU A 122 18.62 -7.33 -21.33
N GLU A 123 19.78 -7.76 -20.91
CA GLU A 123 20.12 -9.15 -20.94
C GLU A 123 19.05 -10.00 -20.32
N GLN A 124 18.74 -9.71 -19.09
CA GLN A 124 17.72 -10.49 -18.38
C GLN A 124 16.35 -10.40 -19.07
N LEU A 125 15.95 -9.19 -19.45
CA LEU A 125 14.66 -8.97 -20.13
C LEU A 125 14.61 -9.65 -21.49
N ALA A 126 15.61 -9.43 -22.34
CA ALA A 126 15.66 -10.02 -23.66
C ALA A 126 15.71 -11.51 -23.62
N ALA A 127 16.33 -12.05 -22.60
CA ALA A 127 16.26 -13.45 -22.34
C ALA A 127 14.88 -14.06 -22.03
N LEU A 128 14.17 -13.48 -21.08
CA LEU A 128 12.79 -13.81 -20.80
C LEU A 128 11.86 -13.68 -22.00
N GLU A 129 12.16 -12.71 -22.87
CA GLU A 129 11.43 -12.55 -24.10
C GLU A 129 11.57 -13.67 -25.11
N GLU A 130 12.75 -14.24 -25.21
CA GLU A 130 12.90 -15.32 -26.18
C GLU A 130 13.12 -16.71 -25.63
N ALA A 131 13.04 -16.86 -24.32
CA ALA A 131 13.20 -18.17 -23.71
C ALA A 131 11.95 -18.98 -24.03
N SER A 132 12.03 -20.26 -23.77
CA SER A 132 10.98 -21.23 -23.99
C SER A 132 10.86 -22.00 -22.68
N LEU A 133 9.82 -21.70 -21.94
CA LEU A 133 9.73 -22.17 -20.61
C LEU A 133 8.49 -23.02 -20.55
N ASP A 134 8.38 -23.84 -19.54
CA ASP A 134 7.28 -24.77 -19.45
C ASP A 134 6.31 -24.12 -18.51
N GLU A 135 6.80 -23.15 -17.76
CA GLU A 135 5.98 -22.33 -16.88
C GLU A 135 6.54 -20.92 -16.86
N PRO A 136 5.70 -19.93 -16.65
CA PRO A 136 6.14 -18.54 -16.61
C PRO A 136 6.81 -18.30 -15.24
N VAL A 137 7.59 -17.22 -15.09
CA VAL A 137 8.24 -16.95 -13.82
C VAL A 137 7.76 -15.64 -13.15
N THR A 138 7.66 -15.65 -11.82
CA THR A 138 7.25 -14.45 -11.10
C THR A 138 8.46 -13.51 -11.08
N VAL A 139 8.22 -12.26 -11.46
CA VAL A 139 9.28 -11.27 -11.57
C VAL A 139 9.05 -9.99 -10.77
N TRP A 140 10.14 -9.38 -10.32
CA TRP A 140 10.12 -8.10 -9.60
C TRP A 140 11.06 -7.18 -10.39
N MET A 141 10.51 -6.21 -11.10
CA MET A 141 11.34 -5.28 -11.85
C MET A 141 12.09 -4.42 -10.84
N KCX A 142 13.42 -4.43 -10.88
CA KCX A 142 14.21 -3.61 -10.02
CB KCX A 142 15.59 -4.24 -9.72
CG KCX A 142 16.36 -3.61 -8.56
CD KCX A 142 17.23 -4.59 -7.76
CE KCX A 142 17.73 -4.05 -6.38
NZ KCX A 142 19.12 -3.49 -6.45
C KCX A 142 14.30 -2.23 -10.61
O KCX A 142 14.68 -2.07 -11.74
CX KCX A 142 20.04 -3.20 -5.54
OQ1 KCX A 142 19.98 -3.34 -4.34
OQ2 KCX A 142 21.07 -2.75 -5.94
N LEU A 143 13.92 -1.24 -9.82
CA LEU A 143 13.96 0.15 -10.22
C LEU A 143 15.05 0.88 -9.42
N ASP A 144 15.90 1.63 -10.11
CA ASP A 144 16.95 2.40 -9.44
C ASP A 144 16.29 3.74 -9.06
N THR A 145 16.08 3.92 -7.76
CA THR A 145 15.45 5.13 -7.26
C THR A 145 16.44 6.06 -6.55
N GLY A 146 17.72 5.74 -6.61
CA GLY A 146 18.70 6.60 -5.97
C GLY A 146 20.00 5.95 -5.55
N MET A 147 19.96 4.66 -5.29
CA MET A 147 21.14 3.94 -4.86
C MET A 147 22.21 3.86 -5.96
N HIS A 148 21.77 3.86 -7.21
CA HIS A 148 22.66 3.78 -8.36
C HIS A 148 23.59 2.56 -8.29
N ARG A 149 23.01 1.43 -7.91
CA ARG A 149 23.77 0.19 -7.83
C ARG A 149 23.21 -0.77 -8.90
N LEU A 150 22.04 -1.31 -8.66
CA LEU A 150 21.35 -2.18 -9.63
C LEU A 150 19.97 -1.57 -9.93
N GLY A 151 19.38 -1.93 -11.07
CA GLY A 151 18.08 -1.40 -11.38
C GLY A 151 18.00 -0.54 -12.61
N VAL A 152 16.79 -0.44 -13.16
CA VAL A 152 16.52 0.35 -14.35
C VAL A 152 16.31 1.80 -13.91
N ARG A 153 16.97 2.72 -14.60
CA ARG A 153 16.84 4.13 -14.27
C ARG A 153 15.44 4.63 -14.67
N PRO A 154 14.91 5.61 -13.93
CA PRO A 154 13.58 6.19 -14.17
C PRO A 154 13.22 6.46 -15.63
N GLU A 155 14.12 7.00 -16.40
CA GLU A 155 13.84 7.39 -17.75
C GLU A 155 13.91 6.28 -18.75
N GLN A 156 14.22 5.11 -18.30
CA GLN A 156 14.18 3.89 -19.11
C GLN A 156 13.17 2.86 -18.56
N ALA A 157 12.55 3.16 -17.44
CA ALA A 157 11.72 2.22 -16.75
C ALA A 157 10.34 1.93 -17.35
N GLU A 158 9.75 2.90 -17.99
CA GLU A 158 8.41 2.74 -18.46
C GLU A 158 8.40 1.80 -19.62
N ALA A 159 9.40 1.93 -20.45
CA ALA A 159 9.50 1.11 -21.66
C ALA A 159 9.88 -0.32 -21.28
N PHE A 160 10.81 -0.42 -20.34
CA PHE A 160 11.33 -1.68 -19.82
C PHE A 160 10.19 -2.42 -19.13
N TYR A 161 9.44 -1.70 -18.31
CA TYR A 161 8.30 -2.27 -17.60
C TYR A 161 7.27 -2.81 -18.57
N HIS A 162 6.90 -2.01 -19.57
CA HIS A 162 5.92 -2.45 -20.54
C HIS A 162 6.32 -3.73 -21.29
N ARG A 163 7.60 -3.93 -21.57
CA ARG A 163 8.03 -5.15 -22.23
C ARG A 163 7.81 -6.39 -21.38
N LEU A 164 7.91 -6.23 -20.05
CA LEU A 164 7.71 -7.32 -19.11
C LEU A 164 6.24 -7.77 -19.04
N THR A 165 5.32 -6.82 -19.20
CA THR A 165 3.91 -7.18 -19.16
C THR A 165 3.48 -7.87 -20.45
N GLN A 166 4.37 -7.86 -21.44
CA GLN A 166 4.07 -8.48 -22.72
C GLN A 166 4.74 -9.83 -22.87
N CYS A 167 5.49 -10.24 -21.85
CA CYS A 167 6.18 -11.53 -21.85
C CYS A 167 5.26 -12.66 -21.50
N LYS A 168 5.18 -13.65 -22.36
CA LYS A 168 4.27 -14.74 -22.10
C LYS A 168 4.85 -15.67 -21.06
N ASN A 169 6.13 -15.45 -20.82
CA ASN A 169 6.99 -16.19 -19.92
C ASN A 169 7.12 -15.54 -18.56
N VAL A 170 6.59 -14.35 -18.40
CA VAL A 170 6.48 -13.71 -17.11
C VAL A 170 5.08 -13.82 -16.56
N ARG A 171 4.95 -14.36 -15.38
CA ARG A 171 3.67 -14.34 -14.74
C ARG A 171 3.27 -12.91 -14.51
N GLN A 172 2.06 -12.58 -14.85
CA GLN A 172 1.49 -11.28 -14.50
C GLN A 172 0.77 -11.27 -13.13
N PRO A 173 0.77 -10.11 -12.44
CA PRO A 173 1.38 -8.82 -12.84
C PRO A 173 2.88 -8.71 -12.55
N VAL A 174 3.51 -7.72 -13.15
CA VAL A 174 4.93 -7.47 -12.90
C VAL A 174 5.00 -6.73 -11.56
N ASN A 175 5.80 -7.24 -10.64
CA ASN A 175 5.95 -6.61 -9.34
C ASN A 175 7.11 -5.62 -9.42
N ILE A 176 7.13 -4.66 -8.50
CA ILE A 176 8.14 -3.62 -8.49
C ILE A 176 8.94 -3.57 -7.19
N VAL A 177 10.27 -3.68 -7.31
CA VAL A 177 11.17 -3.65 -6.17
C VAL A 177 12.24 -2.56 -6.28
N SER A 178 12.71 -2.08 -5.13
CA SER A 178 13.75 -1.06 -5.08
C SER A 178 14.41 -1.15 -3.70
N HIS A 179 15.51 -0.43 -3.51
CA HIS A 179 16.26 -0.50 -2.25
C HIS A 179 16.79 0.88 -1.83
N PHE A 180 16.79 1.15 -0.52
CA PHE A 180 17.26 2.42 0.05
C PHE A 180 18.78 2.45 0.22
N ALA A 181 19.38 3.60 -0.03
CA ALA A 181 20.83 3.75 0.09
C ALA A 181 21.24 4.37 1.41
N ARG A 182 20.34 5.14 2.02
CA ARG A 182 20.62 5.85 3.27
C ARG A 182 19.42 5.96 4.21
N ALA A 183 18.71 4.84 4.42
CA ALA A 183 17.53 4.83 5.29
C ALA A 183 17.92 4.99 6.77
N ASP A 184 19.18 4.69 7.07
CA ASP A 184 19.68 4.82 8.43
C ASP A 184 20.13 6.26 8.76
N GLU A 185 19.84 7.21 7.86
CA GLU A 185 20.18 8.62 8.03
C GLU A 185 18.93 9.42 7.81
N PRO A 186 18.00 9.35 8.75
CA PRO A 186 16.71 10.06 8.68
C PRO A 186 16.75 11.58 8.45
N LYS A 187 17.87 12.22 8.77
CA LYS A 187 18.01 13.67 8.59
C LYS A 187 18.30 14.15 7.17
N CYS A 188 18.84 13.29 6.31
CA CYS A 188 19.08 13.72 4.92
C CYS A 188 17.83 13.29 4.15
N GLY A 189 17.48 14.03 3.11
CA GLY A 189 16.28 13.68 2.37
C GLY A 189 16.44 12.60 1.33
N ALA A 190 17.41 11.71 1.50
CA ALA A 190 17.65 10.66 0.51
C ALA A 190 16.46 9.71 0.38
N THR A 191 16.01 9.18 1.51
CA THR A 191 14.89 8.25 1.53
C THR A 191 13.59 8.85 1.00
N GLU A 192 13.32 10.10 1.29
CA GLU A 192 12.11 10.73 0.90
C GLU A 192 12.10 10.97 -0.57
N LYS A 193 13.28 11.12 -1.14
CA LYS A 193 13.45 11.29 -2.57
C LYS A 193 13.28 9.97 -3.35
N GLN A 194 13.81 8.87 -2.82
CA GLN A 194 13.69 7.56 -3.44
C GLN A 194 12.24 7.13 -3.39
N LEU A 195 11.60 7.42 -2.27
CA LEU A 195 10.19 7.10 -2.07
C LEU A 195 9.35 7.89 -3.08
N ALA A 196 9.72 9.15 -3.30
CA ALA A 196 9.00 9.99 -4.25
C ALA A 196 9.08 9.40 -5.66
N ILE A 197 10.26 8.95 -6.03
CA ILE A 197 10.49 8.35 -7.35
C ILE A 197 9.78 7.00 -7.45
N PHE A 198 9.85 6.21 -6.38
CA PHE A 198 9.22 4.90 -6.34
C PHE A 198 7.72 5.05 -6.53
N ASN A 199 7.14 5.97 -5.75
CA ASN A 199 5.70 6.21 -5.80
C ASN A 199 5.21 6.70 -7.16
N THR A 200 5.98 7.58 -7.79
CA THR A 200 5.59 8.10 -9.10
C THR A 200 5.53 6.97 -10.13
N PHE A 201 6.51 6.08 -10.12
CA PHE A 201 6.53 4.99 -11.08
C PHE A 201 5.46 3.92 -10.86
N CYS A 202 5.11 3.68 -9.61
CA CYS A 202 4.11 2.66 -9.32
C CYS A 202 2.67 3.10 -9.53
N GLU A 203 2.44 4.41 -9.65
CA GLU A 203 1.08 4.93 -9.84
C GLU A 203 0.40 4.21 -10.98
N GLY A 204 -0.80 3.70 -10.72
CA GLY A 204 -1.58 3.02 -11.73
C GLY A 204 -1.15 1.62 -12.13
N LYS A 205 -0.12 1.09 -11.50
CA LYS A 205 0.34 -0.24 -11.84
C LYS A 205 -0.10 -1.27 -10.79
N PRO A 206 -0.47 -2.47 -11.25
CA PRO A 206 -0.89 -3.51 -10.33
C PRO A 206 0.41 -4.17 -9.86
N GLY A 207 0.36 -5.31 -9.21
CA GLY A 207 1.62 -5.89 -8.80
C GLY A 207 2.12 -5.34 -7.49
N GLN A 208 2.73 -6.23 -6.72
CA GLN A 208 3.25 -5.92 -5.41
C GLN A 208 4.36 -4.86 -5.48
N ARG A 209 4.50 -4.11 -4.41
CA ARG A 209 5.58 -3.16 -4.32
C ARG A 209 6.43 -3.42 -3.10
N SER A 210 7.74 -3.25 -3.24
CA SER A 210 8.66 -3.51 -2.15
C SER A 210 9.92 -2.67 -2.25
N ILE A 211 10.25 -1.92 -1.20
CA ILE A 211 11.44 -1.09 -1.20
C ILE A 211 12.18 -1.10 0.16
N ALA A 212 11.49 -1.51 1.21
CA ALA A 212 12.04 -1.52 2.56
C ALA A 212 12.74 -2.79 3.07
N ALA A 213 13.92 -2.57 3.66
CA ALA A 213 14.74 -3.61 4.24
C ALA A 213 14.72 -3.28 5.73
N SER A 214 15.72 -3.68 6.50
CA SER A 214 15.72 -3.39 7.94
C SER A 214 15.47 -1.92 8.34
N GLY A 215 16.22 -1.00 7.75
CA GLY A 215 16.08 0.42 8.06
C GLY A 215 14.69 0.94 7.71
N GLY A 216 14.26 0.71 6.48
CA GLY A 216 12.94 1.19 6.07
C GLY A 216 11.82 0.65 6.94
N ILE A 217 11.98 -0.60 7.41
CA ILE A 217 10.99 -1.24 8.26
C ILE A 217 10.87 -0.55 9.61
N LEU A 218 12.01 -0.27 10.23
CA LEU A 218 12.06 0.36 11.54
C LEU A 218 11.85 1.87 11.59
N LEU A 219 12.41 2.59 10.63
CA LEU A 219 12.29 4.03 10.63
C LEU A 219 11.29 4.67 9.65
N TRP A 220 10.86 3.92 8.63
CA TRP A 220 9.94 4.47 7.64
C TRP A 220 8.71 3.62 7.38
N PRO A 221 7.67 3.86 8.16
CA PRO A 221 6.43 3.14 7.97
C PRO A 221 5.70 3.41 6.65
N GLN A 222 5.82 4.59 6.06
CA GLN A 222 5.47 4.83 4.65
C GLN A 222 6.09 3.99 3.56
N SER A 223 7.11 3.22 3.88
CA SER A 223 7.80 2.42 2.87
C SER A 223 7.56 0.92 2.99
N HIS A 224 6.67 0.52 3.89
CA HIS A 224 6.36 -0.89 4.11
C HIS A 224 5.68 -1.55 2.90
N PHE A 225 4.70 -0.87 2.35
CA PHE A 225 3.96 -1.36 1.19
C PHE A 225 3.50 -2.81 1.32
N ASP A 226 3.66 -3.59 0.26
CA ASP A 226 3.20 -4.97 0.26
C ASP A 226 4.16 -5.97 0.87
N TRP A 227 5.45 -5.81 0.59
CA TRP A 227 6.47 -6.69 1.11
C TRP A 227 7.64 -5.91 1.65
N VAL A 228 8.13 -6.34 2.80
CA VAL A 228 9.30 -5.74 3.45
C VAL A 228 10.35 -6.87 3.43
N ARG A 229 11.64 -6.50 3.41
CA ARG A 229 12.71 -7.49 3.33
C ARG A 229 13.67 -7.41 4.51
N PRO A 230 13.29 -7.99 5.65
CA PRO A 230 14.20 -7.92 6.79
C PRO A 230 15.44 -8.77 6.65
N GLY A 231 16.57 -8.14 6.87
CA GLY A 231 17.83 -8.84 6.81
C GLY A 231 18.46 -8.78 8.19
N ILE A 232 19.38 -7.84 8.37
CA ILE A 232 20.10 -7.76 9.63
C ILE A 232 19.27 -7.78 10.91
N ILE A 233 18.17 -7.02 10.96
CA ILE A 233 17.36 -6.97 12.19
C ILE A 233 16.65 -8.31 12.49
N LEU A 234 16.54 -9.16 11.47
CA LEU A 234 15.92 -10.48 11.61
C LEU A 234 16.79 -11.28 12.59
N TYR A 235 18.09 -10.96 12.61
CA TYR A 235 19.05 -11.63 13.48
C TYR A 235 19.26 -10.90 14.79
N GLY A 236 18.40 -9.93 15.07
CA GLY A 236 18.47 -9.17 16.30
C GLY A 236 19.61 -8.18 16.42
N VAL A 237 20.04 -7.65 15.28
CA VAL A 237 21.12 -6.68 15.23
C VAL A 237 20.62 -5.42 14.54
N SER A 238 20.94 -4.26 15.09
CA SER A 238 20.51 -2.98 14.54
C SER A 238 21.28 -2.60 13.27
N PRO A 239 20.56 -2.09 12.25
CA PRO A 239 21.21 -1.69 11.01
C PRO A 239 21.72 -0.30 11.10
N LEU A 240 21.56 0.31 12.27
CA LEU A 240 21.88 1.68 12.44
C LEU A 240 23.28 1.93 12.93
N PRO A 241 23.79 3.11 12.64
CA PRO A 241 25.17 3.47 12.92
C PRO A 241 25.38 4.28 14.21
N ASP A 242 24.57 4.00 15.19
CA ASP A 242 24.48 4.76 16.37
C ASP A 242 24.47 3.63 17.37
N ARG A 243 24.26 3.91 18.63
CA ARG A 243 24.67 2.87 19.51
C ARG A 243 23.62 1.81 19.67
N SER A 244 22.69 1.66 18.73
CA SER A 244 21.50 0.91 19.01
C SER A 244 21.64 -0.55 18.66
N THR A 245 20.90 -1.36 19.36
CA THR A 245 21.05 -2.78 19.33
C THR A 245 19.70 -3.25 18.92
N GLY A 246 19.58 -4.52 18.61
CA GLY A 246 18.33 -5.12 18.18
C GLY A 246 17.27 -5.04 19.25
N ALA A 247 17.69 -4.98 20.51
CA ALA A 247 16.80 -4.90 21.66
C ALA A 247 16.08 -3.56 21.75
N ASP A 248 16.55 -2.59 20.98
CA ASP A 248 15.95 -1.25 20.93
C ASP A 248 14.65 -1.35 20.18
N PHE A 249 14.50 -2.44 19.42
CA PHE A 249 13.31 -2.68 18.62
C PHE A 249 12.57 -3.94 19.01
N GLY A 250 12.96 -4.53 20.15
CA GLY A 250 12.32 -5.73 20.63
C GLY A 250 12.80 -6.99 19.92
N CYS A 251 13.94 -6.89 19.24
CA CYS A 251 14.49 -8.04 18.54
C CYS A 251 15.63 -8.62 19.36
N GLN A 252 15.65 -9.95 19.45
CA GLN A 252 16.66 -10.65 20.23
C GLN A 252 17.84 -11.17 19.40
N PRO A 253 19.08 -10.99 19.90
CA PRO A 253 20.29 -11.43 19.22
C PRO A 253 20.31 -12.95 19.03
N VAL A 254 20.59 -13.38 17.81
CA VAL A 254 20.58 -14.78 17.47
C VAL A 254 21.94 -15.45 17.57
N MET A 255 22.99 -14.71 17.22
CA MET A 255 24.33 -15.25 17.22
C MET A 255 25.20 -14.92 18.43
N SER A 256 26.00 -15.90 18.82
CA SER A 256 26.95 -15.75 19.90
C SER A 256 28.25 -16.32 19.37
N LEU A 257 29.27 -15.48 19.23
CA LEU A 257 30.57 -15.98 18.78
C LEU A 257 31.33 -16.37 20.05
N THR A 258 31.57 -17.67 20.23
CA THR A 258 32.25 -18.17 21.42
C THR A 258 33.52 -18.98 21.15
N SER A 259 34.27 -19.22 22.22
CA SER A 259 35.51 -19.98 22.17
C SER A 259 35.92 -20.35 23.60
N SER A 260 37.20 -20.64 23.81
CA SER A 260 37.72 -21.01 25.13
C SER A 260 39.14 -20.53 25.26
N LEU A 261 39.64 -20.47 26.49
CA LEU A 261 41.01 -20.06 26.72
C LEU A 261 41.88 -21.29 26.53
N ILE A 262 43.05 -21.11 25.92
CA ILE A 262 43.95 -22.23 25.71
C ILE A 262 45.21 -22.02 26.54
N ALA A 263 45.24 -20.94 27.31
CA ALA A 263 46.37 -20.62 28.18
C ALA A 263 46.15 -19.40 29.06
N VAL A 264 46.70 -19.46 30.27
CA VAL A 264 46.66 -18.37 31.24
C VAL A 264 48.10 -18.31 31.72
N ARG A 265 48.78 -17.23 31.37
CA ARG A 265 50.21 -17.08 31.66
C ARG A 265 50.54 -15.86 32.53
N GLU A 266 51.69 -15.91 33.20
CA GLU A 266 52.16 -14.77 34.00
C GLU A 266 52.76 -13.78 33.02
N HIS A 267 52.68 -12.50 33.34
CA HIS A 267 53.22 -11.46 32.47
C HIS A 267 53.77 -10.38 33.38
N LYS A 268 54.77 -9.63 32.94
CA LYS A 268 55.31 -8.59 33.79
C LYS A 268 55.32 -7.16 33.24
N ALA A 269 55.33 -6.20 34.16
CA ALA A 269 55.33 -4.80 33.80
C ALA A 269 56.42 -4.50 32.79
N GLY A 270 56.10 -3.63 31.83
CA GLY A 270 57.04 -3.23 30.81
C GLY A 270 57.14 -4.20 29.62
N GLU A 271 56.56 -5.38 29.74
CA GLU A 271 56.61 -6.37 28.67
C GLU A 271 55.47 -6.23 27.66
N PRO A 272 55.80 -6.30 26.37
CA PRO A 272 54.85 -6.18 25.25
C PRO A 272 54.13 -7.50 24.97
N VAL A 273 53.08 -7.44 24.17
CA VAL A 273 52.32 -8.62 23.82
C VAL A 273 51.95 -8.62 22.35
N GLY A 274 52.12 -9.78 21.73
CA GLY A 274 51.76 -9.97 20.34
C GLY A 274 52.70 -9.38 19.32
N TYR A 275 52.31 -9.54 18.05
CA TYR A 275 53.05 -9.04 16.90
C TYR A 275 53.19 -7.52 16.92
N GLY A 276 54.38 -7.03 16.57
CA GLY A 276 54.62 -5.60 16.54
C GLY A 276 54.76 -4.95 17.91
N GLY A 277 54.67 -5.75 18.98
CA GLY A 277 54.79 -5.20 20.32
C GLY A 277 53.78 -4.07 20.55
N THR A 278 52.62 -4.20 19.93
CA THR A 278 51.51 -3.25 19.98
C THR A 278 51.04 -2.76 21.37
N TRP A 279 51.09 -3.65 22.35
CA TRP A 279 50.65 -3.33 23.70
C TRP A 279 51.76 -3.66 24.70
N VAL A 280 51.99 -2.76 25.66
CA VAL A 280 53.00 -2.99 26.70
C VAL A 280 52.29 -2.85 28.04
N SER A 281 52.51 -3.81 28.93
CA SER A 281 51.86 -3.80 30.25
C SER A 281 52.51 -2.86 31.25
N GLU A 282 51.69 -2.16 31.99
CA GLU A 282 52.16 -1.27 33.02
C GLU A 282 52.21 -1.99 34.38
N ARG A 283 51.80 -3.24 34.42
CA ARG A 283 51.82 -4.04 35.63
C ARG A 283 51.99 -5.52 35.43
N ASP A 284 52.42 -6.19 36.50
CA ASP A 284 52.56 -7.63 36.49
C ASP A 284 51.09 -8.05 36.42
N THR A 285 50.79 -9.03 35.58
CA THR A 285 49.41 -9.46 35.43
C THR A 285 49.41 -10.88 34.89
N ARG A 286 48.22 -11.37 34.55
CA ARG A 286 48.07 -12.68 33.94
C ARG A 286 47.33 -12.45 32.64
N LEU A 287 47.83 -13.07 31.58
CA LEU A 287 47.24 -12.96 30.25
C LEU A 287 46.53 -14.26 29.88
N GLY A 288 45.38 -14.13 29.22
CA GLY A 288 44.65 -15.28 28.78
C GLY A 288 44.78 -15.34 27.27
N VAL A 289 44.84 -16.55 26.70
CA VAL A 289 44.95 -16.69 25.25
C VAL A 289 43.67 -17.40 24.77
N VAL A 290 42.97 -16.76 23.84
CA VAL A 290 41.74 -17.28 23.30
C VAL A 290 41.93 -18.00 21.96
N ALA A 291 41.22 -19.11 21.79
CA ALA A 291 41.26 -19.87 20.55
C ALA A 291 40.32 -19.16 19.58
N MET A 292 40.72 -17.96 19.15
CA MET A 292 39.94 -17.14 18.23
C MET A 292 40.90 -16.17 17.55
N GLY A 293 40.76 -16.00 16.24
CA GLY A 293 41.58 -15.08 15.48
C GLY A 293 40.85 -14.65 14.22
N TYR A 294 41.54 -14.01 13.29
CA TYR A 294 40.87 -13.60 12.04
C TYR A 294 40.78 -14.75 11.03
N GLY A 295 41.40 -15.89 11.36
CA GLY A 295 41.36 -17.05 10.51
C GLY A 295 40.01 -17.69 10.72
N ASP A 296 39.28 -17.15 11.70
CA ASP A 296 37.94 -17.60 12.08
C ASP A 296 36.95 -16.54 11.67
N GLY A 297 37.43 -15.32 11.47
CA GLY A 297 36.56 -14.23 11.09
C GLY A 297 36.56 -13.06 12.06
N TYR A 298 37.31 -13.16 13.16
CA TYR A 298 37.39 -12.07 14.14
C TYR A 298 38.28 -10.96 13.57
N PRO A 299 37.79 -9.71 13.56
CA PRO A 299 38.56 -8.59 13.03
C PRO A 299 39.98 -8.38 13.54
N ARG A 300 40.93 -8.38 12.61
CA ARG A 300 42.33 -8.18 12.91
C ARG A 300 42.54 -6.74 13.37
N ALA A 301 41.58 -5.89 12.99
CA ALA A 301 41.57 -4.46 13.33
C ALA A 301 41.20 -4.17 14.79
N ALA A 302 40.68 -5.17 15.50
CA ALA A 302 40.29 -4.98 16.90
C ALA A 302 41.44 -4.39 17.72
N PRO A 303 41.26 -3.17 18.26
CA PRO A 303 42.28 -2.49 19.07
C PRO A 303 42.36 -3.00 20.51
N SER A 304 43.52 -2.84 21.15
CA SER A 304 43.68 -3.28 22.52
C SER A 304 42.58 -2.57 23.30
N GLY A 305 41.96 -3.26 24.25
CA GLY A 305 40.89 -2.64 25.01
C GLY A 305 39.54 -3.12 24.58
N THR A 306 39.43 -3.67 23.37
CA THR A 306 38.14 -4.17 22.90
C THR A 306 37.67 -5.20 23.93
N PRO A 307 36.38 -5.12 24.33
CA PRO A 307 35.81 -6.05 25.31
C PRO A 307 35.58 -7.49 24.84
N VAL A 308 35.85 -8.43 25.75
CA VAL A 308 35.63 -9.85 25.50
C VAL A 308 35.24 -10.43 26.86
N LEU A 309 34.28 -11.34 26.88
CA LEU A 309 33.85 -11.94 28.15
C LEU A 309 34.59 -13.24 28.45
N VAL A 310 35.23 -13.29 29.60
CA VAL A 310 35.93 -14.48 30.06
C VAL A 310 35.24 -14.89 31.36
N ASN A 311 34.63 -16.07 31.37
CA ASN A 311 33.89 -16.58 32.53
C ASN A 311 32.80 -15.60 32.91
N GLY A 312 32.18 -15.01 31.87
CA GLY A 312 31.10 -14.03 32.04
C GLY A 312 31.51 -12.70 32.64
N ARG A 313 32.79 -12.40 32.55
CA ARG A 313 33.36 -11.19 33.10
C ARG A 313 34.14 -10.52 31.97
N GLU A 314 33.91 -9.23 31.76
CA GLU A 314 34.58 -8.50 30.69
C GLU A 314 36.09 -8.17 30.94
N VAL A 315 36.92 -8.54 29.98
CA VAL A 315 38.36 -8.28 30.04
C VAL A 315 38.74 -7.68 28.69
N PRO A 316 39.82 -6.87 28.65
CA PRO A 316 40.24 -6.25 27.40
C PRO A 316 41.23 -7.04 26.57
N ILE A 317 41.15 -6.86 25.26
CA ILE A 317 42.08 -7.49 24.32
C ILE A 317 43.36 -6.66 24.46
N VAL A 318 44.49 -7.34 24.54
CA VAL A 318 45.76 -6.65 24.64
C VAL A 318 46.67 -7.18 23.53
N GLY A 319 47.15 -6.27 22.69
CA GLY A 319 47.99 -6.69 21.60
C GLY A 319 47.17 -6.95 20.35
N ARG A 320 47.86 -7.10 19.20
CA ARG A 320 47.25 -7.40 17.92
C ARG A 320 46.55 -8.73 17.96
N VAL A 321 45.44 -8.81 17.24
CA VAL A 321 44.68 -10.05 17.06
C VAL A 321 45.42 -10.83 15.97
N ALA A 322 45.79 -12.08 16.27
CA ALA A 322 46.50 -12.93 15.31
C ALA A 322 45.50 -13.78 14.53
N MET A 323 46.03 -14.62 13.64
CA MET A 323 45.20 -15.48 12.79
C MET A 323 44.37 -16.51 13.59
N ASP A 324 44.98 -17.05 14.65
CA ASP A 324 44.33 -18.05 15.46
C ASP A 324 44.18 -17.74 16.95
N MET A 325 44.82 -16.67 17.42
CA MET A 325 44.74 -16.35 18.84
C MET A 325 44.53 -14.88 19.16
N ILE A 326 44.01 -14.66 20.37
CA ILE A 326 43.74 -13.33 20.92
C ILE A 326 44.13 -13.37 22.38
N CYS A 327 44.90 -12.38 22.81
CA CYS A 327 45.31 -12.28 24.20
C CYS A 327 44.45 -11.25 24.93
N VAL A 328 44.14 -11.54 26.19
CA VAL A 328 43.35 -10.65 27.01
C VAL A 328 44.03 -10.47 28.37
N ASP A 329 43.79 -9.33 28.99
CA ASP A 329 44.37 -9.02 30.30
C ASP A 329 43.39 -9.46 31.40
N LEU A 330 43.76 -10.48 32.16
CA LEU A 330 42.91 -11.02 33.21
C LEU A 330 43.16 -10.42 34.59
N GLY A 331 44.43 -10.11 34.90
CA GLY A 331 44.76 -9.55 36.19
C GLY A 331 45.78 -10.44 36.87
N PRO A 332 46.64 -9.89 37.76
CA PRO A 332 47.69 -10.64 38.47
C PRO A 332 47.31 -11.92 39.21
N GLN A 333 46.14 -11.97 39.83
CA GLN A 333 45.68 -13.18 40.53
C GLN A 333 44.35 -13.66 39.99
N ALA A 334 44.20 -13.59 38.68
CA ALA A 334 42.93 -13.77 38.05
C ALA A 334 42.99 -15.29 38.14
N GLN A 335 41.88 -15.95 38.34
CA GLN A 335 41.87 -17.40 38.60
C GLN A 335 41.30 -18.11 37.40
N ASP A 336 41.24 -17.45 36.27
CA ASP A 336 40.80 -18.06 35.03
C ASP A 336 41.78 -19.06 34.57
N LYS A 337 41.32 -20.12 33.91
CA LYS A 337 42.16 -21.24 33.55
C LYS A 337 41.95 -21.76 32.13
N ALA A 338 43.00 -22.23 31.47
CA ALA A 338 42.84 -22.82 30.15
C ALA A 338 41.58 -23.70 30.18
N GLY A 339 40.75 -23.57 29.15
CA GLY A 339 39.53 -24.35 29.06
C GLY A 339 38.29 -23.58 29.38
N ASP A 340 38.43 -22.46 30.08
CA ASP A 340 37.27 -21.67 30.49
C ASP A 340 36.59 -20.98 29.31
N PRO A 341 35.27 -20.83 29.39
CA PRO A 341 34.44 -20.19 28.36
C PRO A 341 34.72 -18.72 28.07
N VAL A 342 34.78 -18.37 26.79
CA VAL A 342 35.01 -17.01 26.32
C VAL A 342 33.88 -16.64 25.35
N ILE A 343 33.37 -15.41 25.44
CA ILE A 343 32.33 -14.94 24.54
C ILE A 343 32.88 -13.69 23.81
N LEU A 344 33.03 -13.79 22.49
CA LEU A 344 33.53 -12.66 21.68
C LEU A 344 32.40 -11.65 21.50
N TRP A 345 31.18 -12.17 21.42
CA TRP A 345 29.97 -11.36 21.35
C TRP A 345 28.77 -12.28 21.45
N GLY A 346 27.70 -11.76 22.03
CA GLY A 346 26.51 -12.56 22.19
C GLY A 346 25.71 -12.14 23.39
N GLU A 347 25.52 -13.05 24.34
CA GLU A 347 24.80 -12.79 25.60
C GLU A 347 25.55 -12.12 26.69
N GLY A 348 25.29 -10.86 26.87
CA GLY A 348 26.15 -10.11 27.71
C GLY A 348 26.96 -9.13 26.94
N LEU A 349 27.17 -9.41 25.68
CA LEU A 349 27.97 -8.50 24.86
C LEU A 349 27.49 -8.40 23.39
N PRO A 350 26.56 -7.48 23.11
CA PRO A 350 26.02 -7.29 21.76
C PRO A 350 27.10 -7.05 20.70
N VAL A 351 26.90 -7.58 19.49
CA VAL A 351 27.85 -7.39 18.43
C VAL A 351 27.99 -5.89 18.10
N GLU A 352 26.94 -5.11 18.41
CA GLU A 352 26.97 -3.66 18.16
C GLU A 352 28.00 -2.96 19.05
N ARG A 353 28.28 -3.53 20.21
CA ARG A 353 29.25 -2.98 21.14
C ARG A 353 30.64 -3.26 20.66
N ILE A 354 30.82 -4.37 20.00
CA ILE A 354 32.09 -4.75 19.39
C ILE A 354 32.32 -3.95 18.12
N ALA A 355 31.23 -3.58 17.44
CA ALA A 355 31.33 -2.82 16.21
C ALA A 355 31.77 -1.41 16.54
N GLU A 356 31.19 -0.85 17.58
CA GLU A 356 31.53 0.49 17.99
C GLU A 356 32.98 0.56 18.42
N MET A 357 33.39 -0.40 19.26
CA MET A 357 34.76 -0.42 19.75
C MET A 357 35.81 -0.66 18.66
N THR A 358 35.52 -1.55 17.72
CA THR A 358 36.47 -1.88 16.65
C THR A 358 36.29 -1.04 15.39
N LYS A 359 35.13 -0.39 15.28
CA LYS A 359 34.84 0.49 14.15
C LYS A 359 34.52 -0.32 12.91
N VAL A 360 34.17 -1.55 13.14
CA VAL A 360 33.85 -2.45 12.04
C VAL A 360 32.33 -2.57 12.04
N SER A 361 31.71 -2.53 10.87
CA SER A 361 30.26 -2.66 10.76
C SER A 361 29.74 -4.00 11.29
N ALA A 362 28.65 -3.96 12.05
CA ALA A 362 28.05 -5.16 12.62
C ALA A 362 27.67 -6.12 11.47
N TYR A 363 27.35 -5.56 10.31
CA TYR A 363 26.98 -6.35 9.11
C TYR A 363 28.14 -7.26 8.71
N GLU A 364 29.35 -6.69 8.74
CA GLU A 364 30.55 -7.41 8.37
C GLU A 364 31.01 -8.35 9.47
N LEU A 365 30.95 -7.90 10.71
CA LEU A 365 31.33 -8.73 11.85
C LEU A 365 30.63 -10.09 11.87
N ILE A 366 29.31 -10.09 11.80
CA ILE A 366 28.55 -11.34 11.84
C ILE A 366 28.62 -12.15 10.54
N THR A 367 28.87 -11.47 9.42
CA THR A 367 28.92 -12.13 8.11
C THR A 367 30.29 -12.62 7.63
N ARG A 368 31.35 -11.82 7.80
CA ARG A 368 32.65 -12.27 7.29
C ARG A 368 33.39 -13.25 8.20
N LEU A 369 32.77 -14.40 8.46
CA LEU A 369 33.38 -15.43 9.27
C LEU A 369 33.79 -16.55 8.32
N THR A 370 34.81 -17.33 8.70
CA THR A 370 35.30 -18.42 7.89
C THR A 370 34.67 -19.77 8.25
N SER A 371 34.95 -20.76 7.40
CA SER A 371 34.44 -22.12 7.56
C SER A 371 35.07 -22.89 8.72
N ARG A 372 36.00 -22.24 9.42
CA ARG A 372 36.71 -22.84 10.54
C ARG A 372 35.83 -22.82 11.80
N VAL A 373 34.89 -21.89 11.81
CA VAL A 373 33.98 -21.71 12.93
C VAL A 373 32.88 -22.77 12.92
N ALA A 374 32.76 -23.50 14.03
CA ALA A 374 31.73 -24.54 14.19
C ALA A 374 30.36 -23.87 14.36
N MET A 375 29.29 -24.60 14.04
CA MET A 375 27.95 -24.06 14.15
C MET A 375 27.07 -24.86 15.10
N LYS A 376 26.45 -24.18 16.05
CA LYS A 376 25.61 -24.79 17.07
C LYS A 376 24.25 -24.15 16.96
N TYR A 377 23.22 -24.92 17.19
CA TYR A 377 21.86 -24.41 17.15
C TYR A 377 21.19 -24.84 18.43
N VAL A 378 20.60 -23.88 19.13
CA VAL A 378 19.91 -24.16 20.39
C VAL A 378 18.45 -23.73 20.32
N ASP A 379 17.60 -24.46 21.04
CA ASP A 379 16.16 -24.21 21.10
C ASP A 379 15.43 -24.54 19.79
N MET B 21 31.30 -22.00 -12.39
CA MET B 21 31.00 -20.68 -11.73
C MET B 21 31.61 -19.47 -12.43
N GLN B 22 30.99 -18.33 -12.19
CA GLN B 22 31.42 -17.11 -12.81
C GLN B 22 31.47 -16.02 -11.75
N ALA B 23 30.94 -16.34 -10.57
CA ALA B 23 30.93 -15.39 -9.45
C ALA B 23 32.11 -15.65 -8.52
N ALA B 24 31.98 -15.30 -7.23
CA ALA B 24 33.08 -15.42 -6.28
C ALA B 24 33.83 -16.74 -6.33
N THR B 25 35.09 -16.67 -6.75
CA THR B 25 35.93 -17.84 -6.89
C THR B 25 37.39 -17.55 -6.57
N VAL B 26 38.04 -18.50 -5.91
CA VAL B 26 39.46 -18.41 -5.58
C VAL B 26 40.11 -19.48 -6.47
N VAL B 27 41.05 -19.05 -7.31
CA VAL B 27 41.75 -19.97 -8.18
C VAL B 27 43.09 -20.19 -7.56
N ILE B 28 43.42 -21.45 -7.29
CA ILE B 28 44.68 -21.80 -6.66
C ILE B 28 45.64 -22.45 -7.66
N ASN B 29 46.80 -21.81 -7.85
CA ASN B 29 47.83 -22.32 -8.76
C ASN B 29 48.69 -23.33 -8.02
N ARG B 30 48.51 -24.61 -8.33
CA ARG B 30 49.25 -25.66 -7.66
C ARG B 30 50.73 -25.62 -8.06
N ARG B 31 51.05 -25.08 -9.21
CA ARG B 31 52.39 -25.09 -9.73
C ARG B 31 53.22 -23.98 -9.12
N ALA B 32 52.56 -22.90 -8.74
CA ALA B 32 53.20 -21.82 -8.02
C ALA B 32 53.47 -22.27 -6.58
N LEU B 33 52.57 -23.10 -6.05
CA LEU B 33 52.70 -23.63 -4.70
C LEU B 33 53.97 -24.50 -4.60
N ARG B 34 54.15 -25.40 -5.56
CA ARG B 34 55.32 -26.28 -5.57
C ARG B 34 56.61 -25.48 -5.77
N HIS B 35 56.54 -24.49 -6.65
CA HIS B 35 57.68 -23.62 -6.94
C HIS B 35 58.15 -22.95 -5.66
N ASN B 36 57.20 -22.46 -4.86
CA ASN B 36 57.51 -21.77 -3.62
C ASN B 36 58.14 -22.65 -2.54
N LEU B 37 57.70 -23.89 -2.42
CA LEU B 37 58.26 -24.80 -1.44
C LEU B 37 59.73 -25.04 -1.82
N GLN B 38 60.02 -25.24 -3.07
CA GLN B 38 61.37 -25.49 -3.43
C GLN B 38 62.18 -24.21 -3.49
N ARG B 39 61.58 -23.10 -3.83
CA ARG B 39 62.30 -21.84 -3.72
C ARG B 39 62.71 -21.56 -2.26
N LEU B 40 61.85 -21.93 -1.32
CA LEU B 40 62.13 -21.74 0.11
C LEU B 40 63.22 -22.72 0.58
N ARG B 41 63.34 -23.87 -0.08
CA ARG B 41 64.37 -24.82 0.30
C ARG B 41 65.71 -24.26 -0.17
N GLU B 42 65.68 -23.38 -1.17
CA GLU B 42 66.88 -22.75 -1.70
C GLU B 42 67.32 -21.61 -0.81
N LEU B 43 66.37 -20.98 -0.13
CA LEU B 43 66.66 -19.87 0.76
C LEU B 43 67.08 -20.33 2.15
N ALA B 44 66.59 -21.50 2.55
CA ALA B 44 66.91 -22.12 3.85
C ALA B 44 67.38 -23.56 3.51
N PRO B 45 68.51 -23.69 2.78
CA PRO B 45 69.09 -24.96 2.36
C PRO B 45 69.49 -26.01 3.41
N ALA B 46 69.68 -25.61 4.66
CA ALA B 46 70.05 -26.59 5.67
C ALA B 46 68.95 -26.84 6.68
N SER B 47 67.71 -26.48 6.34
CA SER B 47 66.58 -26.64 7.25
C SER B 47 65.43 -27.39 6.63
N LYS B 48 64.76 -28.23 7.43
CA LYS B 48 63.61 -28.94 6.92
C LYS B 48 62.40 -28.00 6.92
N MET B 49 61.37 -28.39 6.19
CA MET B 49 60.23 -27.54 6.00
C MET B 49 58.93 -27.94 6.72
N VAL B 50 58.37 -27.01 7.47
CA VAL B 50 57.09 -27.24 8.13
C VAL B 50 56.11 -26.33 7.38
N ALA B 51 55.43 -26.89 6.39
CA ALA B 51 54.46 -26.13 5.62
C ALA B 51 53.30 -25.76 6.53
N VAL B 52 53.14 -24.47 6.82
CA VAL B 52 52.05 -24.03 7.69
C VAL B 52 50.76 -23.84 6.87
N VAL B 53 49.76 -24.68 7.20
CA VAL B 53 48.49 -24.68 6.50
C VAL B 53 47.27 -24.43 7.39
N LYS B 54 47.47 -23.73 8.50
CA LYS B 54 46.38 -23.45 9.43
C LYS B 54 45.40 -22.45 8.78
N ALA B 55 44.20 -22.35 9.34
CA ALA B 55 43.14 -21.48 8.85
C ALA B 55 42.81 -21.77 7.37
N ASN B 56 42.50 -23.02 7.08
CA ASN B 56 42.17 -23.47 5.73
C ASN B 56 43.29 -23.13 4.76
N ALA B 57 44.52 -23.35 5.20
CA ALA B 57 45.74 -23.07 4.44
C ALA B 57 45.79 -21.62 3.96
N TYR B 58 45.51 -20.69 4.88
CA TYR B 58 45.51 -19.27 4.60
C TYR B 58 44.50 -18.89 3.53
N GLY B 59 43.37 -19.60 3.49
CA GLY B 59 42.34 -19.33 2.52
C GLY B 59 42.50 -20.07 1.20
N HIS B 60 43.51 -20.90 1.09
CA HIS B 60 43.77 -21.63 -0.14
C HIS B 60 43.20 -23.05 -0.12
N GLY B 61 42.93 -23.57 1.06
CA GLY B 61 42.33 -24.89 1.19
C GLY B 61 43.12 -26.01 1.77
N LEU B 62 42.80 -26.39 3.00
CA LEU B 62 43.63 -27.15 3.90
C LEU B 62 44.14 -28.43 3.29
N LEU B 63 43.26 -29.17 2.67
CA LEU B 63 43.58 -30.47 2.20
C LEU B 63 44.13 -30.46 0.81
N GLU B 64 43.66 -29.53 0.02
CA GLU B 64 44.25 -29.39 -1.31
C GLU B 64 45.66 -28.84 -1.30
N THR B 65 45.95 -27.92 -0.38
CA THR B 65 47.28 -27.36 -0.27
C THR B 65 48.24 -28.42 0.24
N ALA B 66 47.78 -29.32 1.09
CA ALA B 66 48.64 -30.38 1.61
C ALA B 66 48.92 -31.39 0.50
N ARG B 67 47.89 -31.74 -0.27
CA ARG B 67 48.04 -32.70 -1.37
C ARG B 67 48.91 -32.21 -2.50
N THR B 68 49.08 -30.90 -2.58
CA THR B 68 49.90 -30.27 -3.61
C THR B 68 51.37 -30.29 -3.20
N LEU B 69 51.61 -30.50 -1.92
CA LEU B 69 52.97 -30.51 -1.40
C LEU B 69 53.39 -31.79 -0.69
N PRO B 70 53.33 -32.93 -1.41
CA PRO B 70 53.73 -34.20 -0.81
C PRO B 70 55.22 -34.22 -0.48
N ASP B 71 55.91 -33.15 -0.85
CA ASP B 71 57.35 -33.02 -0.61
C ASP B 71 57.66 -32.35 0.75
N ALA B 72 56.64 -31.75 1.36
CA ALA B 72 56.82 -31.10 2.65
C ALA B 72 57.25 -32.09 3.72
N ASP B 73 58.22 -31.69 4.54
CA ASP B 73 58.72 -32.53 5.62
C ASP B 73 57.65 -32.73 6.70
N ALA B 74 56.82 -31.70 6.88
CA ALA B 74 55.73 -31.74 7.85
C ALA B 74 54.72 -30.63 7.54
N PHE B 75 53.59 -30.67 8.21
CA PHE B 75 52.55 -29.66 8.06
C PHE B 75 52.23 -29.07 9.42
N GLY B 76 52.03 -27.76 9.46
CA GLY B 76 51.71 -27.09 10.71
C GLY B 76 50.27 -26.62 10.72
N VAL B 77 49.61 -26.81 11.86
CA VAL B 77 48.22 -26.38 12.01
C VAL B 77 48.07 -25.72 13.38
N ALA B 78 47.01 -24.93 13.54
CA ALA B 78 46.73 -24.23 14.79
C ALA B 78 46.01 -25.13 15.78
N ARG B 79 45.11 -25.91 15.28
CA ARG B 79 44.22 -26.65 16.13
C ARG B 79 44.28 -28.14 15.81
N LEU B 80 43.89 -28.97 16.76
CA LEU B 80 43.73 -30.39 16.55
C LEU B 80 42.77 -30.81 15.49
N GLU B 81 41.66 -30.10 15.40
CA GLU B 81 40.64 -30.36 14.41
C GLU B 81 41.18 -30.32 12.97
N GLU B 82 42.10 -29.41 12.70
CA GLU B 82 42.70 -29.22 11.39
C GLU B 82 43.59 -30.38 11.03
N ALA B 83 44.32 -30.90 12.01
CA ALA B 83 45.23 -32.03 11.81
C ALA B 83 44.44 -33.29 11.49
N LEU B 84 43.36 -33.50 12.24
CA LEU B 84 42.47 -34.64 12.05
C LEU B 84 41.80 -34.58 10.70
N ARG B 85 41.50 -33.37 10.26
CA ARG B 85 40.86 -33.18 8.97
C ARG B 85 41.86 -33.56 7.84
N LEU B 86 43.15 -33.39 8.10
CA LEU B 86 44.21 -33.75 7.16
C LEU B 86 44.30 -35.27 7.08
N ARG B 87 44.31 -35.94 8.24
CA ARG B 87 44.36 -37.41 8.26
C ARG B 87 43.12 -37.99 7.58
N ALA B 88 41.98 -37.33 7.76
CA ALA B 88 40.75 -37.78 7.15
C ALA B 88 40.82 -37.72 5.62
N GLY B 89 41.56 -36.75 5.09
CA GLY B 89 41.69 -36.60 3.66
C GLY B 89 42.80 -37.46 3.08
N GLY B 90 43.49 -38.20 3.93
CA GLY B 90 44.55 -39.06 3.45
C GLY B 90 45.96 -38.55 3.54
N ILE B 91 46.11 -37.35 4.07
CA ILE B 91 47.44 -36.75 4.28
C ILE B 91 48.19 -37.53 5.32
N THR B 92 49.37 -38.02 4.98
CA THR B 92 50.14 -38.85 5.90
C THR B 92 51.39 -38.31 6.54
N LYS B 93 51.99 -37.24 6.02
CA LYS B 93 53.14 -36.64 6.68
C LYS B 93 52.86 -36.36 8.14
N PRO B 94 53.90 -35.93 8.86
CA PRO B 94 53.81 -35.60 10.26
C PRO B 94 53.09 -34.25 10.29
N VAL B 95 52.22 -34.04 11.27
CA VAL B 95 51.51 -32.79 11.40
C VAL B 95 51.86 -32.23 12.76
N LEU B 96 52.26 -30.97 12.77
CA LEU B 96 52.67 -30.29 13.99
C LEU B 96 51.58 -29.40 14.58
N LEU B 97 51.14 -29.73 15.80
CA LEU B 97 50.14 -28.93 16.48
C LEU B 97 50.91 -27.76 17.09
N LEU B 98 50.88 -26.62 16.39
CA LEU B 98 51.58 -25.41 16.82
C LEU B 98 51.19 -24.84 18.18
N GLU B 99 49.96 -25.07 18.62
CA GLU B 99 49.49 -24.56 19.92
C GLU B 99 49.32 -25.71 20.92
N GLY B 100 49.68 -26.91 20.52
CA GLY B 100 49.53 -28.06 21.39
C GLY B 100 48.10 -28.56 21.40
N PHE B 101 47.75 -29.31 22.44
CA PHE B 101 46.41 -29.88 22.59
C PHE B 101 45.67 -29.16 23.71
N PHE B 102 44.37 -29.00 23.54
CA PHE B 102 43.58 -28.26 24.52
C PHE B 102 42.91 -29.12 25.58
N ASP B 103 42.94 -30.44 25.38
CA ASP B 103 42.34 -31.36 26.35
C ASP B 103 43.21 -32.59 26.53
N ALA B 104 43.42 -32.99 27.78
CA ALA B 104 44.26 -34.15 28.10
C ALA B 104 43.70 -35.43 27.49
N ARG B 105 42.38 -35.45 27.28
CA ARG B 105 41.75 -36.63 26.70
C ARG B 105 42.05 -36.78 25.22
N ASP B 106 42.81 -35.84 24.67
CA ASP B 106 43.18 -35.85 23.26
C ASP B 106 44.49 -36.60 23.00
N LEU B 107 45.31 -36.77 24.04
CA LEU B 107 46.59 -37.45 23.90
C LEU B 107 46.53 -38.81 23.21
N PRO B 108 45.49 -39.61 23.50
CA PRO B 108 45.39 -40.92 22.85
C PRO B 108 45.25 -40.84 21.32
N THR B 109 44.47 -39.90 20.82
CA THR B 109 44.30 -39.67 19.37
C THR B 109 45.57 -39.16 18.77
N ILE B 110 46.16 -38.23 19.46
CA ILE B 110 47.39 -37.57 18.98
C ILE B 110 48.53 -38.57 18.86
N SER B 111 48.60 -39.51 19.80
CA SER B 111 49.63 -40.55 19.81
C SER B 111 49.40 -41.52 18.65
N ALA B 112 48.16 -41.96 18.52
CA ALA B 112 47.75 -42.89 17.48
C ALA B 112 47.82 -42.31 16.07
N GLN B 113 47.52 -41.02 15.94
CA GLN B 113 47.55 -40.32 14.65
C GLN B 113 48.94 -39.86 14.28
N HIS B 114 49.89 -40.06 15.18
CA HIS B 114 51.28 -39.65 14.95
C HIS B 114 51.39 -38.14 14.70
N PHE B 115 50.73 -37.36 15.57
CA PHE B 115 50.75 -35.91 15.51
C PHE B 115 51.86 -35.46 16.45
N HIS B 116 52.62 -34.46 16.04
CA HIS B 116 53.67 -33.93 16.88
C HIS B 116 53.06 -32.72 17.55
N THR B 117 53.44 -32.47 18.79
CA THR B 117 52.81 -31.38 19.49
C THR B 117 53.75 -30.44 20.23
N ALA B 118 53.28 -29.21 20.41
CA ALA B 118 53.99 -28.20 21.16
C ALA B 118 53.49 -28.40 22.57
N VAL B 119 54.25 -27.98 23.55
CA VAL B 119 53.84 -28.11 24.96
C VAL B 119 54.23 -26.80 25.59
N HIS B 120 53.24 -26.00 26.01
CA HIS B 120 53.52 -24.69 26.59
C HIS B 120 53.03 -24.46 28.01
N ASN B 121 52.18 -25.32 28.51
CA ASN B 121 51.67 -25.17 29.83
C ASN B 121 51.78 -26.42 30.62
N GLU B 122 51.25 -26.40 31.83
CA GLU B 122 51.48 -27.37 32.86
C GLU B 122 50.45 -28.43 32.75
N GLU B 123 49.27 -28.01 32.35
CA GLU B 123 48.18 -28.86 31.98
C GLU B 123 48.55 -29.84 30.90
N GLN B 124 49.24 -29.37 29.88
CA GLN B 124 49.74 -30.26 28.84
C GLN B 124 50.85 -31.19 29.35
N LEU B 125 51.79 -30.64 30.11
CA LEU B 125 52.90 -31.42 30.66
C LEU B 125 52.41 -32.48 31.66
N ALA B 126 51.54 -32.07 32.58
CA ALA B 126 50.99 -32.98 33.57
C ALA B 126 50.19 -34.05 32.86
N ALA B 127 49.51 -33.70 31.79
CA ALA B 127 48.83 -34.71 30.99
C ALA B 127 49.74 -35.77 30.42
N LEU B 128 50.91 -35.38 29.99
CA LEU B 128 51.84 -36.27 29.41
C LEU B 128 52.49 -37.15 30.46
N GLU B 129 52.74 -36.58 31.61
CA GLU B 129 53.20 -37.29 32.73
C GLU B 129 52.35 -38.44 33.22
N GLU B 130 51.04 -38.29 33.21
CA GLU B 130 50.22 -39.36 33.73
C GLU B 130 49.33 -40.10 32.75
N ALA B 131 49.46 -39.78 31.47
CA ALA B 131 48.66 -40.47 30.47
C ALA B 131 49.23 -41.86 30.33
N SER B 132 48.40 -42.74 29.80
CA SER B 132 48.76 -44.05 29.35
C SER B 132 48.60 -44.21 27.84
N LEU B 133 49.69 -44.22 27.08
CA LEU B 133 49.56 -44.27 25.64
C LEU B 133 50.27 -45.50 25.08
N ASP B 134 49.76 -46.01 23.96
CA ASP B 134 50.36 -47.17 23.33
C ASP B 134 51.70 -46.78 22.68
N GLU B 135 51.87 -45.51 22.35
CA GLU B 135 53.10 -45.01 21.75
C GLU B 135 53.44 -43.64 22.33
N PRO B 136 54.74 -43.32 22.43
CA PRO B 136 55.13 -42.01 22.94
C PRO B 136 54.89 -40.98 21.84
N VAL B 137 54.84 -39.69 22.19
CA VAL B 137 54.58 -38.67 21.19
C VAL B 137 55.77 -37.70 21.00
N THR B 138 56.00 -37.27 19.77
CA THR B 138 57.08 -36.32 19.49
C THR B 138 56.59 -34.94 19.95
N VAL B 139 57.43 -34.26 20.70
CA VAL B 139 57.08 -32.98 21.29
C VAL B 139 58.07 -31.85 20.98
N TRP B 140 57.56 -30.63 20.94
CA TRP B 140 58.35 -29.41 20.73
C TRP B 140 57.99 -28.50 21.88
N MET B 141 58.89 -28.34 22.84
CA MET B 141 58.64 -27.45 23.97
C MET B 141 58.57 -26.02 23.43
N KCX B 142 57.47 -25.31 23.69
CA KCX B 142 57.32 -23.93 23.19
CB KCX B 142 55.86 -23.56 22.88
CG KCX B 142 55.76 -22.30 22.01
CD KCX B 142 54.34 -22.15 21.45
CE KCX B 142 54.13 -21.14 20.31
NZ KCX B 142 54.15 -19.61 20.43
C KCX B 142 57.92 -23.03 24.26
O KCX B 142 57.51 -23.04 25.42
CX KCX B 142 53.25 -18.84 19.81
OQ1 KCX B 142 52.38 -19.41 19.10
OQ2 KCX B 142 53.33 -17.61 19.96
N LEU B 143 58.92 -22.26 23.85
CA LEU B 143 59.61 -21.32 24.72
C LEU B 143 59.21 -19.88 24.37
N ASP B 144 58.81 -19.10 25.37
CA ASP B 144 58.45 -17.70 25.17
C ASP B 144 59.75 -16.90 25.23
N THR B 145 60.17 -16.42 24.07
CA THR B 145 61.40 -15.66 23.97
C THR B 145 61.17 -14.17 23.76
N GLY B 146 59.92 -13.72 23.90
CA GLY B 146 59.66 -12.31 23.72
C GLY B 146 58.28 -11.96 23.22
N MET B 147 57.64 -12.87 22.50
CA MET B 147 56.32 -12.61 21.96
C MET B 147 55.27 -12.47 23.06
N HIS B 148 55.47 -13.18 24.17
CA HIS B 148 54.56 -13.18 25.32
C HIS B 148 53.15 -13.56 24.92
N ARG B 149 53.04 -14.58 24.08
CA ARG B 149 51.74 -15.08 23.66
C ARG B 149 51.57 -16.50 24.23
N LEU B 150 52.29 -17.47 23.68
CA LEU B 150 52.26 -18.83 24.19
C LEU B 150 53.70 -19.23 24.52
N GLY B 151 53.86 -20.23 25.38
CA GLY B 151 55.20 -20.67 25.72
C GLY B 151 55.59 -20.50 27.17
N VAL B 152 56.59 -21.30 27.57
CA VAL B 152 57.12 -21.29 28.92
C VAL B 152 58.15 -20.16 29.03
N ARG B 153 58.02 -19.34 30.07
CA ARG B 153 58.93 -18.23 30.25
C ARG B 153 60.31 -18.76 30.64
N PRO B 154 61.37 -18.05 30.27
CA PRO B 154 62.76 -18.41 30.55
C PRO B 154 63.06 -18.93 31.96
N GLU B 155 62.59 -18.22 32.97
CA GLU B 155 62.85 -18.60 34.33
C GLU B 155 62.14 -19.88 34.81
N GLN B 156 61.17 -20.37 34.02
CA GLN B 156 60.44 -21.62 34.33
C GLN B 156 60.78 -22.73 33.32
N ALA B 157 61.47 -22.38 32.26
CA ALA B 157 61.81 -23.30 31.18
C ALA B 157 62.74 -24.48 31.45
N GLU B 158 63.71 -24.29 32.33
CA GLU B 158 64.67 -25.36 32.59
C GLU B 158 64.04 -26.52 33.35
N ALA B 159 63.19 -26.20 34.32
CA ALA B 159 62.52 -27.21 35.15
C ALA B 159 61.46 -27.96 34.32
N PHE B 160 60.74 -27.17 33.52
CA PHE B 160 59.68 -27.65 32.64
C PHE B 160 60.32 -28.58 31.61
N TYR B 161 61.42 -28.14 31.03
CA TYR B 161 62.13 -28.92 30.04
C TYR B 161 62.59 -30.25 30.63
N HIS B 162 63.20 -30.20 31.80
CA HIS B 162 63.66 -31.42 32.42
C HIS B 162 62.54 -32.45 32.67
N ARG B 163 61.34 -31.99 33.00
CA ARG B 163 60.25 -32.92 33.23
C ARG B 163 59.83 -33.67 31.96
N LEU B 164 60.01 -33.01 30.81
CA LEU B 164 59.68 -33.61 29.51
C LEU B 164 60.69 -34.70 29.11
N THR B 165 61.96 -34.57 29.51
CA THR B 165 62.93 -35.59 29.18
C THR B 165 62.75 -36.82 30.08
N GLN B 166 61.93 -36.69 31.11
CA GLN B 166 61.67 -37.80 32.03
C GLN B 166 60.35 -38.50 31.74
N CYS B 167 59.68 -38.06 30.70
CA CYS B 167 58.47 -38.70 30.28
C CYS B 167 58.77 -39.83 29.41
N LYS B 168 58.22 -40.98 29.75
CA LYS B 168 58.17 -42.10 28.84
C LYS B 168 57.05 -42.02 27.81
N ASN B 169 56.15 -41.09 28.02
CA ASN B 169 55.18 -40.70 27.03
C ASN B 169 55.63 -39.74 25.95
N VAL B 170 56.81 -39.19 26.09
CA VAL B 170 57.45 -38.26 25.16
C VAL B 170 58.62 -38.97 24.51
N ARG B 171 58.60 -39.00 23.19
CA ARG B 171 59.68 -39.48 22.39
C ARG B 171 60.92 -38.61 22.49
N GLN B 172 61.98 -39.13 23.03
CA GLN B 172 63.21 -38.32 23.12
C GLN B 172 63.97 -38.20 21.79
N PRO B 173 64.68 -37.07 21.57
CA PRO B 173 64.83 -35.93 22.47
C PRO B 173 63.68 -34.92 22.42
N VAL B 174 63.63 -34.03 23.42
CA VAL B 174 62.61 -33.00 23.42
C VAL B 174 63.09 -31.91 22.46
N ASN B 175 62.26 -31.53 21.50
CA ASN B 175 62.63 -30.50 20.55
C ASN B 175 62.23 -29.13 21.12
N ILE B 176 62.81 -28.06 20.59
CA ILE B 176 62.53 -26.73 21.11
C ILE B 176 62.05 -25.77 20.01
N VAL B 177 60.89 -25.18 20.23
CA VAL B 177 60.29 -24.25 19.27
C VAL B 177 59.98 -22.87 19.88
N SER B 178 60.00 -21.84 19.04
CA SER B 178 59.69 -20.49 19.49
C SER B 178 59.25 -19.68 18.27
N HIS B 179 58.75 -18.47 18.48
CA HIS B 179 58.25 -17.66 17.38
C HIS B 179 58.61 -16.19 17.57
N PHE B 180 58.91 -15.51 16.46
CA PHE B 180 59.26 -14.09 16.45
C PHE B 180 58.02 -13.17 16.48
N ALA B 181 58.13 -12.06 17.20
CA ALA B 181 57.03 -11.10 17.31
C ALA B 181 57.18 -9.91 16.35
N ARG B 182 58.41 -9.61 15.95
CA ARG B 182 58.70 -8.46 15.08
C ARG B 182 59.86 -8.71 14.11
N ALA B 183 59.87 -9.86 13.46
CA ALA B 183 60.94 -10.19 12.51
C ALA B 183 60.87 -9.33 11.25
N ASP B 184 59.70 -8.73 11.01
CA ASP B 184 59.51 -7.88 9.85
C ASP B 184 59.97 -6.44 10.10
N GLU B 185 60.60 -6.21 11.25
CA GLU B 185 61.12 -4.89 11.65
C GLU B 185 62.59 -5.05 11.99
N PRO B 186 63.43 -5.27 10.99
CA PRO B 186 64.87 -5.46 11.16
C PRO B 186 65.65 -4.39 11.93
N LYS B 187 65.10 -3.20 12.05
CA LYS B 187 65.77 -2.11 12.74
C LYS B 187 65.55 -2.02 14.26
N CYS B 188 64.58 -2.75 14.78
CA CYS B 188 64.46 -2.79 16.24
C CYS B 188 65.18 -4.06 16.67
N GLY B 189 65.77 -4.05 17.87
CA GLY B 189 66.48 -5.25 18.28
C GLY B 189 65.65 -6.36 18.87
N ALA B 190 64.37 -6.45 18.59
CA ALA B 190 63.57 -7.43 19.25
C ALA B 190 63.95 -8.86 18.89
N THR B 191 64.25 -9.07 17.62
CA THR B 191 64.57 -10.36 17.09
C THR B 191 65.89 -10.92 17.55
N GLU B 192 66.81 -10.05 17.89
CA GLU B 192 68.14 -10.47 18.22
C GLU B 192 68.13 -10.76 19.67
N LYS B 193 67.12 -10.24 20.32
CA LYS B 193 66.92 -10.47 21.73
C LYS B 193 66.23 -11.79 21.94
N GLN B 194 65.32 -12.14 21.05
CA GLN B 194 64.63 -13.42 21.14
C GLN B 194 65.63 -14.53 20.78
N LEU B 195 66.44 -14.26 19.77
CA LEU B 195 67.44 -15.19 19.30
C LEU B 195 68.46 -15.41 20.42
N ALA B 196 68.82 -14.34 21.12
CA ALA B 196 69.77 -14.44 22.23
C ALA B 196 69.21 -15.34 23.31
N ILE B 197 67.94 -15.16 23.66
CA ILE B 197 67.28 -15.97 24.66
C ILE B 197 67.11 -17.42 24.17
N PHE B 198 66.74 -17.59 22.91
CA PHE B 198 66.56 -18.91 22.33
C PHE B 198 67.86 -19.69 22.38
N ASN B 199 68.93 -19.06 21.92
CA ASN B 199 70.25 -19.67 21.90
C ASN B 199 70.77 -20.05 23.28
N THR B 200 70.54 -19.19 24.28
CA THR B 200 71.00 -19.49 25.64
C THR B 200 70.33 -20.75 26.18
N PHE B 201 69.03 -20.90 25.96
CA PHE B 201 68.31 -22.06 26.47
C PHE B 201 68.65 -23.37 25.75
N CYS B 202 68.99 -23.29 24.48
CA CYS B 202 69.30 -24.46 23.73
C CYS B 202 70.70 -24.97 23.95
N GLU B 203 71.65 -24.12 24.27
CA GLU B 203 72.98 -24.56 24.68
C GLU B 203 73.04 -25.93 25.38
N GLY B 204 73.74 -26.90 24.79
CA GLY B 204 73.90 -28.20 25.40
C GLY B 204 72.74 -29.17 25.32
N LYS B 205 71.77 -28.86 24.47
CA LYS B 205 70.59 -29.70 24.36
C LYS B 205 70.45 -30.42 23.03
N PRO B 206 69.79 -31.57 23.04
CA PRO B 206 69.97 -32.59 22.01
C PRO B 206 68.93 -32.65 20.88
N GLY B 207 67.89 -31.83 20.98
CA GLY B 207 66.80 -31.91 20.05
C GLY B 207 66.85 -30.87 18.95
N GLN B 208 65.87 -30.91 18.08
CA GLN B 208 65.73 -29.97 17.01
C GLN B 208 65.33 -28.61 17.46
N ARG B 209 65.81 -27.60 16.76
CA ARG B 209 65.48 -26.23 17.05
C ARG B 209 64.69 -25.53 15.95
N SER B 210 63.69 -24.76 16.32
CA SER B 210 62.90 -24.04 15.33
C SER B 210 62.31 -22.75 15.87
N ILE B 211 62.55 -21.64 15.20
CA ILE B 211 62.02 -20.36 15.65
C ILE B 211 61.55 -19.50 14.48
N ALA B 212 62.03 -19.78 13.29
CA ALA B 212 61.70 -19.00 12.10
C ALA B 212 60.49 -19.38 11.26
N ALA B 213 59.69 -18.37 10.93
CA ALA B 213 58.49 -18.49 10.08
C ALA B 213 58.89 -17.70 8.83
N SER B 214 57.92 -17.17 8.09
CA SER B 214 58.24 -16.42 6.86
C SER B 214 59.31 -15.31 6.99
N GLY B 215 59.11 -14.39 7.93
CA GLY B 215 60.05 -13.31 8.16
C GLY B 215 61.43 -13.80 8.52
N GLY B 216 61.53 -14.67 9.52
CA GLY B 216 62.81 -15.20 9.94
C GLY B 216 63.56 -15.88 8.81
N ILE B 217 62.83 -16.58 7.95
CA ILE B 217 63.41 -17.28 6.81
C ILE B 217 64.05 -16.33 5.80
N LEU B 218 63.32 -15.27 5.44
CA LEU B 218 63.78 -14.30 4.45
C LEU B 218 64.76 -13.25 4.96
N LEU B 219 64.57 -12.77 6.18
CA LEU B 219 65.47 -11.74 6.68
C LEU B 219 66.53 -12.16 7.70
N TRP B 220 66.36 -13.32 8.31
CA TRP B 220 67.30 -13.76 9.33
C TRP B 220 67.82 -15.18 9.13
N PRO B 221 68.89 -15.34 8.31
CA PRO B 221 69.47 -16.66 8.06
C PRO B 221 70.08 -17.35 9.30
N GLN B 222 70.44 -16.59 10.32
CA GLN B 222 70.87 -17.15 11.59
C GLN B 222 69.79 -17.72 12.50
N SER B 223 68.55 -17.63 12.06
CA SER B 223 67.42 -18.23 12.76
C SER B 223 66.82 -19.45 12.07
N HIS B 224 67.44 -19.91 10.99
CA HIS B 224 66.94 -21.06 10.24
C HIS B 224 67.00 -22.35 11.05
N PHE B 225 68.13 -22.58 11.71
CA PHE B 225 68.35 -23.77 12.50
C PHE B 225 67.95 -25.07 11.80
N ASP B 226 67.30 -25.97 12.52
CA ASP B 226 66.91 -27.26 11.97
C ASP B 226 65.63 -27.25 11.15
N TRP B 227 64.64 -26.52 11.61
CA TRP B 227 63.37 -26.44 10.92
C TRP B 227 62.86 -25.01 10.84
N VAL B 228 62.35 -24.65 9.67
CA VAL B 228 61.78 -23.34 9.44
C VAL B 228 60.29 -23.61 9.15
N ARG B 229 59.42 -22.66 9.48
CA ARG B 229 57.99 -22.85 9.30
C ARG B 229 57.37 -21.83 8.35
N PRO B 230 57.51 -22.06 7.03
CA PRO B 230 56.92 -21.10 6.09
C PRO B 230 55.41 -21.10 6.05
N GLY B 231 54.83 -19.91 6.18
CA GLY B 231 53.40 -19.79 6.14
C GLY B 231 53.05 -18.91 4.95
N ILE B 232 52.84 -17.63 5.22
CA ILE B 232 52.42 -16.70 4.17
C ILE B 232 53.25 -16.71 2.89
N ILE B 233 54.57 -16.74 3.01
CA ILE B 233 55.49 -16.75 1.87
C ILE B 233 55.40 -18.01 1.02
N LEU B 234 54.81 -19.03 1.57
CA LEU B 234 54.62 -20.31 0.88
C LEU B 234 53.58 -20.10 -0.20
N TYR B 235 52.69 -19.13 0.03
CA TYR B 235 51.62 -18.81 -0.91
C TYR B 235 51.99 -17.66 -1.81
N GLY B 236 53.28 -17.30 -1.81
CA GLY B 236 53.77 -16.25 -2.65
C GLY B 236 53.38 -14.84 -2.28
N VAL B 237 53.17 -14.61 -0.99
CA VAL B 237 52.79 -13.30 -0.47
C VAL B 237 53.83 -12.87 0.58
N SER B 238 54.27 -11.62 0.52
CA SER B 238 55.27 -11.09 1.45
C SER B 238 54.70 -10.84 2.83
N PRO B 239 55.49 -11.23 3.83
CA PRO B 239 55.20 -11.06 5.24
C PRO B 239 55.30 -9.65 5.73
N LEU B 240 56.07 -8.85 5.03
CA LEU B 240 56.45 -7.54 5.47
C LEU B 240 55.49 -6.55 4.90
N PRO B 241 55.52 -5.40 5.54
CA PRO B 241 54.43 -4.44 5.60
C PRO B 241 54.78 -3.22 4.77
N ASP B 242 56.05 -3.24 4.38
CA ASP B 242 56.63 -2.34 3.41
C ASP B 242 55.84 -2.83 2.20
N ARG B 243 56.20 -2.44 1.00
CA ARG B 243 55.42 -2.76 -0.18
C ARG B 243 55.88 -3.89 -1.09
N SER B 244 56.63 -4.82 -0.54
CA SER B 244 57.37 -5.80 -1.33
C SER B 244 56.33 -6.90 -1.55
N THR B 245 56.55 -7.76 -2.54
CA THR B 245 55.62 -8.85 -2.82
C THR B 245 56.34 -10.19 -2.75
N GLY B 246 55.63 -11.29 -2.98
CA GLY B 246 56.28 -12.59 -2.95
C GLY B 246 57.34 -12.73 -4.02
N ALA B 247 57.17 -12.01 -5.13
CA ALA B 247 58.08 -12.01 -6.27
C ALA B 247 59.42 -11.36 -5.93
N ASP B 248 59.48 -10.63 -4.82
CA ASP B 248 60.69 -9.97 -4.35
C ASP B 248 61.62 -11.03 -3.82
N PHE B 249 61.08 -12.21 -3.56
CA PHE B 249 61.85 -13.33 -3.05
C PHE B 249 61.80 -14.55 -3.96
N GLY B 250 61.30 -14.35 -5.17
CA GLY B 250 61.21 -15.43 -6.12
C GLY B 250 60.06 -16.36 -5.88
N CYS B 251 59.10 -15.92 -5.07
CA CYS B 251 57.93 -16.74 -4.79
C CYS B 251 56.76 -16.26 -5.63
N GLN B 252 56.02 -17.21 -6.20
CA GLN B 252 54.89 -16.92 -7.05
C GLN B 252 53.54 -16.97 -6.33
N PRO B 253 52.68 -15.97 -6.58
CA PRO B 253 51.35 -15.89 -5.97
C PRO B 253 50.48 -17.11 -6.34
N VAL B 254 49.85 -17.70 -5.34
CA VAL B 254 49.06 -18.90 -5.54
C VAL B 254 47.58 -18.64 -5.72
N MET B 255 47.09 -17.63 -5.03
CA MET B 255 45.66 -17.29 -5.07
C MET B 255 45.26 -16.13 -5.97
N SER B 256 44.10 -16.28 -6.59
CA SER B 256 43.51 -15.26 -7.42
C SER B 256 42.05 -15.18 -6.99
N LEU B 257 41.64 -14.04 -6.47
CA LEU B 257 40.26 -13.87 -6.06
C LEU B 257 39.57 -13.29 -7.29
N THR B 258 38.67 -14.07 -7.89
CA THR B 258 37.98 -13.65 -9.11
C THR B 258 36.44 -13.67 -9.03
N SER B 259 35.82 -13.02 -10.00
CA SER B 259 34.37 -12.96 -10.09
C SER B 259 34.00 -12.48 -11.50
N SER B 260 32.79 -11.94 -11.65
CA SER B 260 32.30 -11.44 -12.93
C SER B 260 31.39 -10.24 -12.72
N LEU B 261 31.18 -9.48 -13.77
CA LEU B 261 30.29 -8.33 -13.69
C LEU B 261 28.87 -8.88 -13.87
N ILE B 262 27.93 -8.32 -13.10
CA ILE B 262 26.55 -8.75 -13.21
C ILE B 262 25.69 -7.60 -13.76
N ALA B 263 26.33 -6.48 -14.08
CA ALA B 263 25.67 -5.31 -14.64
C ALA B 263 26.63 -4.18 -15.04
N VAL B 264 26.28 -3.49 -16.12
CA VAL B 264 27.03 -2.35 -16.63
C VAL B 264 25.91 -1.33 -16.91
N ARG B 265 25.89 -0.27 -16.10
CA ARG B 265 24.83 0.73 -16.14
C ARG B 265 25.32 2.15 -16.43
N GLU B 266 24.43 2.97 -16.95
CA GLU B 266 24.74 4.37 -17.23
C GLU B 266 24.67 5.11 -15.88
N HIS B 267 25.47 6.15 -15.73
CA HIS B 267 25.50 6.91 -14.51
C HIS B 267 25.73 8.36 -14.91
N LYS B 268 25.25 9.34 -14.14
CA LYS B 268 25.48 10.73 -14.47
C LYS B 268 26.23 11.55 -13.44
N ALA B 269 26.82 12.62 -13.90
CA ALA B 269 27.54 13.57 -13.07
C ALA B 269 26.68 14.04 -11.90
N GLY B 270 27.32 14.16 -10.73
CA GLY B 270 26.63 14.59 -9.53
C GLY B 270 25.88 13.50 -8.78
N GLU B 271 25.76 12.32 -9.38
CA GLU B 271 25.05 11.19 -8.77
C GLU B 271 25.95 10.31 -7.92
N PRO B 272 25.49 9.98 -6.69
CA PRO B 272 26.22 9.14 -5.74
C PRO B 272 26.05 7.65 -6.03
N VAL B 273 26.89 6.83 -5.39
CA VAL B 273 26.82 5.40 -5.58
C VAL B 273 26.98 4.66 -4.26
N GLY B 274 26.15 3.64 -4.08
CA GLY B 274 26.19 2.81 -2.90
C GLY B 274 25.60 3.40 -1.63
N TYR B 275 25.68 2.60 -0.56
CA TYR B 275 25.19 2.97 0.76
C TYR B 275 25.91 4.20 1.32
N GLY B 276 25.15 5.08 1.94
CA GLY B 276 25.74 6.27 2.51
C GLY B 276 26.14 7.34 1.49
N GLY B 277 25.88 7.10 0.22
CA GLY B 277 26.24 8.06 -0.82
C GLY B 277 27.71 8.45 -0.73
N THR B 278 28.54 7.49 -0.35
CA THR B 278 30.00 7.62 -0.18
C THR B 278 30.79 8.24 -1.34
N TRP B 279 30.38 7.95 -2.57
CA TRP B 279 31.07 8.43 -3.74
C TRP B 279 30.10 9.15 -4.67
N VAL B 280 30.51 10.31 -5.18
CA VAL B 280 29.68 11.07 -6.12
C VAL B 280 30.48 11.30 -7.39
N SER B 281 29.88 10.99 -8.54
CA SER B 281 30.58 11.14 -9.81
C SER B 281 30.65 12.57 -10.33
N GLU B 282 31.77 12.95 -10.92
CA GLU B 282 31.90 14.23 -11.56
C GLU B 282 31.82 14.21 -13.08
N ARG B 283 31.80 13.06 -13.69
CA ARG B 283 31.30 12.91 -15.03
C ARG B 283 30.05 12.06 -15.15
N ASP B 284 29.47 12.01 -16.34
CA ASP B 284 28.68 10.91 -16.80
C ASP B 284 29.57 9.76 -17.11
N THR B 285 29.20 8.54 -16.75
CA THR B 285 30.09 7.40 -16.93
C THR B 285 29.25 6.15 -16.94
N ARG B 286 29.92 5.01 -16.95
CA ARG B 286 29.26 3.71 -16.89
C ARG B 286 29.86 2.98 -15.69
N LEU B 287 28.97 2.41 -14.87
CA LEU B 287 29.37 1.68 -13.69
C LEU B 287 29.22 0.18 -13.89
N GLY B 288 30.17 -0.58 -13.37
CA GLY B 288 30.11 -2.02 -13.46
C GLY B 288 29.80 -2.53 -12.06
N VAL B 289 29.02 -3.61 -11.96
CA VAL B 289 28.68 -4.19 -10.66
C VAL B 289 29.29 -5.59 -10.63
N VAL B 290 30.12 -5.83 -9.61
CA VAL B 290 30.80 -7.11 -9.45
C VAL B 290 30.10 -8.02 -8.45
N ALA B 291 30.07 -9.31 -8.78
CA ALA B 291 29.48 -10.30 -7.90
C ALA B 291 30.54 -10.65 -6.85
N MET B 292 30.82 -9.68 -5.98
CA MET B 292 31.80 -9.81 -4.91
C MET B 292 31.49 -8.80 -3.82
N GLY B 293 31.54 -9.23 -2.56
CA GLY B 293 31.28 -8.35 -1.44
C GLY B 293 31.95 -8.92 -0.21
N TYR B 294 31.66 -8.36 0.98
CA TYR B 294 32.28 -8.88 2.21
C TYR B 294 31.59 -10.17 2.71
N GLY B 295 30.49 -10.56 2.07
CA GLY B 295 29.80 -11.79 2.44
C GLY B 295 30.59 -12.92 1.84
N ASP B 296 31.60 -12.55 1.06
CA ASP B 296 32.52 -13.49 0.38
C ASP B 296 33.89 -13.40 1.02
N GLY B 297 34.12 -12.28 1.71
CA GLY B 297 35.40 -12.07 2.35
C GLY B 297 36.12 -10.82 1.88
N TYR B 298 35.58 -10.11 0.90
CA TYR B 298 36.22 -8.89 0.42
C TYR B 298 36.02 -7.77 1.46
N PRO B 299 37.12 -7.08 1.86
CA PRO B 299 37.02 -6.02 2.85
C PRO B 299 36.02 -4.90 2.62
N ARG B 300 35.08 -4.76 3.51
CA ARG B 300 34.13 -3.68 3.45
C ARG B 300 34.79 -2.34 3.72
N ALA B 301 36.02 -2.36 4.19
CA ALA B 301 36.82 -1.16 4.39
C ALA B 301 37.44 -0.60 3.13
N ALA B 302 37.42 -1.37 2.04
CA ALA B 302 37.99 -0.94 0.77
C ALA B 302 37.46 0.44 0.37
N PRO B 303 38.37 1.45 0.28
CA PRO B 303 37.97 2.81 -0.09
C PRO B 303 37.78 2.97 -1.60
N SER B 304 37.00 3.97 -2.00
CA SER B 304 36.77 4.23 -3.42
C SER B 304 38.17 4.44 -4.02
N GLY B 305 38.38 3.96 -5.23
CA GLY B 305 39.69 4.12 -5.81
C GLY B 305 40.53 2.87 -5.73
N THR B 306 40.16 1.94 -4.83
CA THR B 306 40.91 0.69 -4.71
C THR B 306 40.87 0.02 -6.09
N PRO B 307 41.98 -0.54 -6.54
CA PRO B 307 42.04 -1.19 -7.86
C PRO B 307 41.36 -2.53 -7.97
N VAL B 308 40.72 -2.74 -9.10
CA VAL B 308 40.09 -4.01 -9.52
C VAL B 308 40.41 -4.18 -11.02
N LEU B 309 40.65 -5.40 -11.46
CA LEU B 309 40.82 -5.62 -12.88
C LEU B 309 39.54 -6.11 -13.56
N VAL B 310 39.11 -5.36 -14.57
CA VAL B 310 37.93 -5.70 -15.35
C VAL B 310 38.44 -5.91 -16.77
N ASN B 311 38.27 -7.13 -17.29
CA ASN B 311 38.74 -7.48 -18.62
C ASN B 311 40.23 -7.19 -18.71
N GLY B 312 40.95 -7.50 -17.62
CA GLY B 312 42.39 -7.28 -17.54
C GLY B 312 42.84 -5.84 -17.58
N ARG B 313 41.95 -4.93 -17.24
CA ARG B 313 42.21 -3.51 -17.24
C ARG B 313 41.77 -2.99 -15.87
N GLU B 314 42.65 -2.23 -15.24
CA GLU B 314 42.37 -1.69 -13.91
C GLU B 314 41.35 -0.54 -13.84
N VAL B 315 40.34 -0.71 -13.00
CA VAL B 315 39.30 0.29 -12.78
C VAL B 315 39.14 0.47 -11.26
N PRO B 316 38.70 1.66 -10.82
CA PRO B 316 38.55 1.90 -9.38
C PRO B 316 37.21 1.55 -8.81
N ILE B 317 37.20 1.16 -7.54
CA ILE B 317 36.00 0.88 -6.82
C ILE B 317 35.41 2.21 -6.45
N VAL B 318 34.11 2.37 -6.65
CA VAL B 318 33.45 3.62 -6.34
C VAL B 318 32.28 3.30 -5.41
N GLY B 319 32.28 3.93 -4.25
CA GLY B 319 31.22 3.68 -3.31
C GLY B 319 31.61 2.56 -2.34
N ARG B 320 30.78 2.37 -1.35
CA ARG B 320 30.92 1.35 -0.34
C ARG B 320 30.84 -0.02 -0.90
N VAL B 321 31.66 -0.89 -0.34
CA VAL B 321 31.61 -2.31 -0.69
C VAL B 321 30.45 -2.90 0.10
N ALA B 322 29.50 -3.54 -0.59
CA ALA B 322 28.35 -4.14 0.07
C ALA B 322 28.60 -5.60 0.36
N MET B 323 27.63 -6.27 0.96
CA MET B 323 27.76 -7.67 1.34
C MET B 323 27.96 -8.58 0.13
N ASP B 324 27.29 -8.28 -0.97
CA ASP B 324 27.36 -9.11 -2.18
C ASP B 324 27.82 -8.41 -3.45
N MET B 325 27.93 -7.08 -3.43
CA MET B 325 28.32 -6.37 -4.64
C MET B 325 29.34 -5.26 -4.42
N ILE B 326 30.03 -4.95 -5.52
CA ILE B 326 31.04 -3.90 -5.57
C ILE B 326 30.87 -3.17 -6.91
N CYS B 327 30.79 -1.84 -6.85
CA CYS B 327 30.67 -1.03 -8.06
C CYS B 327 32.02 -0.48 -8.46
N VAL B 328 32.28 -0.42 -9.77
CA VAL B 328 33.53 0.12 -10.29
C VAL B 328 33.22 1.12 -11.40
N ASP B 329 34.11 2.09 -11.59
CA ASP B 329 33.93 3.10 -12.62
C ASP B 329 34.64 2.64 -13.89
N LEU B 330 33.86 2.36 -14.93
CA LEU B 330 34.39 1.87 -16.20
C LEU B 330 34.68 2.97 -17.24
N GLY B 331 33.84 4.01 -17.27
CA GLY B 331 33.99 5.09 -18.21
C GLY B 331 32.74 5.22 -19.06
N PRO B 332 32.61 6.38 -19.69
CA PRO B 332 31.43 6.82 -20.37
C PRO B 332 30.99 5.95 -21.51
N GLN B 333 31.87 5.17 -22.08
CA GLN B 333 31.76 4.81 -23.46
C GLN B 333 32.34 3.40 -23.54
N ALA B 334 32.52 2.82 -22.38
CA ALA B 334 33.32 1.65 -22.19
C ALA B 334 32.57 0.43 -22.55
N GLN B 335 33.25 -0.55 -23.11
CA GLN B 335 32.54 -1.63 -23.73
C GLN B 335 32.47 -2.88 -22.89
N ASP B 336 32.59 -2.76 -21.56
CA ASP B 336 32.59 -3.96 -20.72
C ASP B 336 31.12 -4.32 -20.60
N LYS B 337 30.81 -5.57 -20.30
CA LYS B 337 29.41 -5.95 -20.16
C LYS B 337 29.21 -7.03 -19.11
N ALA B 338 27.97 -7.18 -18.67
CA ALA B 338 27.63 -8.18 -17.68
C ALA B 338 28.19 -9.52 -18.16
N GLY B 339 28.85 -10.24 -17.25
CA GLY B 339 29.41 -11.54 -17.58
C GLY B 339 30.91 -11.52 -17.74
N ASP B 340 31.47 -10.34 -17.98
CA ASP B 340 32.91 -10.21 -18.18
C ASP B 340 33.73 -10.50 -16.93
N PRO B 341 34.93 -11.08 -17.10
CA PRO B 341 35.85 -11.44 -16.01
C PRO B 341 36.39 -10.29 -15.17
N VAL B 342 36.38 -10.49 -13.85
CA VAL B 342 36.88 -9.50 -12.90
C VAL B 342 37.92 -10.18 -11.99
N ILE B 343 39.01 -9.48 -11.69
CA ILE B 343 40.05 -10.00 -10.79
C ILE B 343 40.18 -9.04 -9.62
N LEU B 344 39.87 -9.51 -8.41
CA LEU B 344 39.97 -8.68 -7.21
C LEU B 344 41.45 -8.59 -6.81
N TRP B 345 42.16 -9.69 -7.04
CA TRP B 345 43.59 -9.77 -6.83
C TRP B 345 44.09 -11.08 -7.37
N GLY B 346 45.28 -11.09 -7.94
CA GLY B 346 45.76 -12.20 -8.75
C GLY B 346 46.77 -11.86 -9.81
N GLU B 347 46.54 -12.33 -11.02
CA GLU B 347 47.52 -12.20 -12.05
C GLU B 347 47.94 -10.76 -12.30
N GLY B 348 47.01 -9.85 -12.45
CA GLY B 348 47.45 -8.53 -12.80
C GLY B 348 47.65 -7.66 -11.59
N LEU B 349 47.49 -8.25 -10.44
CA LEU B 349 47.22 -7.43 -9.27
C LEU B 349 47.49 -8.15 -7.93
N PRO B 350 48.74 -8.07 -7.42
CA PRO B 350 49.14 -8.71 -6.17
C PRO B 350 48.26 -8.32 -4.97
N VAL B 351 47.98 -9.28 -4.10
CA VAL B 351 47.17 -8.99 -2.93
C VAL B 351 47.86 -7.91 -2.07
N GLU B 352 49.19 -7.76 -2.20
CA GLU B 352 49.93 -6.76 -1.44
C GLU B 352 49.57 -5.33 -1.88
N ARG B 353 49.22 -5.15 -3.13
CA ARG B 353 48.77 -3.87 -3.62
C ARG B 353 47.40 -3.52 -3.07
N ILE B 354 46.57 -4.53 -2.96
CA ILE B 354 45.25 -4.35 -2.37
C ILE B 354 45.33 -4.09 -0.88
N ALA B 355 46.38 -4.53 -0.25
CA ALA B 355 46.56 -4.38 1.18
C ALA B 355 46.98 -2.97 1.51
N GLU B 356 47.85 -2.45 0.69
CA GLU B 356 48.26 -1.06 0.73
C GLU B 356 47.13 -0.06 0.49
N MET B 357 46.32 -0.33 -0.54
CA MET B 357 45.20 0.53 -0.91
C MET B 357 44.07 0.45 0.12
N THR B 358 43.92 -0.71 0.73
CA THR B 358 42.88 -1.05 1.68
C THR B 358 43.29 -0.84 3.11
N LYS B 359 44.61 -0.80 3.33
CA LYS B 359 45.23 -0.75 4.65
C LYS B 359 44.88 -1.97 5.50
N VAL B 360 44.51 -3.05 4.82
CA VAL B 360 44.17 -4.32 5.45
C VAL B 360 45.36 -5.25 5.24
N SER B 361 45.77 -5.98 6.28
CA SER B 361 46.90 -6.91 6.17
C SER B 361 46.67 -8.00 5.11
N ALA B 362 47.71 -8.30 4.32
CA ALA B 362 47.61 -9.34 3.30
C ALA B 362 47.27 -10.68 3.94
N TYR B 363 47.69 -10.87 5.19
CA TYR B 363 47.42 -12.09 5.97
C TYR B 363 45.91 -12.27 6.14
N GLU B 364 45.24 -11.19 6.44
CA GLU B 364 43.83 -11.23 6.66
C GLU B 364 43.04 -11.22 5.39
N LEU B 365 43.49 -10.51 4.37
CA LEU B 365 42.84 -10.50 3.06
C LEU B 365 42.67 -11.90 2.46
N ILE B 366 43.76 -12.65 2.39
CA ILE B 366 43.71 -13.99 1.82
C ILE B 366 43.07 -15.04 2.73
N THR B 367 43.08 -14.80 4.04
CA THR B 367 42.54 -15.76 5.00
C THR B 367 41.09 -15.55 5.45
N ARG B 368 40.66 -14.30 5.68
CA ARG B 368 39.29 -14.11 6.15
C ARG B 368 38.23 -14.09 5.03
N LEU B 369 38.13 -15.20 4.31
CA LEU B 369 37.14 -15.35 3.25
C LEU B 369 36.08 -16.34 3.75
N THR B 370 34.87 -16.22 3.23
CA THR B 370 33.78 -17.09 3.64
C THR B 370 33.58 -18.32 2.77
N SER B 371 32.73 -19.22 3.23
CA SER B 371 32.45 -20.47 2.52
C SER B 371 31.62 -20.28 1.24
N ARG B 372 31.33 -19.08 0.84
CA ARG B 372 30.53 -18.94 -0.34
C ARG B 372 31.41 -18.77 -1.55
N VAL B 373 32.67 -18.49 -1.28
CA VAL B 373 33.65 -18.45 -2.35
C VAL B 373 34.00 -19.86 -2.85
N ALA B 374 33.82 -20.07 -4.15
CA ALA B 374 34.13 -21.36 -4.79
C ALA B 374 35.64 -21.54 -4.88
N MET B 375 36.08 -22.80 -4.96
CA MET B 375 37.50 -23.07 -5.02
C MET B 375 37.89 -23.79 -6.29
N LYS B 376 38.81 -23.21 -7.05
CA LYS B 376 39.36 -23.86 -8.26
C LYS B 376 40.83 -24.12 -8.09
N TYR B 377 41.31 -25.20 -8.67
CA TYR B 377 42.71 -25.58 -8.60
C TYR B 377 43.19 -25.82 -10.02
N VAL B 378 44.28 -25.15 -10.38
CA VAL B 378 44.85 -25.29 -11.71
C VAL B 378 46.29 -25.80 -11.66
N ASP B 379 46.66 -26.53 -12.70
CA ASP B 379 48.01 -27.11 -12.84
C ASP B 379 48.27 -28.22 -11.83
N ALA C 23 -43.80 7.76 -22.32
CA ALA C 23 -43.68 8.92 -21.36
C ALA C 23 -42.34 8.94 -20.65
N ALA C 24 -42.31 9.49 -19.43
CA ALA C 24 -41.09 9.59 -18.62
C ALA C 24 -40.50 8.22 -18.35
N THR C 25 -39.30 8.00 -18.89
CA THR C 25 -38.61 6.72 -18.76
C THR C 25 -37.11 6.90 -18.67
N VAL C 26 -36.49 6.06 -17.87
CA VAL C 26 -35.04 6.05 -17.71
C VAL C 26 -34.59 4.73 -18.33
N VAL C 27 -33.76 4.80 -19.35
CA VAL C 27 -33.28 3.57 -19.99
C VAL C 27 -31.86 3.34 -19.45
N ILE C 28 -31.66 2.17 -18.85
CA ILE C 28 -30.37 1.83 -18.27
C ILE C 28 -29.61 0.81 -19.14
N ASN C 29 -28.43 1.21 -19.61
CA ASN C 29 -27.60 0.35 -20.45
C ASN C 29 -26.75 -0.53 -19.52
N ARG C 30 -27.10 -1.81 -19.46
CA ARG C 30 -26.39 -2.74 -18.60
C ARG C 30 -24.98 -3.00 -19.11
N ARG C 31 -24.82 -2.79 -20.41
CA ARG C 31 -23.60 -3.10 -21.12
C ARG C 31 -22.55 -2.05 -20.84
N ALA C 32 -22.99 -0.82 -20.71
CA ALA C 32 -22.14 0.31 -20.39
C ALA C 32 -21.74 0.25 -18.91
N LEU C 33 -22.63 -0.31 -18.10
CA LEU C 33 -22.39 -0.46 -16.66
C LEU C 33 -21.22 -1.43 -16.44
N ARG C 34 -21.24 -2.57 -17.13
CA ARG C 34 -20.17 -3.57 -17.01
C ARG C 34 -18.86 -3.05 -17.56
N HIS C 35 -18.94 -2.30 -18.65
CA HIS C 35 -17.77 -1.72 -19.29
C HIS C 35 -17.06 -0.79 -18.31
N ASN C 36 -17.85 0.02 -17.61
CA ASN C 36 -17.31 0.98 -16.65
C ASN C 36 -16.65 0.35 -15.44
N LEU C 37 -17.20 -0.76 -14.94
CA LEU C 37 -16.61 -1.44 -13.78
C LEU C 37 -15.25 -1.97 -14.21
N GLN C 38 -15.20 -2.56 -15.39
CA GLN C 38 -13.96 -3.11 -15.93
C GLN C 38 -12.96 -2.01 -16.25
N ARG C 39 -13.45 -0.92 -16.83
CA ARG C 39 -12.60 0.23 -17.17
C ARG C 39 -12.00 0.84 -15.90
N LEU C 40 -12.77 0.85 -14.81
CA LEU C 40 -12.28 1.39 -13.55
C LEU C 40 -11.25 0.44 -12.92
N ARG C 41 -11.32 -0.85 -13.25
CA ARG C 41 -10.35 -1.80 -12.71
C ARG C 41 -9.02 -1.56 -13.43
N GLU C 42 -9.10 -1.02 -14.65
CA GLU C 42 -7.91 -0.70 -15.45
C GLU C 42 -7.24 0.58 -14.97
N LEU C 43 -8.02 1.48 -14.37
CA LEU C 43 -7.51 2.76 -13.87
C LEU C 43 -6.94 2.61 -12.45
N ALA C 44 -7.55 1.70 -11.67
CA ALA C 44 -7.12 1.40 -10.31
C ALA C 44 -6.85 -0.12 -10.28
N PRO C 45 -5.84 -0.59 -11.04
CA PRO C 45 -5.46 -2.01 -11.14
C PRO C 45 -5.02 -2.78 -9.89
N ALA C 46 -4.64 -2.09 -8.82
CA ALA C 46 -4.23 -2.79 -7.60
C ALA C 46 -5.23 -2.59 -6.48
N SER C 47 -6.45 -2.17 -6.80
CA SER C 47 -7.45 -1.93 -5.77
C SER C 47 -8.75 -2.68 -6.03
N LYS C 48 -9.39 -3.17 -4.97
CA LYS C 48 -10.68 -3.84 -5.12
C LYS C 48 -11.75 -2.78 -5.28
N MET C 49 -12.91 -3.21 -5.75
CA MET C 49 -13.98 -2.29 -6.07
C MET C 49 -15.21 -2.31 -5.16
N VAL C 50 -15.58 -1.13 -4.64
CA VAL C 50 -16.78 -1.02 -3.83
C VAL C 50 -17.74 -0.24 -4.72
N ALA C 51 -18.62 -0.95 -5.44
CA ALA C 51 -19.58 -0.29 -6.31
C ALA C 51 -20.59 0.45 -5.44
N VAL C 52 -20.57 1.78 -5.47
CA VAL C 52 -21.48 2.59 -4.66
C VAL C 52 -22.84 2.73 -5.37
N VAL C 53 -23.86 2.14 -4.76
CA VAL C 53 -25.22 2.13 -5.31
C VAL C 53 -26.28 2.76 -4.39
N LYS C 54 -25.86 3.72 -3.55
CA LYS C 54 -26.77 4.40 -2.64
C LYS C 54 -27.72 5.31 -3.44
N ALA C 55 -28.84 5.69 -2.81
CA ALA C 55 -29.86 6.54 -3.43
C ALA C 55 -30.40 5.92 -4.73
N ASN C 56 -30.81 4.67 -4.57
CA ASN C 56 -31.34 3.84 -5.60
C ASN C 56 -30.41 3.82 -6.82
N ALA C 57 -29.14 3.60 -6.52
CA ALA C 57 -28.02 3.49 -7.45
C ALA C 57 -27.87 4.73 -8.31
N TYR C 58 -27.96 5.88 -7.65
CA TYR C 58 -27.84 7.16 -8.34
C TYR C 58 -28.93 7.36 -9.38
N GLY C 59 -30.12 6.86 -9.10
CA GLY C 59 -31.24 6.99 -10.01
C GLY C 59 -31.31 5.91 -11.10
N HIS C 60 -30.42 4.93 -11.04
CA HIS C 60 -30.40 3.87 -12.03
C HIS C 60 -31.07 2.58 -11.58
N GLY C 61 -31.39 2.51 -10.28
CA GLY C 61 -32.05 1.33 -9.75
C GLY C 61 -31.12 0.51 -8.88
N LEU C 62 -31.34 0.55 -7.56
CA LEU C 62 -30.51 -0.16 -6.59
C LEU C 62 -30.23 -1.66 -6.90
N LEU C 63 -31.29 -2.45 -6.95
CA LEU C 63 -31.19 -3.89 -7.21
C LEU C 63 -30.73 -4.25 -8.63
N GLU C 64 -31.28 -3.58 -9.64
CA GLU C 64 -30.87 -3.87 -11.01
C GLU C 64 -29.42 -3.55 -11.29
N THR C 65 -28.94 -2.45 -10.69
CA THR C 65 -27.54 -2.06 -10.86
C THR C 65 -26.60 -3.09 -10.17
N ALA C 66 -27.06 -3.66 -9.06
CA ALA C 66 -26.26 -4.64 -8.35
C ALA C 66 -26.22 -5.92 -9.16
N ARG C 67 -27.38 -6.36 -9.67
CA ARG C 67 -27.47 -7.59 -10.48
C ARG C 67 -26.70 -7.53 -11.78
N THR C 68 -26.40 -6.33 -12.24
CA THR C 68 -25.68 -6.11 -13.48
C THR C 68 -24.16 -6.21 -13.23
N LEU C 69 -23.77 -6.11 -11.97
CA LEU C 69 -22.36 -6.15 -11.61
C LEU C 69 -21.98 -7.24 -10.62
N PRO C 70 -22.28 -8.51 -10.95
CA PRO C 70 -21.94 -9.62 -10.04
C PRO C 70 -20.43 -9.75 -9.88
N ASP C 71 -19.69 -8.91 -10.61
CA ASP C 71 -18.23 -8.91 -10.55
C ASP C 71 -17.68 -7.94 -9.49
N ALA C 72 -18.56 -7.11 -8.93
CA ALA C 72 -18.14 -6.15 -7.93
C ALA C 72 -17.68 -6.86 -6.67
N ASP C 73 -16.57 -6.38 -6.10
CA ASP C 73 -16.02 -6.97 -4.89
C ASP C 73 -16.95 -6.72 -3.69
N ALA C 74 -17.65 -5.58 -3.75
CA ALA C 74 -18.60 -5.20 -2.71
C ALA C 74 -19.51 -4.09 -3.21
N PHE C 75 -20.53 -3.78 -2.44
CA PHE C 75 -21.49 -2.73 -2.78
C PHE C 75 -21.57 -1.75 -1.61
N GLY C 76 -21.59 -0.46 -1.92
CA GLY C 76 -21.70 0.53 -0.88
C GLY C 76 -23.07 1.16 -0.88
N VAL C 77 -23.62 1.39 0.32
CA VAL C 77 -24.94 2.03 0.48
C VAL C 77 -24.85 3.05 1.60
N ALA C 78 -25.80 3.99 1.63
CA ALA C 78 -25.83 5.04 2.65
C ALA C 78 -26.49 4.54 3.92
N ARG C 79 -27.51 3.76 3.79
CA ARG C 79 -28.37 3.46 4.90
C ARG C 79 -28.62 1.98 4.85
N LEU C 80 -29.02 1.40 5.98
CA LEU C 80 -28.92 -0.04 6.17
C LEU C 80 -30.07 -0.77 5.50
N GLU C 81 -31.17 -0.06 5.34
CA GLU C 81 -32.35 -0.59 4.70
C GLU C 81 -32.37 -0.28 3.20
N GLU C 82 -31.29 0.25 2.66
CA GLU C 82 -30.93 -0.23 1.33
C GLU C 82 -30.32 -1.63 1.38
N ALA C 83 -29.20 -1.75 2.09
CA ALA C 83 -28.45 -3.01 2.13
C ALA C 83 -29.42 -4.19 2.27
N LEU C 84 -30.40 -4.05 3.16
CA LEU C 84 -31.41 -5.09 3.40
C LEU C 84 -32.23 -5.32 2.15
N ARG C 85 -32.49 -4.25 1.42
CA ARG C 85 -33.25 -4.32 0.20
C ARG C 85 -32.45 -5.13 -0.84
N LEU C 86 -31.13 -5.03 -0.78
CA LEU C 86 -30.25 -5.78 -1.68
C LEU C 86 -30.32 -7.27 -1.32
N ARG C 87 -30.22 -7.59 -0.04
CA ARG C 87 -30.31 -8.98 0.39
C ARG C 87 -31.68 -9.56 0.01
N ALA C 88 -32.71 -8.72 0.12
CA ALA C 88 -34.07 -9.17 -0.22
C ALA C 88 -34.17 -9.55 -1.69
N GLY C 89 -33.43 -8.83 -2.53
CA GLY C 89 -33.44 -9.10 -3.97
C GLY C 89 -32.51 -10.23 -4.38
N GLY C 90 -31.80 -10.80 -3.43
CA GLY C 90 -30.92 -11.91 -3.75
C GLY C 90 -29.44 -11.58 -3.96
N ILE C 91 -29.03 -10.36 -3.66
CA ILE C 91 -27.62 -9.98 -3.80
C ILE C 91 -26.81 -10.62 -2.66
N THR C 92 -25.76 -11.38 -3.01
CA THR C 92 -24.94 -12.05 -2.00
C THR C 92 -23.63 -11.35 -1.64
N LYS C 93 -23.11 -10.48 -2.48
CA LYS C 93 -21.80 -9.87 -2.22
C LYS C 93 -21.87 -9.08 -0.93
N PRO C 94 -20.70 -8.68 -0.41
CA PRO C 94 -20.58 -7.96 0.86
C PRO C 94 -21.15 -6.58 0.59
N VAL C 95 -21.86 -6.02 1.56
CA VAL C 95 -22.42 -4.70 1.40
C VAL C 95 -21.85 -3.84 2.50
N LEU C 96 -21.33 -2.68 2.11
CA LEU C 96 -20.71 -1.75 3.04
C LEU C 96 -21.61 -0.61 3.44
N LEU C 97 -21.92 -0.53 4.74
CA LEU C 97 -22.73 0.55 5.27
C LEU C 97 -21.78 1.75 5.44
N LEU C 98 -21.77 2.63 4.44
CA LEU C 98 -20.89 3.80 4.45
C LEU C 98 -21.04 4.76 5.63
N GLU C 99 -22.23 4.82 6.23
CA GLU C 99 -22.48 5.72 7.36
C GLU C 99 -22.62 4.94 8.68
N GLY C 100 -22.44 3.62 8.60
CA GLY C 100 -22.58 2.79 9.78
C GLY C 100 -24.04 2.52 10.06
N PHE C 101 -24.34 2.11 11.29
CA PHE C 101 -25.70 1.80 11.72
C PHE C 101 -26.21 2.88 12.66
N PHE C 102 -27.50 3.18 12.60
CA PHE C 102 -28.07 4.25 13.40
C PHE C 102 -28.70 3.80 14.72
N ASP C 103 -28.80 2.49 14.91
CA ASP C 103 -29.37 1.96 16.15
C ASP C 103 -28.61 0.71 16.56
N ALA C 104 -28.30 0.62 17.85
CA ALA C 104 -27.55 -0.52 18.41
C ALA C 104 -28.31 -1.82 18.25
N ARG C 105 -29.63 -1.72 18.16
CA ARG C 105 -30.47 -2.91 18.02
C ARG C 105 -30.38 -3.50 16.60
N ASP C 106 -29.61 -2.85 15.74
CA ASP C 106 -29.40 -3.30 14.36
C ASP C 106 -28.22 -4.26 14.23
N LEU C 107 -27.30 -4.24 15.18
CA LEU C 107 -26.12 -5.11 15.12
C LEU C 107 -26.42 -6.58 14.84
N PRO C 108 -27.47 -7.12 15.45
CA PRO C 108 -27.81 -8.53 15.22
C PRO C 108 -28.14 -8.86 13.74
N THR C 109 -28.91 -7.99 13.08
CA THR C 109 -29.25 -8.22 11.67
C THR C 109 -28.04 -7.97 10.77
N ILE C 110 -27.20 -6.98 11.13
CA ILE C 110 -26.00 -6.64 10.38
C ILE C 110 -24.97 -7.79 10.44
N SER C 111 -24.88 -8.44 11.60
CA SER C 111 -23.96 -9.57 11.80
C SER C 111 -24.44 -10.78 10.99
N ALA C 112 -25.74 -11.05 11.11
CA ALA C 112 -26.37 -12.18 10.44
C ALA C 112 -26.41 -12.02 8.91
N GLN C 113 -26.61 -10.78 8.44
CA GLN C 113 -26.68 -10.47 7.01
C GLN C 113 -25.30 -10.33 6.39
N HIS C 114 -24.28 -10.37 7.23
CA HIS C 114 -22.90 -10.23 6.78
C HIS C 114 -22.65 -8.88 6.09
N PHE C 115 -23.12 -7.84 6.75
CA PHE C 115 -22.96 -6.46 6.29
C PHE C 115 -21.70 -5.92 6.96
N HIS C 116 -20.88 -5.21 6.19
CA HIS C 116 -19.67 -4.60 6.74
C HIS C 116 -20.08 -3.19 7.10
N THR C 117 -19.52 -2.65 8.17
CA THR C 117 -19.94 -1.33 8.58
C THR C 117 -18.80 -0.36 8.90
N ALA C 118 -19.13 0.93 8.81
CA ALA C 118 -18.21 1.99 9.14
C ALA C 118 -18.56 2.26 10.62
N VAL C 119 -17.62 2.83 11.36
CA VAL C 119 -17.87 3.14 12.76
C VAL C 119 -17.26 4.52 12.96
N HIS C 120 -18.12 5.51 13.21
CA HIS C 120 -17.65 6.87 13.37
C HIS C 120 -17.92 7.53 14.72
N ASN C 121 -18.79 6.95 15.54
CA ASN C 121 -19.07 7.56 16.83
C ASN C 121 -19.06 6.63 18.03
N GLU C 122 -19.19 7.25 19.21
CA GLU C 122 -19.18 6.55 20.50
C GLU C 122 -20.32 5.54 20.62
N GLU C 123 -21.49 5.96 20.18
CA GLU C 123 -22.65 5.09 20.23
C GLU C 123 -22.42 3.77 19.49
N GLN C 124 -21.92 3.87 18.27
CA GLN C 124 -21.66 2.67 17.48
C GLN C 124 -20.60 1.78 18.13
N LEU C 125 -19.51 2.38 18.59
CA LEU C 125 -18.41 1.64 19.24
C LEU C 125 -18.87 0.96 20.55
N ALA C 126 -19.69 1.64 21.33
CA ALA C 126 -20.19 1.11 22.59
C ALA C 126 -21.25 0.07 22.36
N ALA C 127 -22.05 0.30 21.34
CA ALA C 127 -22.83 -0.74 20.72
C ALA C 127 -22.06 -2.01 20.45
N LEU C 128 -20.85 -1.91 19.95
CA LEU C 128 -20.09 -3.09 19.52
C LEU C 128 -19.35 -3.73 20.67
N GLU C 129 -19.13 -2.98 21.74
CA GLU C 129 -18.46 -3.46 22.90
C GLU C 129 -19.34 -4.28 23.78
N GLU C 130 -20.62 -3.99 23.81
CA GLU C 130 -21.47 -4.76 24.70
C GLU C 130 -22.55 -5.61 24.05
N ALA C 131 -22.55 -5.67 22.73
CA ALA C 131 -23.52 -6.50 22.03
C ALA C 131 -23.12 -7.95 22.22
N SER C 132 -24.03 -8.86 21.91
CA SER C 132 -23.77 -10.27 21.98
C SER C 132 -24.26 -10.74 20.63
N LEU C 133 -23.31 -11.10 19.76
CA LEU C 133 -23.64 -11.53 18.41
C LEU C 133 -23.13 -12.94 18.13
N ASP C 134 -23.85 -13.68 17.29
CA ASP C 134 -23.45 -15.04 16.95
C ASP C 134 -22.18 -15.01 16.11
N GLU C 135 -21.96 -13.90 15.41
CA GLU C 135 -20.76 -13.75 14.59
C GLU C 135 -20.21 -12.34 14.72
N PRO C 136 -18.88 -12.19 14.62
CA PRO C 136 -18.29 -10.84 14.71
C PRO C 136 -18.61 -10.12 13.38
N VAL C 137 -18.45 -8.81 13.33
CA VAL C 137 -18.74 -8.07 12.09
C VAL C 137 -17.51 -7.35 11.55
N THR C 138 -17.38 -7.31 10.22
CA THR C 138 -16.25 -6.62 9.58
C THR C 138 -16.53 -5.11 9.67
N VAL C 139 -15.53 -4.38 10.16
CA VAL C 139 -15.67 -2.94 10.36
C VAL C 139 -14.61 -2.09 9.64
N TRP C 140 -15.01 -0.87 9.29
CA TRP C 140 -14.12 0.13 8.68
C TRP C 140 -14.22 1.37 9.55
N MET C 141 -13.20 1.65 10.34
CA MET C 141 -13.22 2.84 11.19
C MET C 141 -13.22 4.06 10.27
N KCX C 142 -14.24 4.93 10.38
CA KCX C 142 -14.27 6.19 9.65
CB KCX C 142 -15.70 6.71 9.47
CG KCX C 142 -16.02 7.16 8.03
CD KCX C 142 -17.42 7.78 7.89
CE KCX C 142 -17.93 7.87 6.44
NZ KCX C 142 -17.59 9.19 5.83
C KCX C 142 -13.39 7.23 10.31
O KCX C 142 -13.58 7.56 11.45
CX KCX C 142 -18.45 9.89 5.12
OQ1 KCX C 142 -19.56 9.48 4.92
OQ2 KCX C 142 -18.16 10.96 4.66
N LEU C 143 -12.43 7.72 9.57
CA LEU C 143 -11.55 8.76 10.07
C LEU C 143 -11.83 10.09 9.37
N ASP C 144 -12.03 11.15 10.15
CA ASP C 144 -12.27 12.48 9.59
C ASP C 144 -10.88 13.07 9.28
N THR C 145 -10.56 13.19 8.00
CA THR C 145 -9.26 13.72 7.59
C THR C 145 -9.36 15.13 6.99
N GLY C 146 -10.54 15.75 7.10
CA GLY C 146 -10.68 17.09 6.55
C GLY C 146 -12.07 17.49 6.11
N MET C 147 -12.90 16.51 5.74
CA MET C 147 -14.26 16.77 5.29
C MET C 147 -15.13 17.34 6.40
N HIS C 148 -14.85 16.94 7.64
CA HIS C 148 -15.60 17.39 8.82
C HIS C 148 -17.11 17.09 8.69
N ARG C 149 -17.44 15.92 8.17
CA ARG C 149 -18.82 15.50 8.05
C ARG C 149 -19.06 14.33 9.01
N LEU C 150 -18.52 13.15 8.68
CA LEU C 150 -18.62 11.97 9.55
C LEU C 150 -17.19 11.49 9.85
N GLY C 151 -17.02 10.73 10.93
CA GLY C 151 -15.70 10.22 11.26
C GLY C 151 -15.11 10.73 12.56
N VAL C 152 -14.15 9.95 13.05
CA VAL C 152 -13.45 10.27 14.29
C VAL C 152 -12.30 11.25 13.96
N ARG C 153 -12.21 12.32 14.73
CA ARG C 153 -11.18 13.31 14.51
C ARG C 153 -9.82 12.72 14.92
N PRO C 154 -8.74 13.16 14.25
CA PRO C 154 -7.36 12.70 14.49
C PRO C 154 -6.95 12.53 15.95
N GLU C 155 -7.32 13.49 16.78
CA GLU C 155 -6.96 13.56 18.19
C GLU C 155 -7.74 12.64 19.11
N GLN C 156 -8.68 11.89 18.56
CA GLN C 156 -9.41 10.88 19.32
C GLN C 156 -9.33 9.52 18.60
N ALA C 157 -8.82 9.56 17.39
CA ALA C 157 -8.74 8.32 16.60
C ALA C 157 -7.91 7.13 17.10
N GLU C 158 -6.80 7.42 17.77
CA GLU C 158 -5.92 6.35 18.25
C GLU C 158 -6.58 5.56 19.39
N ALA C 159 -7.25 6.27 20.30
CA ALA C 159 -7.92 5.61 21.43
C ALA C 159 -9.14 4.82 20.95
N PHE C 160 -9.88 5.43 20.03
CA PHE C 160 -11.09 4.88 19.43
C PHE C 160 -10.70 3.61 18.67
N TYR C 161 -9.65 3.72 17.85
CA TYR C 161 -9.14 2.60 17.07
C TYR C 161 -8.76 1.44 17.97
N HIS C 162 -8.00 1.74 19.02
CA HIS C 162 -7.58 0.67 19.92
C HIS C 162 -8.74 -0.08 20.54
N ARG C 163 -9.84 0.62 20.85
CA ARG C 163 -10.99 -0.08 21.42
C ARG C 163 -11.62 -1.09 20.46
N LEU C 164 -11.55 -0.81 19.15
CA LEU C 164 -12.10 -1.68 18.12
C LEU C 164 -11.28 -2.96 17.95
N THR C 165 -9.96 -2.89 18.17
CA THR C 165 -9.13 -4.09 18.06
C THR C 165 -9.32 -4.99 19.30
N GLN C 166 -10.01 -4.46 20.31
CA GLN C 166 -10.24 -5.23 21.54
C GLN C 166 -11.67 -5.80 21.60
N CYS C 167 -12.46 -5.53 20.56
CA CYS C 167 -13.83 -6.03 20.48
C CYS C 167 -13.86 -7.47 20.02
N LYS C 168 -14.69 -8.28 20.66
CA LYS C 168 -14.85 -9.67 20.27
C LYS C 168 -15.89 -9.70 19.13
N ASN C 169 -16.69 -8.63 19.05
CA ASN C 169 -17.72 -8.54 18.02
C ASN C 169 -17.21 -7.95 16.71
N VAL C 170 -15.95 -7.53 16.71
CA VAL C 170 -15.33 -6.99 15.51
C VAL C 170 -14.31 -8.00 14.97
N ARG C 171 -14.50 -8.38 13.71
CA ARG C 171 -13.63 -9.34 13.06
C ARG C 171 -12.33 -8.62 12.65
N GLN C 172 -11.22 -8.99 13.29
CA GLN C 172 -9.91 -8.35 13.02
C GLN C 172 -9.34 -8.69 11.64
N PRO C 173 -8.57 -7.78 11.03
CA PRO C 173 -8.18 -6.46 11.55
C PRO C 173 -9.20 -5.35 11.31
N VAL C 174 -9.04 -4.25 12.03
CA VAL C 174 -9.92 -3.10 11.85
C VAL C 174 -9.45 -2.38 10.59
N ASN C 175 -10.36 -2.18 9.65
CA ASN C 175 -10.02 -1.50 8.40
C ASN C 175 -10.23 -0.01 8.59
N ILE C 176 -9.58 0.79 7.74
CA ILE C 176 -9.66 2.24 7.86
C ILE C 176 -10.19 2.91 6.60
N VAL C 177 -11.25 3.71 6.76
CA VAL C 177 -11.86 4.40 5.65
C VAL C 177 -11.93 5.94 5.89
N SER C 178 -11.93 6.70 4.80
CA SER C 178 -12.03 8.15 4.85
C SER C 178 -12.54 8.63 3.50
N HIS C 179 -12.90 9.90 3.41
CA HIS C 179 -13.47 10.45 2.17
C HIS C 179 -12.94 11.87 1.87
N PHE C 180 -12.73 12.17 0.59
CA PHE C 180 -12.23 13.48 0.15
C PHE C 180 -13.35 14.52 0.04
N ALA C 181 -13.05 15.77 0.43
CA ALA C 181 -14.03 16.84 0.35
C ALA C 181 -13.86 17.71 -0.91
N ARG C 182 -12.65 17.73 -1.48
CA ARG C 182 -12.36 18.54 -2.65
C ARG C 182 -11.37 17.90 -3.64
N ALA C 183 -11.56 16.61 -3.94
CA ALA C 183 -10.67 15.90 -4.86
C ALA C 183 -10.83 16.39 -6.29
N ASP C 184 -11.95 17.05 -6.58
CA ASP C 184 -12.20 17.59 -7.91
C ASP C 184 -11.56 18.98 -8.11
N GLU C 185 -10.77 19.41 -7.12
CA GLU C 185 -10.07 20.70 -7.17
C GLU C 185 -8.60 20.44 -6.95
N PRO C 186 -7.92 19.84 -7.93
CA PRO C 186 -6.48 19.52 -7.84
C PRO C 186 -5.50 20.66 -7.47
N LYS C 187 -5.92 21.91 -7.70
CA LYS C 187 -5.06 23.08 -7.41
C LYS C 187 -5.01 23.51 -5.94
N CYS C 188 -6.01 23.16 -5.14
CA CYS C 188 -5.95 23.52 -3.72
C CYS C 188 -5.34 22.30 -3.01
N GLY C 189 -4.61 22.54 -1.93
CA GLY C 189 -3.96 21.42 -1.26
C GLY C 189 -4.81 20.62 -0.29
N ALA C 190 -6.13 20.63 -0.48
CA ALA C 190 -7.04 19.92 0.40
C ALA C 190 -6.79 18.42 0.40
N THR C 191 -6.61 17.91 -0.80
CA THR C 191 -6.51 16.50 -1.08
C THR C 191 -5.21 15.91 -0.56
N GLU C 192 -4.11 16.63 -0.70
CA GLU C 192 -2.79 16.24 -0.19
C GLU C 192 -2.77 16.28 1.34
N LYS C 193 -3.49 17.24 1.92
CA LYS C 193 -3.55 17.35 3.37
C LYS C 193 -4.32 16.20 4.02
N GLN C 194 -5.43 15.79 3.40
CA GLN C 194 -6.24 14.67 3.91
C GLN C 194 -5.44 13.39 3.80
N LEU C 195 -4.73 13.25 2.69
CA LEU C 195 -3.89 12.09 2.41
C LEU C 195 -2.77 12.06 3.46
N ALA C 196 -2.21 13.22 3.78
CA ALA C 196 -1.13 13.31 4.77
C ALA C 196 -1.63 12.81 6.12
N ILE C 197 -2.83 13.23 6.51
CA ILE C 197 -3.44 12.82 7.77
C ILE C 197 -3.82 11.33 7.74
N PHE C 198 -4.35 10.88 6.61
CA PHE C 198 -4.76 9.49 6.46
C PHE C 198 -3.54 8.58 6.60
N ASN C 199 -2.47 8.92 5.87
CA ASN C 199 -1.24 8.16 5.89
C ASN C 199 -0.59 8.09 7.27
N THR C 200 -0.57 9.21 8.00
CA THR C 200 0.02 9.24 9.33
C THR C 200 -0.70 8.27 10.28
N PHE C 201 -2.03 8.25 10.23
CA PHE C 201 -2.80 7.37 11.11
C PHE C 201 -2.71 5.88 10.75
N CYS C 202 -2.56 5.58 9.46
CA CYS C 202 -2.48 4.21 9.05
C CYS C 202 -1.13 3.56 9.25
N GLU C 203 -0.09 4.36 9.47
CA GLU C 203 1.26 3.84 9.68
C GLU C 203 1.28 2.73 10.74
N GLY C 204 1.86 1.59 10.40
CA GLY C 204 1.96 0.49 11.34
C GLY C 204 0.69 -0.29 11.63
N LYS C 205 -0.40 0.04 10.95
CA LYS C 205 -1.64 -0.68 11.20
C LYS C 205 -1.97 -1.65 10.07
N PRO C 206 -2.51 -2.83 10.42
CA PRO C 206 -2.87 -3.81 9.40
C PRO C 206 -4.26 -3.37 8.94
N GLY C 207 -4.97 -4.21 8.20
CA GLY C 207 -6.29 -3.78 7.78
C GLY C 207 -6.26 -2.94 6.53
N GLN C 208 -7.29 -3.12 5.72
CA GLN C 208 -7.44 -2.43 4.46
C GLN C 208 -7.56 -0.93 4.64
N ARG C 209 -7.16 -0.20 3.62
CA ARG C 209 -7.24 1.25 3.63
C ARG C 209 -8.05 1.72 2.43
N SER C 210 -8.93 2.68 2.64
CA SER C 210 -9.76 3.19 1.56
C SER C 210 -10.16 4.64 1.80
N ILE C 211 -9.89 5.51 0.82
CA ILE C 211 -10.23 6.92 0.93
C ILE C 211 -10.76 7.52 -0.39
N ALA C 212 -10.47 6.83 -1.49
CA ALA C 212 -10.86 7.30 -2.82
C ALA C 212 -12.20 6.87 -3.40
N ALA C 213 -12.93 7.85 -3.92
CA ALA C 213 -14.22 7.68 -4.59
C ALA C 213 -13.92 8.04 -6.05
N SER C 214 -14.93 8.49 -6.82
CA SER C 214 -14.71 8.82 -8.24
C SER C 214 -13.54 9.75 -8.54
N GLY C 215 -13.50 10.90 -7.86
CA GLY C 215 -12.42 11.85 -8.06
C GLY C 215 -11.04 11.31 -7.71
N GLY C 216 -10.91 10.74 -6.51
CA GLY C 216 -9.64 10.20 -6.08
C GLY C 216 -9.14 9.13 -7.03
N ILE C 217 -10.06 8.35 -7.59
CA ILE C 217 -9.71 7.28 -8.53
C ILE C 217 -9.11 7.83 -9.84
N LEU C 218 -9.78 8.83 -10.41
CA LEU C 218 -9.34 9.44 -11.67
C LEU C 218 -8.20 10.43 -11.60
N LEU C 219 -8.16 11.25 -10.53
CA LEU C 219 -7.11 12.27 -10.41
C LEU C 219 -5.99 12.00 -9.41
N TRP C 220 -6.20 11.07 -8.47
CA TRP C 220 -5.18 10.80 -7.48
C TRP C 220 -4.82 9.32 -7.32
N PRO C 221 -3.94 8.78 -8.19
CA PRO C 221 -3.53 7.37 -8.10
C PRO C 221 -2.82 6.99 -6.77
N GLN C 222 -2.38 7.99 -6.05
CA GLN C 222 -1.75 7.75 -4.78
C GLN C 222 -2.72 7.46 -3.65
N SER C 223 -3.99 7.68 -3.94
CA SER C 223 -5.07 7.45 -2.98
C SER C 223 -5.90 6.16 -3.21
N HIS C 224 -5.47 5.36 -4.18
CA HIS C 224 -6.16 4.12 -4.53
C HIS C 224 -6.12 3.07 -3.42
N PHE C 225 -4.94 2.91 -2.82
CA PHE C 225 -4.75 1.97 -1.73
C PHE C 225 -5.37 0.59 -1.99
N ASP C 226 -6.02 0.02 -0.99
CA ASP C 226 -6.59 -1.31 -1.13
C ASP C 226 -7.95 -1.36 -1.79
N TRP C 227 -8.80 -0.40 -1.43
CA TRP C 227 -10.15 -0.33 -1.99
C TRP C 227 -10.50 1.07 -2.41
N VAL C 228 -11.12 1.17 -3.59
CA VAL C 228 -11.56 2.44 -4.14
C VAL C 228 -13.08 2.29 -4.18
N ARG C 229 -13.81 3.40 -4.08
CA ARG C 229 -15.27 3.35 -4.06
C ARG C 229 -15.91 4.15 -5.21
N PRO C 230 -15.96 3.57 -6.42
CA PRO C 230 -16.57 4.32 -7.52
C PRO C 230 -18.07 4.50 -7.40
N GLY C 231 -18.50 5.74 -7.55
CA GLY C 231 -19.91 6.04 -7.49
C GLY C 231 -20.30 6.61 -8.84
N ILE C 232 -20.37 7.94 -8.90
CA ILE C 232 -20.82 8.59 -10.12
C ILE C 232 -20.16 8.13 -11.43
N ILE C 233 -18.84 8.10 -11.52
CA ILE C 233 -18.17 7.56 -12.68
C ILE C 233 -18.46 6.12 -13.07
N LEU C 234 -19.05 5.36 -12.18
CA LEU C 234 -19.45 3.98 -12.45
C LEU C 234 -20.61 4.00 -13.45
N TYR C 235 -21.33 5.12 -13.45
CA TYR C 235 -22.47 5.30 -14.33
C TYR C 235 -22.10 6.12 -15.55
N GLY C 236 -20.79 6.26 -15.77
CA GLY C 236 -20.29 6.98 -16.93
C GLY C 236 -20.49 8.48 -16.94
N VAL C 237 -20.49 9.08 -15.76
CA VAL C 237 -20.67 10.52 -15.60
C VAL C 237 -19.48 11.06 -14.81
N SER C 238 -18.94 12.20 -15.27
CA SER C 238 -17.79 12.81 -14.62
C SER C 238 -18.16 13.51 -13.29
N PRO C 239 -17.24 13.43 -12.34
CA PRO C 239 -17.49 13.96 -11.02
C PRO C 239 -17.14 15.42 -11.00
N LEU C 240 -16.59 15.86 -12.12
CA LEU C 240 -15.68 16.97 -12.12
C LEU C 240 -16.34 18.20 -12.67
N PRO C 241 -15.85 19.36 -12.22
CA PRO C 241 -16.57 20.62 -12.43
C PRO C 241 -16.37 21.33 -13.78
N ASP C 242 -15.65 20.69 -14.72
CA ASP C 242 -14.80 21.32 -15.75
C ASP C 242 -15.32 20.95 -17.14
N ARG C 243 -16.60 20.60 -17.19
CA ARG C 243 -17.32 20.18 -18.40
C ARG C 243 -16.75 18.96 -19.15
N SER C 244 -16.06 18.09 -18.41
CA SER C 244 -15.52 16.85 -18.97
C SER C 244 -16.69 15.85 -18.77
N THR C 245 -16.69 14.74 -19.50
CA THR C 245 -17.75 13.75 -19.36
C THR C 245 -17.16 12.40 -18.99
N GLY C 246 -18.00 11.39 -18.83
CA GLY C 246 -17.48 10.08 -18.49
C GLY C 246 -16.60 9.49 -19.58
N ALA C 247 -16.81 9.95 -20.82
CA ALA C 247 -16.08 9.51 -22.00
C ALA C 247 -14.65 10.03 -22.01
N ASP C 248 -14.39 11.01 -21.14
CA ASP C 248 -13.06 11.60 -21.00
C ASP C 248 -12.17 10.60 -20.29
N PHE C 249 -12.80 9.61 -19.66
CA PHE C 249 -12.08 8.59 -18.91
C PHE C 249 -12.36 7.19 -19.44
N GLY C 250 -13.04 7.12 -20.58
CA GLY C 250 -13.35 5.83 -21.18
C GLY C 250 -14.55 5.16 -20.57
N CYS C 251 -15.34 5.92 -19.82
CA CYS C 251 -16.55 5.38 -19.19
C CYS C 251 -17.77 5.76 -20.00
N GLN C 252 -18.64 4.80 -20.22
CA GLN C 252 -19.84 5.02 -21.02
C GLN C 252 -21.07 5.34 -20.19
N PRO C 253 -21.88 6.32 -20.66
CA PRO C 253 -23.11 6.74 -19.96
C PRO C 253 -24.12 5.60 -19.89
N VAL C 254 -24.67 5.37 -18.71
CA VAL C 254 -25.60 4.29 -18.49
C VAL C 254 -27.06 4.73 -18.60
N MET C 255 -27.36 5.93 -18.14
CA MET C 255 -28.72 6.45 -18.15
C MET C 255 -29.09 7.36 -19.31
N SER C 256 -30.34 7.20 -19.74
CA SER C 256 -30.95 8.02 -20.79
C SER C 256 -32.33 8.41 -20.25
N LEU C 257 -32.53 9.70 -20.02
CA LEU C 257 -33.83 10.18 -19.55
C LEU C 257 -34.64 10.48 -20.82
N THR C 258 -35.68 9.68 -21.07
CA THR C 258 -36.47 9.84 -22.29
C THR C 258 -37.96 10.04 -22.06
N SER C 259 -38.65 10.47 -23.11
CA SER C 259 -40.10 10.70 -23.08
C SER C 259 -40.60 10.81 -24.54
N SER C 260 -41.72 11.50 -24.71
CA SER C 260 -42.31 11.67 -26.04
C SER C 260 -43.06 12.97 -26.08
N LEU C 261 -43.35 13.46 -27.29
CA LEU C 261 -44.11 14.69 -27.45
C LEU C 261 -45.59 14.32 -27.33
N ILE C 262 -46.36 15.17 -26.66
CA ILE C 262 -47.79 14.93 -26.50
C ILE C 262 -48.58 16.01 -27.26
N ALA C 263 -47.86 16.88 -27.99
CA ALA C 263 -48.48 17.93 -28.78
C ALA C 263 -47.45 18.76 -29.56
N VAL C 264 -47.85 19.18 -30.77
CA VAL C 264 -47.06 20.04 -31.64
C VAL C 264 -48.11 21.08 -32.06
N ARG C 265 -47.92 22.32 -31.59
CA ARG C 265 -48.89 23.40 -31.80
C ARG C 265 -48.29 24.59 -32.53
N GLU C 266 -49.15 25.37 -33.19
CA GLU C 266 -48.72 26.59 -33.88
C GLU C 266 -48.52 27.65 -32.80
N HIS C 267 -47.65 28.60 -33.06
CA HIS C 267 -47.39 29.67 -32.10
C HIS C 267 -47.04 30.89 -32.90
N LYS C 268 -47.31 32.07 -32.42
CA LYS C 268 -46.80 33.17 -33.19
C LYS C 268 -46.04 34.25 -32.47
N ALA C 269 -45.41 35.09 -33.26
CA ALA C 269 -44.48 36.11 -32.79
C ALA C 269 -45.13 36.97 -31.72
N GLY C 270 -44.35 37.34 -30.71
CA GLY C 270 -44.85 38.17 -29.63
C GLY C 270 -45.57 37.41 -28.51
N GLU C 271 -45.74 36.11 -28.71
CA GLU C 271 -46.56 35.28 -27.84
C GLU C 271 -45.89 34.37 -26.78
N PRO C 272 -46.06 34.69 -25.48
CA PRO C 272 -45.29 34.04 -24.41
C PRO C 272 -45.64 32.58 -24.28
N VAL C 273 -44.83 31.85 -23.51
CA VAL C 273 -45.06 30.45 -23.28
C VAL C 273 -44.82 30.07 -21.83
N GLY C 274 -45.74 29.27 -21.28
CA GLY C 274 -45.61 28.80 -19.92
C GLY C 274 -45.96 29.78 -18.81
N TYR C 275 -45.84 29.28 -17.57
CA TYR C 275 -46.11 30.06 -16.36
C TYR C 275 -45.19 31.27 -16.24
N GLY C 276 -45.76 32.39 -15.80
CA GLY C 276 -44.99 33.61 -15.66
C GLY C 276 -44.60 34.27 -16.96
N GLY C 277 -45.07 33.75 -18.10
CA GLY C 277 -44.75 34.33 -19.41
C GLY C 277 -43.25 34.54 -19.59
N THR C 278 -42.50 33.61 -19.01
CA THR C 278 -41.02 33.59 -19.03
C THR C 278 -40.32 33.76 -20.39
N TRP C 279 -40.91 33.21 -21.44
CA TRP C 279 -40.32 33.28 -22.77
C TRP C 279 -41.35 33.82 -23.76
N VAL C 280 -40.92 34.74 -24.62
CA VAL C 280 -41.79 35.32 -25.65
C VAL C 280 -41.12 35.06 -26.99
N SER C 281 -41.90 34.56 -27.96
CA SER C 281 -41.38 34.26 -29.28
C SER C 281 -41.20 35.48 -30.17
N GLU C 282 -40.10 35.48 -30.93
CA GLU C 282 -39.82 36.57 -31.87
C GLU C 282 -40.28 36.19 -33.27
N ARG C 283 -40.82 34.99 -33.40
CA ARG C 283 -41.32 34.52 -34.69
C ARG C 283 -42.42 33.48 -34.62
N ASP C 284 -43.15 33.35 -35.72
CA ASP C 284 -44.23 32.38 -35.81
C ASP C 284 -43.43 31.09 -35.81
N THR C 285 -43.85 30.11 -35.04
CA THR C 285 -43.11 28.86 -34.98
C THR C 285 -44.09 27.76 -34.54
N ARG C 286 -43.53 26.57 -34.30
CA ARG C 286 -44.30 25.43 -33.81
C ARG C 286 -43.62 24.98 -32.52
N LEU C 287 -44.44 24.81 -31.48
CA LEU C 287 -43.97 24.38 -30.16
C LEU C 287 -44.34 22.92 -29.90
N GLY C 288 -43.38 22.20 -29.32
CA GLY C 288 -43.62 20.81 -28.97
C GLY C 288 -43.79 20.73 -27.46
N VAL C 289 -44.67 19.85 -27.00
CA VAL C 289 -44.89 19.68 -25.56
C VAL C 289 -44.42 18.28 -25.18
N VAL C 290 -43.50 18.21 -24.22
CA VAL C 290 -42.92 16.95 -23.77
C VAL C 290 -43.58 16.42 -22.49
N ALA C 291 -43.80 15.11 -22.45
CA ALA C 291 -44.38 14.49 -21.26
C ALA C 291 -43.24 14.31 -20.27
N MET C 292 -42.75 15.43 -19.74
CA MET C 292 -41.64 15.45 -18.78
C MET C 292 -41.71 16.75 -17.99
N GLY C 293 -41.54 16.69 -16.68
CA GLY C 293 -41.57 17.85 -15.84
C GLY C 293 -40.80 17.58 -14.57
N TYR C 294 -40.91 18.45 -13.55
CA TYR C 294 -40.18 18.19 -12.30
C TYR C 294 -40.91 17.22 -11.38
N GLY C 295 -42.11 16.80 -11.77
CA GLY C 295 -42.85 15.83 -10.99
C GLY C 295 -42.25 14.46 -11.30
N ASP C 296 -41.33 14.45 -12.27
CA ASP C 296 -40.62 13.26 -12.74
C ASP C 296 -39.19 13.35 -12.27
N GLY C 297 -38.76 14.58 -11.98
CA GLY C 297 -37.39 14.80 -11.53
C GLY C 297 -36.59 15.75 -12.39
N TYR C 298 -37.19 16.26 -13.47
CA TYR C 298 -36.48 17.19 -14.37
C TYR C 298 -36.43 18.56 -13.67
N PRO C 299 -35.23 19.17 -13.58
CA PRO C 299 -35.08 20.47 -12.94
C PRO C 299 -35.99 21.58 -13.41
N ARG C 300 -36.71 22.15 -12.45
CA ARG C 300 -37.62 23.26 -12.69
C ARG C 300 -36.81 24.52 -13.03
N ALA C 301 -35.54 24.49 -12.62
CA ALA C 301 -34.60 25.58 -12.83
C ALA C 301 -34.09 25.66 -14.28
N ALA C 302 -34.35 24.64 -15.08
CA ALA C 302 -33.89 24.62 -16.47
C ALA C 302 -34.32 25.89 -17.20
N PRO C 303 -33.36 26.73 -17.64
CA PRO C 303 -33.66 27.97 -18.36
C PRO C 303 -34.03 27.74 -19.84
N SER C 304 -34.76 28.68 -20.43
CA SER C 304 -35.15 28.56 -21.82
C SER C 304 -33.83 28.42 -22.57
N GLY C 305 -33.80 27.63 -23.63
CA GLY C 305 -32.56 27.46 -24.36
C GLY C 305 -31.85 26.14 -24.01
N THR C 306 -32.15 25.56 -22.84
CA THR C 306 -31.55 24.29 -22.45
C THR C 306 -31.84 23.29 -23.57
N PRO C 307 -30.81 22.55 -24.01
CA PRO C 307 -30.97 21.55 -25.09
C PRO C 307 -31.77 20.27 -24.76
N VAL C 308 -32.58 19.84 -25.72
CA VAL C 308 -33.37 18.63 -25.61
C VAL C 308 -33.44 18.03 -27.03
N VAL C 315 -33.33 20.80 -29.90
CA VAL C 315 -34.23 21.96 -29.89
C VAL C 315 -34.17 22.57 -28.48
N PRO C 316 -34.41 23.88 -28.35
CA PRO C 316 -34.35 24.51 -27.04
C PRO C 316 -35.65 24.50 -26.25
N ILE C 317 -35.52 24.49 -24.93
CA ILE C 317 -36.66 24.54 -24.02
C ILE C 317 -37.05 26.02 -24.06
N VAL C 318 -38.35 26.28 -24.15
CA VAL C 318 -38.84 27.65 -24.15
C VAL C 318 -39.92 27.77 -23.06
N GLY C 319 -39.68 28.67 -22.10
CA GLY C 319 -40.63 28.82 -21.02
C GLY C 319 -40.23 27.99 -19.83
N ARG C 320 -40.92 28.20 -18.73
CA ARG C 320 -40.66 27.56 -17.46
C ARG C 320 -41.17 26.13 -17.32
N VAL C 321 -40.26 25.22 -16.94
CA VAL C 321 -40.51 23.77 -16.87
C VAL C 321 -41.61 23.56 -15.83
N ALA C 322 -42.72 22.93 -16.23
CA ALA C 322 -43.81 22.70 -15.31
C ALA C 322 -43.67 21.34 -14.63
N MET C 323 -44.65 20.98 -13.80
CA MET C 323 -44.62 19.74 -13.06
C MET C 323 -44.66 18.49 -13.96
N ASP C 324 -45.42 18.58 -15.05
CA ASP C 324 -45.59 17.46 -15.97
C ASP C 324 -45.21 17.72 -17.43
N MET C 325 -44.99 18.97 -17.80
CA MET C 325 -44.66 19.25 -19.18
C MET C 325 -43.52 20.23 -19.39
N ILE C 326 -42.96 20.17 -20.60
CA ILE C 326 -41.87 21.03 -21.03
C ILE C 326 -42.12 21.37 -22.49
N CYS C 327 -42.05 22.65 -22.81
CA CYS C 327 -42.25 23.14 -24.18
C CYS C 327 -40.90 23.39 -24.85
N VAL C 328 -40.82 23.06 -26.14
CA VAL C 328 -39.60 23.25 -26.91
C VAL C 328 -39.95 23.93 -28.22
N ASP C 329 -39.00 24.70 -28.76
CA ASP C 329 -39.20 25.41 -30.01
C ASP C 329 -38.71 24.53 -31.16
N LEU C 330 -39.66 24.09 -32.00
CA LEU C 330 -39.35 23.21 -33.12
C LEU C 330 -39.11 23.95 -34.44
N GLY C 331 -39.81 25.06 -34.65
CA GLY C 331 -39.68 25.80 -35.89
C GLY C 331 -41.01 25.85 -36.61
N PRO C 332 -41.30 26.90 -37.41
CA PRO C 332 -42.55 27.09 -38.16
C PRO C 332 -43.08 25.93 -39.03
N GLN C 333 -42.21 25.17 -39.68
CA GLN C 333 -42.65 24.03 -40.50
C GLN C 333 -41.98 22.72 -40.04
N ALA C 334 -41.72 22.64 -38.74
CA ALA C 334 -41.03 21.52 -38.10
C ALA C 334 -42.16 20.50 -38.38
N GLN C 335 -41.81 19.27 -38.75
CA GLN C 335 -42.82 18.22 -39.09
C GLN C 335 -42.81 17.19 -37.95
N ASP C 336 -42.32 17.57 -36.78
CA ASP C 336 -42.32 16.67 -35.63
C ASP C 336 -43.79 16.55 -35.26
N LYS C 337 -44.18 15.49 -34.57
CA LYS C 337 -45.58 15.35 -34.19
C LYS C 337 -45.74 14.60 -32.87
N ALA C 338 -46.91 14.77 -32.26
CA ALA C 338 -47.22 14.12 -31.00
C ALA C 338 -46.87 12.63 -31.12
N GLY C 339 -46.20 12.10 -30.10
CA GLY C 339 -45.80 10.70 -30.13
C GLY C 339 -44.32 10.47 -30.43
N ASP C 340 -43.69 11.44 -31.09
CA ASP C 340 -42.28 11.33 -31.45
C ASP C 340 -41.35 11.31 -30.25
N PRO C 341 -40.25 10.53 -30.35
CA PRO C 341 -39.24 10.36 -29.31
C PRO C 341 -38.49 11.64 -28.92
N VAL C 342 -38.32 11.79 -27.60
CA VAL C 342 -37.62 12.92 -26.99
C VAL C 342 -36.56 12.39 -26.01
N ILE C 343 -35.37 12.99 -26.03
CA ILE C 343 -34.30 12.58 -25.13
C ILE C 343 -33.91 13.81 -24.31
N LEU C 344 -34.11 13.72 -22.99
CA LEU C 344 -33.77 14.83 -22.08
C LEU C 344 -32.26 14.82 -21.87
N TRP C 345 -31.69 13.62 -21.85
CA TRP C 345 -30.25 13.41 -21.77
C TRP C 345 -29.96 11.93 -21.97
N GLY C 346 -28.79 11.65 -22.54
CA GLY C 346 -28.43 10.28 -22.80
C GLY C 346 -27.51 10.15 -23.99
N GLU C 347 -27.95 9.40 -24.99
CA GLU C 347 -27.16 9.13 -26.20
C GLU C 347 -26.50 10.32 -26.89
N GLY C 348 -27.27 11.16 -27.58
CA GLY C 348 -26.63 12.29 -28.22
C GLY C 348 -26.61 13.52 -27.32
N LEU C 349 -26.71 13.33 -26.01
CA LEU C 349 -26.73 14.47 -25.10
C LEU C 349 -26.35 14.11 -23.65
N PRO C 350 -25.05 14.16 -23.31
CA PRO C 350 -24.56 13.85 -21.95
C PRO C 350 -25.23 14.67 -20.84
N VAL C 351 -25.49 14.03 -19.71
CA VAL C 351 -26.12 14.72 -18.59
C VAL C 351 -25.22 15.89 -18.14
N GLU C 352 -23.91 15.81 -18.43
CA GLU C 352 -22.97 16.89 -18.07
C GLU C 352 -23.25 18.17 -18.88
N ARG C 353 -23.80 18.00 -20.09
CA ARG C 353 -24.12 19.15 -20.94
C ARG C 353 -25.32 19.84 -20.31
N ILE C 354 -26.26 19.05 -19.82
CA ILE C 354 -27.48 19.57 -19.22
C ILE C 354 -27.19 20.24 -17.88
N LYS C 359 -27.23 24.73 -14.50
CA LYS C 359 -26.24 24.86 -13.46
C LYS C 359 -26.63 23.96 -12.34
N VAL C 360 -27.17 22.81 -12.67
CA VAL C 360 -27.53 21.82 -11.66
C VAL C 360 -26.47 20.71 -11.72
N SER C 361 -25.99 20.27 -10.56
CA SER C 361 -24.98 19.22 -10.50
C SER C 361 -25.47 17.92 -11.16
N ALA C 362 -24.60 17.27 -11.93
CA ALA C 362 -24.95 16.03 -12.61
C ALA C 362 -25.32 14.95 -11.58
N TYR C 363 -24.76 15.07 -10.37
CA TYR C 363 -25.05 14.14 -9.25
C TYR C 363 -26.53 14.19 -8.88
N GLU C 364 -27.06 15.41 -8.82
CA GLU C 364 -28.44 15.65 -8.47
C GLU C 364 -29.38 15.33 -9.63
N LEU C 365 -28.98 15.72 -10.85
CA LEU C 365 -29.79 15.48 -12.04
C LEU C 365 -30.17 14.01 -12.22
N ILE C 366 -29.19 13.12 -12.15
CA ILE C 366 -29.43 11.70 -12.32
C ILE C 366 -30.05 11.02 -11.08
N THR C 367 -29.84 11.62 -9.91
CA THR C 367 -30.36 11.04 -8.68
C THR C 367 -31.72 11.55 -8.18
N ARG C 368 -31.98 12.86 -8.27
CA ARG C 368 -33.26 13.35 -7.74
C ARG C 368 -34.45 13.21 -8.70
N LEU C 369 -34.75 11.95 -9.06
CA LEU C 369 -35.86 11.64 -9.95
C LEU C 369 -36.94 10.99 -9.08
N THR C 370 -38.19 11.12 -9.49
CA THR C 370 -39.31 10.57 -8.74
C THR C 370 -39.74 9.18 -9.23
N SER C 371 -40.60 8.54 -8.44
CA SER C 371 -41.11 7.20 -8.74
C SER C 371 -42.09 7.16 -9.92
N ARG C 372 -42.31 8.32 -10.54
CA ARG C 372 -43.21 8.45 -11.68
C ARG C 372 -42.52 7.98 -12.96
N VAL C 373 -41.19 8.06 -12.94
CA VAL C 373 -40.34 7.66 -14.06
C VAL C 373 -40.20 6.14 -14.18
N ALA C 374 -40.57 5.61 -15.34
CA ALA C 374 -40.49 4.17 -15.63
C ALA C 374 -39.01 3.78 -15.77
N MET C 375 -38.71 2.51 -15.59
CA MET C 375 -37.33 2.04 -15.67
C MET C 375 -37.18 0.95 -16.72
N LYS C 376 -36.32 1.17 -17.70
CA LYS C 376 -36.03 0.16 -18.72
C LYS C 376 -34.57 -0.24 -18.64
N TYR C 377 -34.29 -1.51 -18.92
CA TYR C 377 -32.94 -2.04 -18.88
C TYR C 377 -32.65 -2.72 -20.22
N VAL C 378 -31.57 -2.31 -20.85
CA VAL C 378 -31.21 -2.87 -22.15
C VAL C 378 -29.82 -3.51 -22.12
N ASP C 379 -29.66 -4.59 -22.91
CA ASP C 379 -28.41 -5.34 -23.01
C ASP C 379 -28.13 -6.16 -21.77
N ALA D 23 -34.64 9.14 10.23
CA ALA D 23 -34.79 8.51 8.87
C ALA D 23 -35.66 9.37 7.93
N ALA D 24 -35.27 9.53 6.66
CA ALA D 24 -36.07 10.36 5.73
C ALA D 24 -37.51 9.87 5.68
N THR D 25 -38.42 10.72 6.13
CA THR D 25 -39.84 10.39 6.20
C THR D 25 -40.71 11.63 5.96
N VAL D 26 -41.83 11.39 5.29
CA VAL D 26 -42.80 12.44 5.01
C VAL D 26 -44.03 12.05 5.84
N VAL D 27 -44.44 12.92 6.76
CA VAL D 27 -45.60 12.64 7.58
C VAL D 27 -46.74 13.44 6.99
N ILE D 28 -47.81 12.74 6.63
CA ILE D 28 -48.96 13.37 6.02
C ILE D 28 -50.12 13.48 7.00
N ASN D 29 -50.57 14.70 7.27
CA ASN D 29 -51.69 14.97 8.18
C ASN D 29 -52.99 14.87 7.39
N ARG D 30 -53.73 13.79 7.61
CA ARG D 30 -54.98 13.55 6.90
C ARG D 30 -56.05 14.55 7.35
N ARG D 31 -55.98 14.96 8.60
CA ARG D 31 -56.94 15.91 9.14
C ARG D 31 -56.82 17.27 8.45
N ALA D 32 -55.59 17.71 8.23
CA ALA D 32 -55.33 19.01 7.58
C ALA D 32 -55.78 18.96 6.13
N LEU D 33 -55.68 17.77 5.54
CA LEU D 33 -56.08 17.55 4.15
C LEU D 33 -57.59 17.77 4.04
N ARG D 34 -58.36 17.17 4.93
CA ARG D 34 -59.82 17.32 4.94
C ARG D 34 -60.26 18.73 5.24
N HIS D 35 -59.53 19.38 6.16
CA HIS D 35 -59.81 20.76 6.55
C HIS D 35 -59.67 21.66 5.34
N ASN D 36 -58.63 21.42 4.54
CA ASN D 36 -58.36 22.24 3.37
C ASN D 36 -59.38 22.09 2.27
N LEU D 37 -59.89 20.87 2.07
CA LEU D 37 -60.88 20.64 1.02
C LEU D 37 -62.13 21.42 1.40
N GLN D 38 -62.52 21.32 2.67
CA GLN D 38 -63.64 22.07 3.19
C GLN D 38 -63.45 23.55 3.23
N ARG D 39 -62.28 23.99 3.60
CA ARG D 39 -61.97 25.42 3.61
C ARG D 39 -62.04 26.02 2.19
N LEU D 40 -61.61 25.22 1.19
CA LEU D 40 -61.67 25.66 -0.20
C LEU D 40 -63.13 25.71 -0.71
N ARG D 41 -64.00 24.87 -0.14
CA ARG D 41 -65.40 24.88 -0.54
C ARG D 41 -66.02 26.15 0.01
N GLU D 42 -65.45 26.67 1.09
CA GLU D 42 -65.93 27.86 1.77
C GLU D 42 -65.70 29.09 0.91
N LEU D 43 -64.50 29.06 0.33
CA LEU D 43 -63.98 30.06 -0.55
C LEU D 43 -64.55 29.87 -1.94
N ALA D 44 -64.72 28.63 -2.41
CA ALA D 44 -65.35 28.59 -3.70
C ALA D 44 -66.75 28.00 -3.57
N PRO D 45 -67.62 28.68 -2.81
CA PRO D 45 -68.92 28.09 -2.47
C PRO D 45 -69.88 27.66 -3.56
N ALA D 46 -69.74 28.18 -4.78
CA ALA D 46 -70.64 27.78 -5.86
C ALA D 46 -69.96 26.93 -6.91
N SER D 47 -68.81 26.35 -6.57
CA SER D 47 -68.06 25.54 -7.53
C SER D 47 -67.74 24.15 -7.00
N LYS D 48 -67.73 23.19 -7.87
CA LYS D 48 -67.38 21.88 -7.48
C LYS D 48 -65.87 21.70 -7.39
N MET D 49 -65.44 20.66 -6.75
CA MET D 49 -64.01 20.52 -6.55
C MET D 49 -63.31 19.39 -7.31
N VAL D 50 -62.25 19.74 -8.05
CA VAL D 50 -61.42 18.75 -8.76
C VAL D 50 -60.11 18.71 -7.98
N ALA D 51 -60.01 17.78 -7.04
CA ALA D 51 -58.80 17.65 -6.23
C ALA D 51 -57.67 17.20 -7.15
N VAL D 52 -56.67 18.06 -7.37
CA VAL D 52 -55.55 17.73 -8.24
C VAL D 52 -54.48 16.95 -7.46
N VAL D 53 -54.31 15.69 -7.83
CA VAL D 53 -53.38 14.78 -7.17
C VAL D 53 -52.30 14.18 -8.12
N LYS D 54 -51.93 14.92 -9.16
CA LYS D 54 -50.91 14.48 -10.10
C LYS D 54 -49.54 14.51 -9.43
N ALA D 55 -48.58 13.77 -10.01
CA ALA D 55 -47.21 13.67 -9.49
C ALA D 55 -47.20 13.15 -8.03
N ASN D 56 -47.83 12.00 -7.85
CA ASN D 56 -47.91 11.36 -6.53
C ASN D 56 -48.54 12.33 -5.50
N ALA D 57 -49.58 13.02 -5.94
CA ALA D 57 -50.31 13.97 -5.12
C ALA D 57 -49.38 15.05 -4.55
N TYR D 58 -48.53 15.58 -5.41
CA TYR D 58 -47.59 16.62 -5.03
C TYR D 58 -46.61 16.14 -3.97
N GLY D 59 -46.26 14.85 -4.02
CA GLY D 59 -45.32 14.29 -3.06
C GLY D 59 -45.99 13.78 -1.79
N HIS D 60 -47.32 13.83 -1.71
CA HIS D 60 -48.01 13.37 -0.52
C HIS D 60 -48.55 11.94 -0.65
N GLY D 61 -48.50 11.40 -1.86
CA GLY D 61 -49.01 10.05 -2.08
C GLY D 61 -50.33 10.05 -2.82
N LEU D 62 -50.30 9.64 -4.08
CA LEU D 62 -51.48 9.60 -4.96
C LEU D 62 -52.74 8.93 -4.38
N LEU D 63 -52.62 7.65 -4.06
CA LEU D 63 -53.73 6.87 -3.53
C LEU D 63 -54.18 7.28 -2.12
N GLU D 64 -53.23 7.50 -1.22
CA GLU D 64 -53.59 7.90 0.14
C GLU D 64 -54.28 9.25 0.20
N THR D 65 -53.84 10.17 -0.64
CA THR D 65 -54.44 11.49 -0.69
C THR D 65 -55.87 11.40 -1.22
N ALA D 66 -56.10 10.45 -2.14
CA ALA D 66 -57.44 10.30 -2.71
C ALA D 66 -58.36 9.69 -1.65
N ARG D 67 -57.87 8.66 -0.95
CA ARG D 67 -58.63 7.98 0.10
C ARG D 67 -58.96 8.85 1.29
N THR D 68 -58.22 9.94 1.45
CA THR D 68 -58.42 10.88 2.55
C THR D 68 -59.53 11.88 2.19
N LEU D 69 -59.82 12.00 0.90
CA LEU D 69 -60.83 12.95 0.42
C LEU D 69 -61.97 12.31 -0.37
N PRO D 70 -62.71 11.39 0.26
CA PRO D 70 -63.83 10.74 -0.42
C PRO D 70 -64.93 11.75 -0.70
N ASP D 71 -64.74 12.98 -0.24
CA ASP D 71 -65.71 14.05 -0.43
C ASP D 71 -65.47 14.85 -1.71
N ALA D 72 -64.30 14.65 -2.33
CA ALA D 72 -63.96 15.34 -3.56
C ALA D 72 -64.93 14.97 -4.68
N ASP D 73 -65.37 15.98 -5.43
CA ASP D 73 -66.28 15.79 -6.56
C ASP D 73 -65.57 15.01 -7.68
N ALA D 74 -64.27 15.22 -7.80
CA ALA D 74 -63.46 14.54 -8.81
C ALA D 74 -61.98 14.66 -8.46
N PHE D 75 -61.14 13.92 -9.19
CA PHE D 75 -59.70 13.95 -8.98
C PHE D 75 -59.03 14.27 -10.31
N GLY D 76 -58.01 15.12 -10.27
CA GLY D 76 -57.30 15.47 -11.47
C GLY D 76 -55.91 14.84 -11.48
N VAL D 77 -55.51 14.33 -12.65
CA VAL D 77 -54.19 13.71 -12.81
C VAL D 77 -53.60 14.20 -14.14
N ALA D 78 -52.28 14.11 -14.27
CA ALA D 78 -51.56 14.52 -15.48
C ALA D 78 -51.63 13.43 -16.55
N ARG D 79 -51.44 12.20 -16.13
CA ARG D 79 -51.30 11.08 -17.03
C ARG D 79 -52.20 9.85 -16.73
N LEU D 80 -52.58 9.15 -17.78
CA LEU D 80 -53.47 7.97 -17.78
C LEU D 80 -53.13 7.04 -16.67
N GLU D 81 -51.86 6.84 -16.55
CA GLU D 81 -51.24 5.86 -15.67
C GLU D 81 -51.62 6.15 -14.22
N GLU D 82 -51.69 7.45 -13.88
CA GLU D 82 -52.03 7.90 -12.53
C GLU D 82 -53.50 7.63 -12.22
N ALA D 83 -54.35 7.81 -13.22
CA ALA D 83 -55.79 7.57 -13.07
C ALA D 83 -56.06 6.07 -12.86
N LEU D 84 -55.41 5.24 -13.68
CA LEU D 84 -55.52 3.77 -13.60
C LEU D 84 -55.03 3.27 -12.25
N ARG D 85 -53.99 3.89 -11.76
CA ARG D 85 -53.41 3.53 -10.47
C ARG D 85 -54.42 3.83 -9.35
N LEU D 86 -55.26 4.86 -9.56
CA LEU D 86 -56.31 5.25 -8.59
C LEU D 86 -57.42 4.19 -8.61
N ARG D 87 -57.86 3.79 -9.80
CA ARG D 87 -58.87 2.74 -9.94
C ARG D 87 -58.36 1.45 -9.33
N ALA D 88 -57.07 1.17 -9.52
CA ALA D 88 -56.47 -0.06 -8.98
C ALA D 88 -56.54 -0.07 -7.45
N GLY D 89 -56.41 1.11 -6.85
CA GLY D 89 -56.45 1.24 -5.40
C GLY D 89 -57.85 1.30 -4.82
N GLY D 90 -58.85 1.27 -5.70
CA GLY D 90 -60.22 1.30 -5.25
C GLY D 90 -60.93 2.64 -5.25
N ILE D 91 -60.32 3.67 -5.85
CA ILE D 91 -60.97 5.00 -5.90
C ILE D 91 -62.08 4.97 -6.97
N THR D 92 -63.30 5.35 -6.57
CA THR D 92 -64.44 5.32 -7.50
C THR D 92 -64.82 6.64 -8.14
N LYS D 93 -64.52 7.77 -7.48
CA LYS D 93 -64.81 9.10 -8.01
C LYS D 93 -64.47 9.19 -9.49
N PRO D 94 -64.89 10.27 -10.15
CA PRO D 94 -64.57 10.56 -11.54
C PRO D 94 -63.13 11.08 -11.50
N VAL D 95 -62.32 10.70 -12.49
CA VAL D 95 -60.96 11.15 -12.54
C VAL D 95 -60.81 11.90 -13.85
N LEU D 96 -60.27 13.11 -13.76
CA LEU D 96 -60.06 13.98 -14.91
C LEU D 96 -58.64 13.94 -15.49
N LEU D 97 -58.52 13.49 -16.72
CA LEU D 97 -57.23 13.45 -17.38
C LEU D 97 -57.00 14.86 -17.87
N LEU D 98 -56.24 15.63 -17.10
CA LEU D 98 -55.93 17.02 -17.43
C LEU D 98 -55.23 17.29 -18.78
N GLU D 99 -54.44 16.32 -19.24
CA GLU D 99 -53.72 16.46 -20.51
C GLU D 99 -54.33 15.59 -21.61
N GLY D 100 -55.42 14.92 -21.29
CA GLY D 100 -56.07 14.04 -22.24
C GLY D 100 -55.35 12.71 -22.32
N PHE D 101 -55.58 11.98 -23.41
CA PHE D 101 -54.95 10.68 -23.63
C PHE D 101 -53.89 10.80 -24.73
N PHE D 102 -52.81 10.04 -24.60
CA PHE D 102 -51.72 10.12 -25.57
C PHE D 102 -51.78 9.10 -26.71
N ASP D 103 -52.69 8.13 -26.60
CA ASP D 103 -52.84 7.13 -27.63
C ASP D 103 -54.31 6.81 -27.87
N ALA D 104 -54.70 6.74 -29.14
CA ALA D 104 -56.08 6.47 -29.49
C ALA D 104 -56.54 5.12 -28.99
N ARG D 105 -55.59 4.20 -28.83
CA ARG D 105 -55.91 2.86 -28.38
C ARG D 105 -56.29 2.83 -26.90
N ASP D 106 -56.22 4.00 -26.26
CA ASP D 106 -56.56 4.15 -24.83
C ASP D 106 -58.04 4.46 -24.59
N LEU D 107 -58.73 4.96 -25.62
CA LEU D 107 -60.13 5.31 -25.49
C LEU D 107 -61.02 4.22 -24.88
N PRO D 108 -60.77 2.95 -25.26
CA PRO D 108 -61.57 1.85 -24.71
C PRO D 108 -61.48 1.71 -23.19
N THR D 109 -60.26 1.84 -22.65
CA THR D 109 -60.07 1.73 -21.21
C THR D 109 -60.60 2.97 -20.50
N ILE D 110 -60.45 4.13 -21.12
CA ILE D 110 -60.93 5.41 -20.57
C ILE D 110 -62.46 5.44 -20.48
N SER D 111 -63.11 4.84 -21.47
CA SER D 111 -64.57 4.77 -21.54
C SER D 111 -65.09 3.81 -20.46
N ALA D 112 -64.46 2.65 -20.40
CA ALA D 112 -64.80 1.60 -19.44
C ALA D 112 -64.51 2.01 -17.98
N GLN D 113 -63.41 2.73 -17.78
CA GLN D 113 -63.00 3.18 -16.44
C GLN D 113 -63.72 4.42 -16.00
N HIS D 114 -64.53 4.99 -16.90
CA HIS D 114 -65.28 6.20 -16.60
C HIS D 114 -64.37 7.36 -16.22
N PHE D 115 -63.34 7.56 -17.06
CA PHE D 115 -62.38 8.64 -16.89
C PHE D 115 -62.87 9.78 -17.77
N HIS D 116 -62.80 11.00 -17.25
CA HIS D 116 -63.20 12.17 -18.02
C HIS D 116 -61.90 12.67 -18.62
N THR D 117 -61.97 13.21 -19.84
CA THR D 117 -60.75 13.64 -20.48
C THR D 117 -60.81 15.02 -21.11
N ALA D 118 -59.63 15.60 -21.23
CA ALA D 118 -59.45 16.89 -21.87
C ALA D 118 -59.18 16.52 -23.34
N VAL D 119 -59.46 17.44 -24.26
CA VAL D 119 -59.20 17.16 -25.67
C VAL D 119 -58.59 18.44 -26.19
N HIS D 120 -57.32 18.37 -26.59
CA HIS D 120 -56.63 19.57 -27.06
C HIS D 120 -56.07 19.52 -28.48
N ASN D 121 -56.03 18.33 -29.09
CA ASN D 121 -55.50 18.25 -30.44
C ASN D 121 -56.32 17.43 -31.42
N GLU D 122 -55.92 17.44 -32.68
CA GLU D 122 -56.71 16.84 -33.75
C GLU D 122 -57.08 15.40 -33.42
N GLU D 123 -56.05 14.60 -33.20
CA GLU D 123 -56.19 13.17 -33.25
C GLU D 123 -56.73 12.63 -31.94
N GLN D 124 -56.61 13.38 -30.84
CA GLN D 124 -57.54 13.12 -29.76
C GLN D 124 -58.98 13.26 -30.21
N LEU D 125 -59.24 14.28 -31.04
CA LEU D 125 -60.58 14.49 -31.59
C LEU D 125 -60.91 13.47 -32.70
N ALA D 126 -59.97 13.26 -33.62
CA ALA D 126 -60.16 12.29 -34.70
C ALA D 126 -60.32 10.89 -34.09
N ALA D 127 -59.61 10.63 -33.00
CA ALA D 127 -59.71 9.33 -32.35
C ALA D 127 -61.10 9.11 -31.76
N LEU D 128 -61.63 10.15 -31.16
CA LEU D 128 -62.95 10.09 -30.63
C LEU D 128 -64.05 10.06 -31.72
N GLU D 129 -63.75 10.57 -32.92
CA GLU D 129 -64.66 10.51 -34.04
C GLU D 129 -64.81 9.17 -34.71
N GLU D 130 -63.77 8.33 -34.70
CA GLU D 130 -63.87 7.02 -35.33
C GLU D 130 -63.72 5.82 -34.42
N ALA D 131 -63.64 6.07 -33.12
CA ALA D 131 -63.53 4.96 -32.18
C ALA D 131 -64.92 4.31 -32.09
N SER D 132 -64.97 3.12 -31.50
CA SER D 132 -66.21 2.39 -31.30
C SER D 132 -66.11 2.00 -29.84
N LEU D 133 -66.91 2.66 -29.01
CA LEU D 133 -66.86 2.41 -27.58
C LEU D 133 -68.22 1.95 -27.08
N ASP D 134 -68.21 1.13 -26.03
CA ASP D 134 -69.46 0.64 -25.46
C ASP D 134 -70.22 1.77 -24.77
N GLU D 135 -69.49 2.79 -24.33
CA GLU D 135 -70.08 3.95 -23.66
C GLU D 135 -69.39 5.23 -24.12
N PRO D 136 -70.14 6.35 -24.17
CA PRO D 136 -69.54 7.60 -24.60
C PRO D 136 -68.66 8.09 -23.43
N VAL D 137 -67.77 9.05 -23.68
CA VAL D 137 -66.92 9.57 -22.61
C VAL D 137 -67.16 11.08 -22.34
N THR D 138 -67.09 11.47 -21.06
CA THR D 138 -67.25 12.87 -20.68
C THR D 138 -65.96 13.60 -21.06
N VAL D 139 -66.10 14.70 -21.77
CA VAL D 139 -64.96 15.46 -22.26
C VAL D 139 -64.96 16.93 -21.84
N TRP D 140 -63.77 17.51 -21.70
CA TRP D 140 -63.62 18.94 -21.48
C TRP D 140 -62.63 19.46 -22.47
N MET D 141 -63.15 20.24 -23.41
CA MET D 141 -62.33 20.79 -24.49
C MET D 141 -61.32 21.77 -23.85
N KCX D 142 -60.02 21.55 -24.10
CA KCX D 142 -59.01 22.43 -23.53
CB KCX D 142 -57.68 21.69 -23.24
CG KCX D 142 -56.79 22.47 -22.27
CD KCX D 142 -55.65 21.57 -21.77
CE KCX D 142 -54.83 22.09 -20.57
NZ KCX D 142 -53.80 23.25 -20.58
C KCX D 142 -58.80 23.57 -24.50
O KCX D 142 -58.47 23.37 -25.68
CX KCX D 142 -52.64 23.17 -19.92
OQ1 KCX D 142 -52.41 22.12 -19.28
OQ2 KCX D 142 -51.87 24.15 -19.98
N LEU D 143 -59.05 24.78 -24.01
CA LEU D 143 -58.91 25.99 -24.79
C LEU D 143 -57.65 26.77 -24.35
N ASP D 144 -56.82 27.16 -25.32
CA ASP D 144 -55.61 27.93 -25.04
C ASP D 144 -56.05 29.39 -25.00
N THR D 145 -56.05 29.97 -23.80
CA THR D 145 -56.47 31.35 -23.61
C THR D 145 -55.31 32.29 -23.28
N GLY D 146 -54.08 31.78 -23.41
CA GLY D 146 -52.92 32.63 -23.14
C GLY D 146 -51.68 31.91 -22.68
N MET D 147 -51.83 30.77 -22.04
CA MET D 147 -50.67 30.01 -21.55
C MET D 147 -49.77 29.50 -22.68
N HIS D 148 -50.38 29.20 -23.82
CA HIS D 148 -49.69 28.68 -24.98
C HIS D 148 -48.88 27.41 -24.64
N ARG D 149 -49.52 26.52 -23.88
CA ARG D 149 -48.90 25.25 -23.54
C ARG D 149 -49.72 24.12 -24.22
N LEU D 150 -50.91 23.87 -23.72
CA LEU D 150 -51.78 22.88 -24.29
C LEU D 150 -52.97 23.66 -24.68
N GLY D 151 -53.53 23.43 -25.87
CA GLY D 151 -54.32 24.48 -26.48
C GLY D 151 -54.80 24.38 -27.92
N VAL D 152 -56.08 24.08 -28.08
CA VAL D 152 -56.83 24.62 -29.22
C VAL D 152 -57.05 26.11 -29.19
N ARG D 153 -56.28 26.78 -30.03
CA ARG D 153 -56.20 28.23 -30.12
C ARG D 153 -57.55 28.79 -30.51
N PRO D 154 -57.87 30.01 -30.03
CA PRO D 154 -59.14 30.70 -30.30
C PRO D 154 -59.69 30.58 -31.74
N GLU D 155 -58.88 30.94 -32.73
CA GLU D 155 -59.17 30.82 -34.16
C GLU D 155 -59.73 29.49 -34.59
N GLN D 156 -59.23 28.42 -33.97
CA GLN D 156 -59.50 27.04 -34.38
C GLN D 156 -60.51 26.36 -33.45
N ALA D 157 -60.80 27.02 -32.32
CA ALA D 157 -61.70 26.48 -31.29
C ALA D 157 -63.18 26.25 -31.62
N GLU D 158 -63.76 27.13 -32.44
CA GLU D 158 -65.18 26.99 -32.76
C GLU D 158 -65.47 25.76 -33.64
N ALA D 159 -64.61 25.51 -34.63
CA ALA D 159 -64.78 24.38 -35.53
C ALA D 159 -64.52 23.08 -34.78
N PHE D 160 -63.47 23.10 -33.96
CA PHE D 160 -63.03 21.97 -33.13
C PHE D 160 -64.14 21.63 -32.14
N TYR D 161 -64.67 22.66 -31.49
CA TYR D 161 -65.75 22.49 -30.55
C TYR D 161 -66.96 21.84 -31.21
N HIS D 162 -67.37 22.38 -32.35
CA HIS D 162 -68.52 21.83 -33.05
C HIS D 162 -68.37 20.35 -33.43
N ARG D 163 -67.15 19.90 -33.72
CA ARG D 163 -66.98 18.49 -34.06
C ARG D 163 -67.22 17.57 -32.86
N LEU D 164 -66.93 18.08 -31.66
CA LEU D 164 -67.11 17.33 -30.42
C LEU D 164 -68.59 17.17 -30.06
N THR D 165 -69.42 18.15 -30.40
CA THR D 165 -70.85 18.03 -30.12
C THR D 165 -71.52 17.08 -31.11
N GLN D 166 -70.78 16.68 -32.15
CA GLN D 166 -71.31 15.77 -33.17
C GLN D 166 -70.82 14.33 -32.97
N CYS D 167 -70.00 14.13 -31.95
CA CYS D 167 -69.46 12.80 -31.66
C CYS D 167 -70.47 11.97 -30.91
N LYS D 168 -70.59 10.70 -31.29
CA LYS D 168 -71.49 9.76 -30.60
C LYS D 168 -70.71 9.20 -29.40
N ASN D 169 -69.37 9.28 -29.47
CA ASN D 169 -68.53 8.79 -28.39
C ASN D 169 -68.31 9.82 -27.27
N VAL D 170 -68.81 11.04 -27.48
CA VAL D 170 -68.69 12.08 -26.46
C VAL D 170 -70.06 12.29 -25.81
N ARG D 171 -70.08 12.18 -24.49
CA ARG D 171 -71.31 12.37 -23.72
C ARG D 171 -71.59 13.89 -23.61
N GLN D 172 -72.67 14.36 -24.24
CA GLN D 172 -73.04 15.76 -24.25
C GLN D 172 -73.53 16.27 -22.88
N PRO D 173 -73.31 17.56 -22.56
CA PRO D 173 -72.63 18.58 -23.39
C PRO D 173 -71.11 18.57 -23.27
N VAL D 174 -70.45 19.22 -24.24
CA VAL D 174 -69.00 19.33 -24.22
C VAL D 174 -68.65 20.39 -23.17
N ASN D 175 -67.81 20.03 -22.20
CA ASN D 175 -67.40 20.97 -21.17
C ASN D 175 -66.16 21.73 -21.64
N ILE D 176 -65.92 22.88 -21.04
CA ILE D 176 -64.80 23.72 -21.46
C ILE D 176 -63.85 24.02 -20.30
N VAL D 177 -62.58 23.74 -20.54
CA VAL D 177 -61.52 23.93 -19.53
C VAL D 177 -60.35 24.77 -20.07
N SER D 178 -59.68 25.48 -19.17
CA SER D 178 -58.54 26.30 -19.52
C SER D 178 -57.72 26.52 -18.24
N HIS D 179 -56.51 27.07 -18.39
CA HIS D 179 -55.61 27.26 -17.25
C HIS D 179 -54.87 28.61 -17.32
N PHE D 180 -54.69 29.23 -16.16
CA PHE D 180 -53.99 30.52 -16.05
C PHE D 180 -52.47 30.36 -16.05
N ALA D 181 -51.77 31.31 -16.68
CA ALA D 181 -50.32 31.27 -16.74
C ALA D 181 -49.65 32.18 -15.72
N ARG D 182 -50.39 33.21 -15.27
CA ARG D 182 -49.85 34.19 -14.33
C ARG D 182 -50.89 34.73 -13.35
N ALA D 183 -51.71 33.84 -12.78
CA ALA D 183 -52.74 34.26 -11.81
C ALA D 183 -52.13 34.77 -10.50
N ASP D 184 -50.87 34.40 -10.26
CA ASP D 184 -50.17 34.81 -9.05
C ASP D 184 -49.53 36.20 -9.19
N GLU D 185 -49.83 36.85 -10.32
CA GLU D 185 -49.32 38.19 -10.61
C GLU D 185 -50.50 39.09 -10.92
N PRO D 186 -51.31 39.42 -9.89
CA PRO D 186 -52.50 40.27 -10.05
C PRO D 186 -52.32 41.63 -10.72
N LYS D 187 -51.09 42.17 -10.72
CA LYS D 187 -50.82 43.48 -11.33
C LYS D 187 -50.66 43.51 -12.86
N CYS D 188 -50.36 42.37 -13.47
CA CYS D 188 -50.26 42.35 -14.94
C CYS D 188 -51.64 41.90 -15.44
N GLY D 189 -52.04 42.38 -16.59
CA GLY D 189 -53.36 42.00 -17.08
C GLY D 189 -53.48 40.66 -17.77
N ALA D 190 -52.60 39.73 -17.44
CA ALA D 190 -52.62 38.40 -18.06
C ALA D 190 -53.89 37.64 -17.80
N THR D 191 -54.25 37.52 -16.53
CA THR D 191 -55.47 36.81 -16.12
C THR D 191 -56.78 37.43 -16.65
N GLU D 192 -56.89 38.75 -16.63
CA GLU D 192 -58.11 39.39 -17.15
C GLU D 192 -58.26 39.13 -18.66
N LYS D 193 -57.13 39.06 -19.35
CA LYS D 193 -57.12 38.79 -20.78
C LYS D 193 -57.54 37.35 -21.11
N GLN D 194 -57.06 36.39 -20.32
CA GLN D 194 -57.41 34.98 -20.52
C GLN D 194 -58.90 34.80 -20.21
N LEU D 195 -59.33 35.48 -19.16
CA LEU D 195 -60.72 35.43 -18.71
C LEU D 195 -61.60 36.02 -19.81
N ALA D 196 -61.13 37.09 -20.44
CA ALA D 196 -61.87 37.73 -21.54
C ALA D 196 -62.05 36.77 -22.70
N ILE D 197 -60.98 36.06 -23.04
CA ILE D 197 -61.01 35.10 -24.14
C ILE D 197 -61.84 33.87 -23.77
N PHE D 198 -61.75 33.42 -22.52
CA PHE D 198 -62.49 32.26 -22.04
C PHE D 198 -63.99 32.57 -22.11
N ASN D 199 -64.36 33.73 -21.59
CA ASN D 199 -65.75 34.18 -21.57
C ASN D 199 -66.36 34.33 -22.95
N THR D 200 -65.60 34.90 -23.89
CA THR D 200 -66.09 35.08 -25.26
C THR D 200 -66.44 33.73 -25.92
N PHE D 201 -65.58 32.74 -25.73
CA PHE D 201 -65.81 31.44 -26.33
C PHE D 201 -66.95 30.66 -25.69
N CYS D 202 -67.13 30.81 -24.38
CA CYS D 202 -68.17 30.06 -23.69
C CYS D 202 -69.58 30.63 -23.87
N GLU D 203 -69.67 31.88 -24.33
CA GLU D 203 -70.98 32.52 -24.53
C GLU D 203 -71.90 31.62 -25.34
N GLY D 204 -73.10 31.39 -24.83
CA GLY D 204 -74.09 30.57 -25.53
C GLY D 204 -73.87 29.08 -25.54
N LYS D 205 -72.83 28.60 -24.88
CA LYS D 205 -72.57 27.17 -24.86
C LYS D 205 -72.95 26.56 -23.52
N PRO D 206 -73.52 25.35 -23.57
CA PRO D 206 -73.93 24.67 -22.34
C PRO D 206 -72.64 24.01 -21.84
N GLY D 207 -72.75 23.09 -20.88
CA GLY D 207 -71.54 22.45 -20.43
C GLY D 207 -70.80 23.28 -19.41
N GLN D 208 -70.18 22.56 -18.47
CA GLN D 208 -69.44 23.15 -17.37
C GLN D 208 -68.25 23.95 -17.87
N ARG D 209 -67.85 24.94 -17.07
CA ARG D 209 -66.71 25.77 -17.39
C ARG D 209 -65.73 25.71 -16.23
N SER D 210 -64.45 25.62 -16.56
CA SER D 210 -63.41 25.54 -15.52
C SER D 210 -62.08 26.11 -16.00
N ILE D 211 -61.52 27.07 -15.26
CA ILE D 211 -60.26 27.68 -15.63
C ILE D 211 -59.36 27.94 -14.42
N ALA D 212 -59.96 27.95 -13.23
CA ALA D 212 -59.23 28.23 -12.00
C ALA D 212 -58.59 27.07 -11.22
N ALA D 213 -57.33 27.28 -10.85
CA ALA D 213 -56.55 26.34 -10.05
C ALA D 213 -56.34 27.10 -8.73
N SER D 214 -55.28 26.78 -7.99
CA SER D 214 -55.04 27.44 -6.70
C SER D 214 -55.10 28.97 -6.71
N GLY D 215 -54.33 29.58 -7.61
CA GLY D 215 -54.28 31.04 -7.72
C GLY D 215 -55.63 31.66 -8.07
N GLY D 216 -56.26 31.15 -9.11
CA GLY D 216 -57.55 31.67 -9.51
C GLY D 216 -58.59 31.57 -8.41
N ILE D 217 -58.53 30.48 -7.64
CA ILE D 217 -59.47 30.25 -6.53
C ILE D 217 -59.32 31.31 -5.43
N LEU D 218 -58.07 31.58 -5.02
CA LEU D 218 -57.78 32.54 -3.98
C LEU D 218 -57.79 34.01 -4.38
N LEU D 219 -57.31 34.32 -5.57
CA LEU D 219 -57.23 35.72 -5.98
C LEU D 219 -58.27 36.20 -7.00
N TRP D 220 -58.89 35.26 -7.71
CA TRP D 220 -59.90 35.59 -8.71
C TRP D 220 -61.20 34.84 -8.46
N PRO D 221 -62.04 35.39 -7.59
CA PRO D 221 -63.34 34.76 -7.26
C PRO D 221 -64.29 34.77 -8.46
N GLN D 222 -63.92 35.52 -9.50
CA GLN D 222 -64.74 35.60 -10.70
C GLN D 222 -64.38 34.51 -11.71
N SER D 223 -63.31 33.78 -11.41
CA SER D 223 -62.86 32.72 -12.28
C SER D 223 -63.28 31.36 -11.80
N HIS D 224 -64.08 31.32 -10.76
CA HIS D 224 -64.53 30.09 -10.10
C HIS D 224 -65.42 29.24 -10.98
N PHE D 225 -66.40 29.88 -11.61
CA PHE D 225 -67.33 29.20 -12.50
C PHE D 225 -67.93 27.91 -11.92
N ASP D 226 -68.01 26.87 -12.72
CA ASP D 226 -68.62 25.62 -12.25
C ASP D 226 -67.69 24.72 -11.46
N TRP D 227 -66.45 24.60 -11.94
CA TRP D 227 -65.47 23.75 -11.29
C TRP D 227 -64.14 24.47 -11.12
N VAL D 228 -63.56 24.32 -9.94
CA VAL D 228 -62.25 24.89 -9.63
C VAL D 228 -61.35 23.68 -9.42
N ARG D 229 -60.07 23.84 -9.70
CA ARG D 229 -59.13 22.72 -9.57
C ARG D 229 -58.01 22.99 -8.55
N PRO D 230 -58.29 22.82 -7.25
CA PRO D 230 -57.23 23.08 -6.28
C PRO D 230 -56.11 22.02 -6.29
N GLY D 231 -54.88 22.51 -6.36
CA GLY D 231 -53.73 21.65 -6.35
C GLY D 231 -52.91 21.97 -5.13
N ILE D 232 -51.89 22.80 -5.30
CA ILE D 232 -50.99 23.12 -4.19
C ILE D 232 -51.65 23.58 -2.92
N ILE D 233 -52.62 24.48 -3.01
CA ILE D 233 -53.25 24.95 -1.79
C ILE D 233 -54.03 23.88 -1.02
N LEU D 234 -54.38 22.81 -1.73
CA LEU D 234 -55.11 21.69 -1.13
C LEU D 234 -54.23 21.07 -0.05
N TYR D 235 -52.91 21.20 -0.23
CA TYR D 235 -51.93 20.66 0.70
C TYR D 235 -51.46 21.71 1.71
N GLY D 236 -52.18 22.83 1.77
CA GLY D 236 -51.87 23.89 2.70
C GLY D 236 -50.64 24.69 2.38
N VAL D 237 -50.30 24.81 1.11
CA VAL D 237 -49.13 25.56 0.68
C VAL D 237 -49.59 26.64 -0.31
N SER D 238 -49.05 27.84 -0.16
CA SER D 238 -49.40 28.97 -1.01
C SER D 238 -48.76 28.87 -2.37
N PRO D 239 -49.53 29.17 -3.44
CA PRO D 239 -49.06 29.14 -4.83
C PRO D 239 -48.34 30.43 -5.20
N LEU D 240 -48.24 31.26 -4.19
CA LEU D 240 -47.99 32.67 -4.34
C LEU D 240 -46.54 32.98 -4.05
N PRO D 241 -46.07 34.06 -4.64
CA PRO D 241 -44.65 34.30 -4.55
C PRO D 241 -44.11 35.25 -3.46
N ASP D 242 -44.98 35.65 -2.52
CA ASP D 242 -44.62 36.51 -1.41
C ASP D 242 -44.61 35.70 -0.13
N ARG D 243 -44.29 36.34 0.98
CA ARG D 243 -44.06 35.65 2.26
C ARG D 243 -45.33 34.99 2.77
N SER D 244 -46.27 34.74 1.87
CA SER D 244 -47.55 34.13 2.24
C SER D 244 -47.47 32.60 2.31
N THR D 245 -48.21 32.02 3.24
CA THR D 245 -48.25 30.57 3.41
C THR D 245 -49.70 30.07 3.26
N GLY D 246 -49.89 28.76 3.44
CA GLY D 246 -51.24 28.22 3.32
C GLY D 246 -52.15 28.76 4.42
N ALA D 247 -51.54 29.11 5.56
CA ALA D 247 -52.26 29.65 6.73
C ALA D 247 -52.84 31.05 6.50
N ASP D 248 -52.36 31.72 5.44
CA ASP D 248 -52.81 33.06 5.05
C ASP D 248 -54.21 32.94 4.50
N PHE D 249 -54.57 31.71 4.11
CA PHE D 249 -55.88 31.45 3.54
C PHE D 249 -56.70 30.46 4.36
N GLY D 250 -56.19 30.14 5.56
CA GLY D 250 -56.88 29.24 6.44
C GLY D 250 -56.65 27.79 6.09
N CYS D 251 -55.63 27.52 5.30
CA CYS D 251 -55.31 26.15 4.90
C CYS D 251 -54.14 25.65 5.73
N GLN D 252 -54.25 24.40 6.18
CA GLN D 252 -53.23 23.81 7.03
C GLN D 252 -52.26 22.92 6.29
N PRO D 253 -50.96 23.06 6.56
CA PRO D 253 -49.91 22.26 5.92
C PRO D 253 -50.09 20.76 6.22
N VAL D 254 -50.04 19.97 5.14
CA VAL D 254 -50.25 18.54 5.22
C VAL D 254 -48.96 17.75 5.37
N MET D 255 -47.90 18.19 4.71
CA MET D 255 -46.61 17.51 4.73
C MET D 255 -45.54 18.02 5.70
N SER D 256 -44.82 17.07 6.29
CA SER D 256 -43.71 17.37 7.20
C SER D 256 -42.57 16.49 6.73
N LEU D 257 -41.48 17.10 6.28
CA LEU D 257 -40.33 16.32 5.84
C LEU D 257 -39.45 16.18 7.08
N THR D 258 -39.34 14.96 7.60
CA THR D 258 -38.57 14.73 8.82
C THR D 258 -37.47 13.69 8.68
N SER D 259 -36.59 13.64 9.68
CA SER D 259 -35.47 12.71 9.73
C SER D 259 -34.91 12.71 11.14
N SER D 260 -33.65 12.30 11.30
CA SER D 260 -33.00 12.27 12.61
C SER D 260 -31.51 12.56 12.45
N LEU D 261 -30.85 12.92 13.56
CA LEU D 261 -29.41 13.16 13.53
C LEU D 261 -28.74 11.80 13.62
N ILE D 262 -27.65 11.62 12.88
CA ILE D 262 -26.91 10.37 12.91
C ILE D 262 -25.52 10.60 13.50
N ALA D 263 -25.27 11.84 13.93
CA ALA D 263 -24.00 12.22 14.55
C ALA D 263 -23.98 13.66 15.05
N VAL D 264 -23.27 13.86 16.17
CA VAL D 264 -23.07 15.18 16.76
C VAL D 264 -21.58 15.15 17.06
N ARG D 265 -20.82 15.97 16.34
CA ARG D 265 -19.36 15.99 16.43
C ARG D 265 -18.78 17.34 16.84
N GLU D 266 -17.57 17.32 17.38
CA GLU D 266 -16.89 18.55 17.77
C GLU D 266 -16.33 19.14 16.47
N HIS D 267 -16.20 20.45 16.42
CA HIS D 267 -15.67 21.12 15.25
C HIS D 267 -14.88 22.33 15.77
N LYS D 268 -13.87 22.77 15.02
CA LYS D 268 -13.11 23.93 15.47
C LYS D 268 -13.02 25.11 14.52
N ALA D 269 -12.80 26.29 15.10
CA ALA D 269 -12.69 27.53 14.34
C ALA D 269 -11.71 27.39 13.19
N GLY D 270 -12.06 27.99 12.05
CA GLY D 270 -11.21 27.92 10.87
C GLY D 270 -11.39 26.66 10.03
N GLU D 271 -12.11 25.66 10.54
CA GLU D 271 -12.33 24.40 9.82
C GLU D 271 -13.55 24.43 8.92
N PRO D 272 -13.41 23.96 7.67
CA PRO D 272 -14.47 23.90 6.68
C PRO D 272 -15.37 22.66 6.86
N VAL D 273 -16.52 22.68 6.19
CA VAL D 273 -17.44 21.56 6.28
C VAL D 273 -18.01 21.20 4.91
N GLY D 274 -18.07 19.89 4.65
CA GLY D 274 -18.63 19.38 3.42
C GLY D 274 -17.79 19.54 2.17
N TYR D 275 -18.35 19.08 1.05
CA TYR D 275 -17.70 19.12 -0.25
C TYR D 275 -17.40 20.55 -0.69
N GLY D 276 -16.25 20.74 -1.30
CA GLY D 276 -15.87 22.07 -1.76
C GLY D 276 -15.49 23.04 -0.66
N GLY D 277 -15.47 22.57 0.59
CA GLY D 277 -15.11 23.45 1.70
C GLY D 277 -15.94 24.72 1.71
N THR D 278 -17.20 24.60 1.27
CA THR D 278 -18.18 25.68 1.15
C THR D 278 -18.37 26.59 2.35
N TRP D 279 -18.30 26.03 3.56
CA TRP D 279 -18.51 26.76 4.79
C TRP D 279 -17.32 26.57 5.73
N VAL D 280 -16.86 27.67 6.34
CA VAL D 280 -15.75 27.59 7.29
C VAL D 280 -16.22 28.19 8.60
N SER D 281 -15.98 27.48 9.70
CA SER D 281 -16.43 27.96 11.01
C SER D 281 -15.55 29.05 11.64
N GLU D 282 -16.21 30.03 12.25
CA GLU D 282 -15.48 31.11 12.91
C GLU D 282 -15.33 30.80 14.39
N ARG D 283 -15.87 29.66 14.82
CA ARG D 283 -15.79 29.25 16.21
C ARG D 283 -15.83 27.76 16.47
N ASP D 284 -15.33 27.35 17.63
CA ASP D 284 -15.35 25.96 18.02
C ASP D 284 -16.84 25.74 18.21
N THR D 285 -17.36 24.62 17.74
CA THR D 285 -18.79 24.39 17.86
C THR D 285 -19.03 22.90 17.75
N ARG D 286 -20.29 22.51 17.69
CA ARG D 286 -20.67 21.12 17.52
C ARG D 286 -21.56 21.05 16.30
N LEU D 287 -21.26 20.10 15.42
CA LEU D 287 -22.02 19.92 14.21
C LEU D 287 -22.91 18.67 14.28
N GLY D 288 -24.13 18.81 13.76
CA GLY D 288 -25.06 17.70 13.72
C GLY D 288 -25.11 17.21 12.27
N VAL D 289 -25.27 15.90 12.09
CA VAL D 289 -25.38 15.33 10.75
C VAL D 289 -26.78 14.72 10.63
N VAL D 290 -27.52 15.15 9.61
CA VAL D 290 -28.89 14.71 9.39
C VAL D 290 -28.97 13.62 8.32
N ALA D 291 -29.82 12.64 8.56
CA ALA D 291 -30.01 11.56 7.60
C ALA D 291 -30.98 12.09 6.54
N MET D 292 -30.51 13.07 5.77
CA MET D 292 -31.31 13.71 4.72
C MET D 292 -30.37 14.32 3.68
N GLY D 293 -30.69 14.13 2.40
CA GLY D 293 -29.89 14.68 1.33
C GLY D 293 -30.71 14.80 0.07
N TYR D 294 -30.08 15.07 -1.07
CA TYR D 294 -30.85 15.19 -2.31
C TYR D 294 -31.19 13.84 -2.95
N GLY D 295 -30.67 12.76 -2.35
CA GLY D 295 -30.97 11.42 -2.82
C GLY D 295 -32.35 11.08 -2.30
N ASP D 296 -32.87 11.96 -1.45
CA ASP D 296 -34.20 11.85 -0.81
C ASP D 296 -35.14 12.89 -1.39
N GLY D 297 -34.55 13.92 -1.99
CA GLY D 297 -35.33 14.98 -2.60
C GLY D 297 -35.03 16.35 -2.03
N TYR D 298 -34.17 16.44 -1.01
CA TYR D 298 -33.84 17.73 -0.42
C TYR D 298 -32.92 18.52 -1.37
N PRO D 299 -33.27 19.77 -1.70
CA PRO D 299 -32.46 20.57 -2.62
C PRO D 299 -30.97 20.69 -2.32
N ARG D 300 -30.17 20.30 -3.29
CA ARG D 300 -28.72 20.37 -3.19
C ARG D 300 -28.30 21.83 -3.18
N ALA D 301 -29.18 22.68 -3.71
CA ALA D 301 -28.97 24.12 -3.82
C ALA D 301 -29.10 24.86 -2.49
N ALA D 302 -29.62 24.19 -1.47
CA ALA D 302 -29.80 24.81 -0.16
C ALA D 302 -28.50 25.44 0.33
N PRO D 303 -28.48 26.78 0.50
CA PRO D 303 -27.28 27.48 0.97
C PRO D 303 -27.07 27.36 2.47
N SER D 304 -25.84 27.43 2.92
CA SER D 304 -25.56 27.39 4.34
C SER D 304 -26.40 28.50 4.92
N GLY D 305 -26.97 28.28 6.09
CA GLY D 305 -27.91 29.22 6.67
C GLY D 305 -29.34 28.71 6.67
N THR D 306 -29.75 28.15 5.53
CA THR D 306 -31.11 27.65 5.38
C THR D 306 -31.54 26.83 6.61
N PRO D 307 -32.75 27.09 7.09
CA PRO D 307 -33.13 26.73 8.46
C PRO D 307 -33.59 25.28 8.55
N VAL D 308 -33.38 24.66 9.71
CA VAL D 308 -33.76 23.26 9.91
C VAL D 308 -34.02 23.15 11.43
N LEU D 309 -35.06 22.42 11.80
CA LEU D 309 -35.37 22.27 13.21
C LEU D 309 -34.77 21.02 13.81
N VAL D 310 -33.97 21.20 14.86
CA VAL D 310 -33.34 20.10 15.58
C VAL D 310 -33.91 20.21 16.99
N ASN D 311 -34.60 19.16 17.44
CA ASN D 311 -35.24 19.11 18.76
C ASN D 311 -36.15 20.32 18.93
N GLY D 312 -36.87 20.66 17.85
CA GLY D 312 -37.79 21.79 17.85
C GLY D 312 -37.14 23.15 17.98
N ARG D 313 -35.85 23.21 17.68
CA ARG D 313 -35.08 24.45 17.77
C ARG D 313 -34.39 24.64 16.43
N GLU D 314 -34.49 25.84 15.88
CA GLU D 314 -33.90 26.15 14.57
C GLU D 314 -32.39 26.32 14.56
N VAL D 315 -31.74 25.56 13.69
CA VAL D 315 -30.29 25.61 13.50
C VAL D 315 -30.01 25.75 11.98
N PRO D 316 -28.87 26.37 11.61
CA PRO D 316 -28.56 26.56 10.19
C PRO D 316 -27.78 25.44 9.53
N ILE D 317 -28.03 25.26 8.24
CA ILE D 317 -27.31 24.27 7.45
C ILE D 317 -25.96 24.90 7.19
N VAL D 318 -24.90 24.12 7.37
CA VAL D 318 -23.55 24.62 7.14
C VAL D 318 -22.88 23.65 6.16
N GLY D 319 -22.43 24.20 5.03
CA GLY D 319 -21.79 23.37 4.04
C GLY D 319 -22.80 22.92 3.00
N ARG D 320 -22.27 22.31 1.95
CA ARG D 320 -23.03 21.79 0.82
C ARG D 320 -23.85 20.57 1.23
N VAL D 321 -25.12 20.52 0.79
CA VAL D 321 -26.04 19.40 1.04
C VAL D 321 -25.55 18.24 0.16
N ALA D 322 -25.30 17.09 0.78
CA ALA D 322 -24.83 15.92 0.06
C ALA D 322 -26.00 15.03 -0.35
N MET D 323 -25.69 13.92 -1.02
CA MET D 323 -26.72 13.02 -1.48
C MET D 323 -27.52 12.41 -0.34
N ASP D 324 -26.84 12.11 0.77
CA ASP D 324 -27.50 11.44 1.91
C ASP D 324 -27.42 12.17 3.24
N MET D 325 -26.60 13.22 3.32
CA MET D 325 -26.46 13.93 4.58
C MET D 325 -26.46 15.46 4.47
N ILE D 326 -26.77 16.07 5.61
CA ILE D 326 -26.81 17.51 5.77
C ILE D 326 -26.23 17.84 7.14
N CYS D 327 -25.31 18.79 7.18
CA CYS D 327 -24.68 19.21 8.44
C CYS D 327 -25.32 20.51 8.91
N VAL D 328 -25.48 20.63 10.23
CA VAL D 328 -26.06 21.82 10.83
C VAL D 328 -25.19 22.27 12.00
N ASP D 329 -25.20 23.56 12.28
CA ASP D 329 -24.40 24.11 13.37
C ASP D 329 -25.28 24.15 14.61
N LEU D 330 -24.92 23.35 15.61
CA LEU D 330 -25.68 23.27 16.85
C LEU D 330 -25.16 24.20 17.97
N GLY D 331 -23.84 24.40 18.04
CA GLY D 331 -23.26 25.23 19.08
C GLY D 331 -22.28 24.41 19.90
N PRO D 332 -21.21 25.03 20.46
CA PRO D 332 -20.18 24.37 21.27
C PRO D 332 -20.60 23.43 22.40
N GLN D 333 -21.71 23.73 23.09
CA GLN D 333 -22.20 22.86 24.18
C GLN D 333 -23.63 22.44 23.94
N ALA D 334 -23.88 22.08 22.69
CA ALA D 334 -25.19 21.77 22.16
C ALA D 334 -25.24 20.48 22.95
N GLN D 335 -26.45 20.06 23.31
CA GLN D 335 -26.70 18.82 24.02
C GLN D 335 -27.42 17.85 23.09
N ASP D 336 -27.58 18.25 21.84
CA ASP D 336 -28.34 17.43 20.89
C ASP D 336 -27.50 16.17 20.71
N LYS D 337 -28.12 15.03 20.40
CA LYS D 337 -27.36 13.77 20.26
C LYS D 337 -27.87 12.99 19.05
N ALA D 338 -27.05 12.10 18.50
CA ALA D 338 -27.46 11.19 17.44
C ALA D 338 -28.79 10.55 17.84
N GLY D 339 -29.73 10.53 16.90
CA GLY D 339 -31.04 9.93 17.14
C GLY D 339 -32.14 10.94 17.39
N ASP D 340 -31.77 12.17 17.72
CA ASP D 340 -32.75 13.21 17.99
C ASP D 340 -33.50 13.64 16.74
N PRO D 341 -34.80 13.98 16.89
CA PRO D 341 -35.68 14.42 15.80
C PRO D 341 -35.25 15.70 15.06
N VAL D 342 -35.39 15.66 13.74
CA VAL D 342 -35.09 16.84 12.92
C VAL D 342 -36.23 17.12 11.93
N ILE D 343 -36.63 18.38 11.83
CA ILE D 343 -37.54 18.74 10.77
C ILE D 343 -36.93 19.64 9.70
N LEU D 344 -37.01 19.17 8.47
CA LEU D 344 -36.63 19.97 7.31
C LEU D 344 -37.71 20.98 6.95
N TRP D 345 -38.97 20.61 7.16
CA TRP D 345 -40.07 21.53 6.97
C TRP D 345 -41.34 20.85 7.42
N GLY D 346 -42.25 21.65 7.96
CA GLY D 346 -43.50 21.12 8.45
C GLY D 346 -44.08 21.96 9.57
N GLU D 347 -44.25 21.36 10.75
CA GLU D 347 -44.87 22.04 11.89
C GLU D 347 -44.34 23.42 12.24
N GLY D 348 -43.13 23.52 12.79
CA GLY D 348 -42.66 24.85 13.13
C GLY D 348 -41.83 25.47 12.03
N LEU D 349 -42.04 25.00 10.80
CA LEU D 349 -41.27 25.49 9.67
C LEU D 349 -41.91 25.26 8.29
N PRO D 350 -42.78 26.18 7.85
CA PRO D 350 -43.48 26.08 6.54
C PRO D 350 -42.53 25.87 5.36
N VAL D 351 -42.95 25.05 4.41
CA VAL D 351 -42.13 24.79 3.24
C VAL D 351 -41.86 26.10 2.47
N GLU D 352 -42.74 27.09 2.67
CA GLU D 352 -42.60 28.41 2.01
C GLU D 352 -41.40 29.16 2.55
N ARG D 353 -41.05 28.91 3.81
CA ARG D 353 -39.90 29.57 4.43
C ARG D 353 -38.62 28.98 3.79
N ILE D 354 -38.66 27.67 3.57
CA ILE D 354 -37.53 26.97 2.97
C ILE D 354 -37.37 27.32 1.49
N LYS D 359 -34.45 29.53 -2.49
CA LYS D 359 -34.95 30.08 -3.76
C LYS D 359 -35.50 29.01 -4.70
N VAL D 360 -35.97 27.91 -4.11
CA VAL D 360 -36.55 26.80 -4.87
C VAL D 360 -38.06 26.89 -4.67
N SER D 361 -38.81 26.69 -5.76
CA SER D 361 -40.27 26.77 -5.69
C SER D 361 -40.87 25.74 -4.73
N ALA D 362 -41.83 26.15 -3.92
CA ALA D 362 -42.48 25.26 -2.97
C ALA D 362 -43.12 24.08 -3.72
N TYR D 363 -43.52 24.32 -4.98
CA TYR D 363 -44.14 23.30 -5.83
C TYR D 363 -43.16 22.15 -6.05
N GLU D 364 -41.91 22.53 -6.32
CA GLU D 364 -40.84 21.59 -6.59
C GLU D 364 -40.35 20.91 -5.31
N LEU D 365 -40.21 21.69 -4.25
CA LEU D 365 -39.74 21.17 -2.96
C LEU D 365 -40.57 19.98 -2.46
N ILE D 366 -41.89 20.15 -2.41
CA ILE D 366 -42.79 19.10 -1.93
C ILE D 366 -43.01 17.96 -2.93
N THR D 367 -42.83 18.25 -4.22
CA THR D 367 -43.02 17.24 -5.26
C THR D 367 -41.78 16.46 -5.73
N ARG D 368 -40.62 17.10 -5.88
CA ARG D 368 -39.47 16.34 -6.39
C ARG D 368 -38.69 15.58 -5.31
N LEU D 369 -39.38 14.62 -4.69
CA LEU D 369 -38.79 13.77 -3.65
C LEU D 369 -38.67 12.39 -4.27
N THR D 370 -37.70 11.61 -3.79
CA THR D 370 -37.45 10.27 -4.29
C THR D 370 -38.18 9.18 -3.49
N SER D 371 -38.14 7.95 -4.02
CA SER D 371 -38.79 6.80 -3.41
C SER D 371 -38.07 6.29 -2.15
N ARG D 372 -36.99 6.97 -1.79
CA ARG D 372 -36.19 6.63 -0.61
C ARG D 372 -36.88 7.12 0.65
N VAL D 373 -37.69 8.17 0.51
CA VAL D 373 -38.43 8.76 1.60
C VAL D 373 -39.63 7.92 2.00
N ALA D 374 -39.68 7.52 3.27
CA ALA D 374 -40.78 6.74 3.84
C ALA D 374 -42.03 7.62 3.93
N MET D 375 -43.20 6.98 3.99
CA MET D 375 -44.46 7.74 4.07
C MET D 375 -45.27 7.38 5.31
N LYS D 376 -45.47 8.31 6.23
CA LYS D 376 -46.43 8.16 7.30
C LYS D 376 -47.73 8.95 7.05
N TYR D 377 -48.80 8.49 7.68
CA TYR D 377 -50.09 9.16 7.62
C TYR D 377 -50.63 9.19 9.03
N VAL D 378 -51.01 10.39 9.48
CA VAL D 378 -51.54 10.58 10.82
C VAL D 378 -52.94 11.19 10.78
N ASP D 379 -53.76 10.81 11.77
CA ASP D 379 -55.13 11.28 11.88
C ASP D 379 -56.04 10.71 10.79
S SO4 E . 4.72 -3.07 21.33
O1 SO4 E . 4.32 -4.16 20.40
O2 SO4 E . 6.15 -3.24 21.76
O3 SO4 E . 4.51 -1.78 20.64
O4 SO4 E . 3.86 -3.19 22.53
S SO4 F . 24.10 14.92 2.87
O1 SO4 F . 24.50 13.98 3.86
O2 SO4 F . 25.26 15.67 2.60
O3 SO4 F . 23.67 14.25 1.67
O4 SO4 F . 23.01 15.75 3.27
N1 PLP G . 16.98 -6.25 0.08
C2 PLP G . 18.02 -6.34 -0.84
C2A PLP G . 17.85 -5.92 -2.27
C3 PLP G . 19.28 -6.74 -0.34
O3 PLP G . 20.33 -6.88 -1.31
C4 PLP G . 19.38 -6.98 1.05
C4A PLP G . 20.57 -7.73 1.56
C5 PLP G . 18.32 -6.82 1.96
C6 PLP G . 17.04 -6.48 1.43
C5A PLP G . 18.42 -6.76 3.53
O4P PLP G . 18.98 -5.51 4.20
P PLP G . 19.23 -5.27 5.59
O1P PLP G . 19.68 -3.82 5.78
O2P PLP G . 17.90 -5.62 6.19
O3P PLP G . 20.32 -6.26 6.14
S SO4 H . 26.34 -1.82 4.86
O1 SO4 H . 27.30 -2.87 4.71
O2 SO4 H . 26.13 -1.31 6.19
O3 SO4 H . 27.01 -0.84 4.06
O4 SO4 H . 25.11 -2.32 4.32
S SO4 I . 68.80 -16.90 -7.20
O1 SO4 I . 68.48 -18.10 -6.50
O2 SO4 I . 70.11 -16.48 -6.87
O3 SO4 I . 68.76 -17.02 -8.61
O4 SO4 I . 67.88 -15.90 -6.81
S SO4 J . 60.80 0.25 19.25
O1 SO4 J . 61.32 -0.93 19.85
O2 SO4 J . 61.36 1.34 19.98
O3 SO4 J . 61.19 0.36 17.89
O4 SO4 J . 59.37 0.21 19.40
N1 PLP K . 54.99 -20.65 13.30
C2 PLP K . 54.00 -20.41 14.28
C2A PLP K . 54.29 -20.65 15.75
C3 PLP K . 52.73 -19.81 13.83
O3 PLP K . 51.67 -19.73 14.79
C4 PLP K . 52.62 -19.47 12.46
C4A PLP K . 51.24 -19.41 11.88
C5 PLP K . 53.70 -19.65 11.53
C6 PLP K . 54.89 -20.31 11.97
C5A PLP K . 53.82 -19.18 10.06
O4P PLP K . 53.82 -17.70 9.91
P PLP K . 53.96 -16.81 8.72
O1P PLP K . 54.16 -15.38 9.18
O2P PLP K . 55.24 -17.24 8.07
O3P PLP K . 52.75 -16.90 7.70
S SO4 L . -6.01 2.97 -22.25
O1 SO4 L . -6.15 2.07 -21.08
O2 SO4 L . -4.58 3.23 -22.49
O3 SO4 L . -6.59 2.32 -23.46
O4 SO4 L . -6.72 4.24 -21.98
S SO4 M . -9.17 27.56 -1.37
O1 SO4 M . -8.97 26.18 -1.73
O2 SO4 M . -7.96 28.27 -1.68
O3 SO4 M . -10.26 28.13 -2.12
O4 SO4 M . -9.49 27.58 0.04
N1 PLP N . -17.71 6.86 -0.52
C2 PLP N . -18.60 7.35 0.41
C2A PLP N . -18.37 7.21 1.92
C3 PLP N . -19.75 8.02 -0.13
O3 PLP N . -20.84 8.23 0.72
C4 PLP N . -19.87 8.16 -1.53
C4A PLP N . -21.25 8.50 -2.01
C5 PLP N . -18.88 7.69 -2.44
C6 PLP N . -17.76 7.02 -1.90
C5A PLP N . -18.89 7.71 -3.98
O4P PLP N . -18.78 9.07 -4.52
P PLP N . -18.74 9.44 -6.00
O1P PLP N . -18.34 11.00 -6.25
O2P PLP N . -17.62 8.40 -6.62
O3P PLP N . -20.21 9.45 -6.64
S SO4 O . -45.65 42.28 -17.75
O1 SO4 O . -44.79 41.45 -16.94
O2 SO4 O . -44.94 43.52 -18.00
O3 SO4 O . -45.95 41.64 -19.00
O4 SO4 O . -46.93 42.55 -17.12
N1 PLP P . -55.23 22.63 -13.77
C2 PLP P . -54.30 22.19 -14.75
C2A PLP P . -54.73 22.12 -16.17
C3 PLP P . -53.01 21.77 -14.28
O3 PLP P . -52.32 21.03 -15.21
C4 PLP P . -52.70 21.83 -12.90
C4A PLP P . -51.37 21.29 -12.32
C5 PLP P . -53.68 22.28 -11.94
C6 PLP P . -55.00 22.68 -12.40
C5A PLP P . -53.53 22.36 -10.40
O4P PLP P . -53.48 23.70 -9.83
P PLP P . -52.27 24.22 -9.00
O1P PLP P . -51.24 25.05 -10.00
O2P PLP P . -53.24 25.10 -8.13
O3P PLP P . -51.28 23.26 -8.04
#